data_6AZG
# 
_entry.id   6AZG 
# 
_audit_conform.dict_name       mmcif_pdbx.dic 
_audit_conform.dict_version    5.391 
_audit_conform.dict_location   http://mmcif.pdb.org/dictionaries/ascii/mmcif_pdbx.dic 
# 
loop_
_database_2.database_id 
_database_2.database_code 
_database_2.pdbx_database_accession 
_database_2.pdbx_DOI 
PDB   6AZG         pdb_00006azg 10.2210/pdb6azg/pdb 
WWPDB D_1000230033 ?            ?                   
BMRB  30344        ?            10.13018/BMR30344   
# 
loop_
_pdbx_audit_revision_history.ordinal 
_pdbx_audit_revision_history.data_content_type 
_pdbx_audit_revision_history.major_revision 
_pdbx_audit_revision_history.minor_revision 
_pdbx_audit_revision_history.revision_date 
1 'Structure model' 1 0 2018-03-07 
2 'Structure model' 1 1 2018-11-28 
3 'Structure model' 1 2 2020-01-01 
4 'Structure model' 1 3 2024-05-01 
# 
_pdbx_audit_revision_details.ordinal             1 
_pdbx_audit_revision_details.revision_ordinal    1 
_pdbx_audit_revision_details.data_content_type   'Structure model' 
_pdbx_audit_revision_details.provider            repository 
_pdbx_audit_revision_details.type                'Initial release' 
_pdbx_audit_revision_details.description         ? 
_pdbx_audit_revision_details.details             ? 
# 
loop_
_pdbx_audit_revision_group.ordinal 
_pdbx_audit_revision_group.revision_ordinal 
_pdbx_audit_revision_group.data_content_type 
_pdbx_audit_revision_group.group 
1 2 'Structure model' 'Data collection'            
2 2 'Structure model' 'Database references'        
3 3 'Structure model' 'Author supporting evidence' 
4 3 'Structure model' 'Data collection'            
5 4 'Structure model' 'Data collection'            
6 4 'Structure model' 'Database references'        
# 
loop_
_pdbx_audit_revision_category.ordinal 
_pdbx_audit_revision_category.revision_ordinal 
_pdbx_audit_revision_category.data_content_type 
_pdbx_audit_revision_category.category 
1 2 'Structure model' citation              
2 2 'Structure model' citation_author       
3 3 'Structure model' pdbx_audit_support    
4 3 'Structure model' pdbx_nmr_software     
5 3 'Structure model' pdbx_nmr_spectrometer 
6 4 'Structure model' chem_comp_atom        
7 4 'Structure model' chem_comp_bond        
8 4 'Structure model' database_2            
# 
loop_
_pdbx_audit_revision_item.ordinal 
_pdbx_audit_revision_item.revision_ordinal 
_pdbx_audit_revision_item.data_content_type 
_pdbx_audit_revision_item.item 
1  2 'Structure model' '_citation.country'                        
2  2 'Structure model' '_citation.journal_id_ISSN'                
3  2 'Structure model' '_citation.pdbx_database_id_PubMed'        
4  2 'Structure model' '_citation.title'                          
5  2 'Structure model' '_citation_author.name'                    
6  3 'Structure model' '_pdbx_audit_support.funding_organization' 
7  3 'Structure model' '_pdbx_nmr_software.name'                  
8  3 'Structure model' '_pdbx_nmr_spectrometer.model'             
9  4 'Structure model' '_database_2.pdbx_DOI'                     
10 4 'Structure model' '_database_2.pdbx_database_accession'      
# 
_pdbx_database_status.status_code                     REL 
_pdbx_database_status.status_code_sf                  ? 
_pdbx_database_status.status_code_mr                  REL 
_pdbx_database_status.entry_id                        6AZG 
_pdbx_database_status.recvd_initial_deposition_date   2017-09-11 
_pdbx_database_status.SG_entry                        N 
_pdbx_database_status.deposit_site                    RCSB 
_pdbx_database_status.process_site                    RCSB 
_pdbx_database_status.status_code_cs                  REL 
_pdbx_database_status.methods_development_category    ? 
_pdbx_database_status.pdb_format_compatible           Y 
_pdbx_database_status.status_code_nmr_data            ? 
# 
loop_
_pdbx_database_related.db_name 
_pdbx_database_related.details 
_pdbx_database_related.db_id 
_pdbx_database_related.content_type 
PDB  'trans conformer of same molecule'            6AZF  unspecified 
BMRB 'PawL-Derived Peptide PLP-10 (cis conformer)' 30344 unspecified 
# 
loop_
_audit_author.name 
_audit_author.pdbx_ordinal 
_audit_author.identifier_ORCID 
'Fisher, M.'   1 0000-0002-6971-4285 
'Mylne, J.S.'  2 0000-0003-4957-6388 
'Howard, M.J.' 3 ?                   
# 
_citation.abstract                  ? 
_citation.abstract_id_CAS           ? 
_citation.book_id_ISBN              ? 
_citation.book_publisher            ? 
_citation.book_publisher_city       ? 
_citation.book_title                ? 
_citation.coordinate_linkage        ? 
_citation.country                   UK 
_citation.database_id_Medline       ? 
_citation.details                   ? 
_citation.id                        primary 
_citation.journal_abbrev            'Plant Direct' 
_citation.journal_id_ASTM           ? 
_citation.journal_id_CSD            ? 
_citation.journal_id_ISSN           2475-4455 
_citation.journal_full              ? 
_citation.journal_issue             ? 
_citation.journal_volume            2 
_citation.language                  ? 
_citation.page_first                ? 
_citation.page_last                 ? 
_citation.title                     'A family of small, cyclic peptides buried in preproalbumin since the Eocene epoch.' 
_citation.year                      2018 
_citation.database_id_CSD           ? 
_citation.pdbx_database_id_DOI      10.1002/pld3.42 
_citation.pdbx_database_id_PubMed   30417166 
_citation.unpublished_flag          ? 
# 
loop_
_citation_author.citation_id 
_citation_author.name 
_citation_author.ordinal 
_citation_author.identifier_ORCID 
primary 'Fisher, M.F.'   1  ? 
primary 'Zhang, J.'      2  ? 
primary 'Taylor, N.L.'   3  ? 
primary 'Howard, M.J.'   4  ? 
primary 'Berkowitz, O.'  5  ? 
primary 'Debowski, A.W.' 6  ? 
primary 'Behsaz, B.'     7  ? 
primary 'Whelan, J.'     8  ? 
primary 'Pevzner, P.A.'  9  ? 
primary 'Mylne, J.S.'    10 ? 
# 
_entity.id                         1 
_entity.type                       polymer 
_entity.src_method                 syn 
_entity.pdbx_description           GLY-SER-PRO-LEU-PHE-ASP 
_entity.formula_weight             634.679 
_entity.pdbx_number_of_molecules   1 
_entity.pdbx_ec                    ? 
_entity.pdbx_mutation              ? 
_entity.pdbx_fragment              ? 
_entity.details                    ? 
# 
_entity_poly.entity_id                      1 
_entity_poly.type                           'polypeptide(L)' 
_entity_poly.nstd_linkage                   no 
_entity_poly.nstd_monomer                   no 
_entity_poly.pdbx_seq_one_letter_code       GSPLFD 
_entity_poly.pdbx_seq_one_letter_code_can   GSPLFD 
_entity_poly.pdbx_strand_id                 A 
_entity_poly.pdbx_target_identifier         ? 
# 
loop_
_entity_poly_seq.entity_id 
_entity_poly_seq.num 
_entity_poly_seq.mon_id 
_entity_poly_seq.hetero 
1 1 GLY n 
1 2 SER n 
1 3 PRO n 
1 4 LEU n 
1 5 PHE n 
1 6 ASP n 
# 
_pdbx_entity_src_syn.entity_id              1 
_pdbx_entity_src_syn.pdbx_src_id            1 
_pdbx_entity_src_syn.pdbx_alt_source_flag   sample 
_pdbx_entity_src_syn.pdbx_beg_seq_num       1 
_pdbx_entity_src_syn.pdbx_end_seq_num       6 
_pdbx_entity_src_syn.organism_scientific    'Zinnia violacea' 
_pdbx_entity_src_syn.organism_common_name   ? 
_pdbx_entity_src_syn.ncbi_taxonomy_id       34245 
_pdbx_entity_src_syn.details                ? 
# 
loop_
_chem_comp.id 
_chem_comp.type 
_chem_comp.mon_nstd_flag 
_chem_comp.name 
_chem_comp.pdbx_synonyms 
_chem_comp.formula 
_chem_comp.formula_weight 
ASP 'L-peptide linking' y 'ASPARTIC ACID' ? 'C4 H7 N O4'  133.103 
GLY 'peptide linking'   y GLYCINE         ? 'C2 H5 N O2'  75.067  
LEU 'L-peptide linking' y LEUCINE         ? 'C6 H13 N O2' 131.173 
PHE 'L-peptide linking' y PHENYLALANINE   ? 'C9 H11 N O2' 165.189 
PRO 'L-peptide linking' y PROLINE         ? 'C5 H9 N O2'  115.130 
SER 'L-peptide linking' y SERINE          ? 'C3 H7 N O3'  105.093 
# 
loop_
_pdbx_poly_seq_scheme.asym_id 
_pdbx_poly_seq_scheme.entity_id 
_pdbx_poly_seq_scheme.seq_id 
_pdbx_poly_seq_scheme.mon_id 
_pdbx_poly_seq_scheme.ndb_seq_num 
_pdbx_poly_seq_scheme.pdb_seq_num 
_pdbx_poly_seq_scheme.auth_seq_num 
_pdbx_poly_seq_scheme.pdb_mon_id 
_pdbx_poly_seq_scheme.auth_mon_id 
_pdbx_poly_seq_scheme.pdb_strand_id 
_pdbx_poly_seq_scheme.pdb_ins_code 
_pdbx_poly_seq_scheme.hetero 
A 1 1 GLY 1 1 1 GLY GLY A . n 
A 1 2 SER 2 2 2 SER SER A . n 
A 1 3 PRO 3 3 3 PRO PRO A . n 
A 1 4 LEU 4 4 4 LEU LEU A . n 
A 1 5 PHE 5 5 5 PHE PHE A . n 
A 1 6 ASP 6 6 6 ASP ASP A . n 
# 
_exptl.absorpt_coefficient_mu     ? 
_exptl.absorpt_correction_T_max   ? 
_exptl.absorpt_correction_T_min   ? 
_exptl.absorpt_correction_type    ? 
_exptl.absorpt_process_details    ? 
_exptl.entry_id                   6AZG 
_exptl.crystals_number            ? 
_exptl.details                    ? 
_exptl.method                     'SOLUTION NMR' 
_exptl.method_details             ? 
# 
_struct.entry_id                     6AZG 
_struct.title                        'PawL-Derived Peptide PLP-10 (cis conformer)' 
_struct.pdbx_model_details           ? 
_struct.pdbx_formula_weight          ? 
_struct.pdbx_formula_weight_method   ? 
_struct.pdbx_model_type_details      ? 
_struct.pdbx_CASP_flag               N 
# 
_struct_keywords.entry_id        6AZG 
_struct_keywords.text            'orbitide, cyclic peptide, plant peptide, buried peptide, DE NOVO PROTEIN' 
_struct_keywords.pdbx_keywords   'DE NOVO PROTEIN' 
# 
_struct_asym.id                            A 
_struct_asym.pdbx_blank_PDB_chainid_flag   N 
_struct_asym.pdbx_modified                 N 
_struct_asym.entity_id                     1 
_struct_asym.details                       ? 
# 
_struct_ref.id                         1 
_struct_ref.db_name                    PDB 
_struct_ref.db_code                    6AZG 
_struct_ref.pdbx_db_accession          6AZG 
_struct_ref.pdbx_db_isoform            ? 
_struct_ref.entity_id                  1 
_struct_ref.pdbx_seq_one_letter_code   ? 
_struct_ref.pdbx_align_begin           1 
# 
_struct_ref_seq.align_id                      1 
_struct_ref_seq.ref_id                        1 
_struct_ref_seq.pdbx_PDB_id_code              6AZG 
_struct_ref_seq.pdbx_strand_id                A 
_struct_ref_seq.seq_align_beg                 1 
_struct_ref_seq.pdbx_seq_align_beg_ins_code   ? 
_struct_ref_seq.seq_align_end                 6 
_struct_ref_seq.pdbx_seq_align_end_ins_code   ? 
_struct_ref_seq.pdbx_db_accession             6AZG 
_struct_ref_seq.db_align_beg                  1 
_struct_ref_seq.pdbx_db_align_beg_ins_code    ? 
_struct_ref_seq.db_align_end                  6 
_struct_ref_seq.pdbx_db_align_end_ins_code    ? 
_struct_ref_seq.pdbx_auth_seq_align_beg       1 
_struct_ref_seq.pdbx_auth_seq_align_end       6 
# 
_pdbx_struct_assembly.id                   1 
_pdbx_struct_assembly.details              author_defined_assembly 
_pdbx_struct_assembly.method_details       ? 
_pdbx_struct_assembly.oligomeric_details   monomeric 
_pdbx_struct_assembly.oligomeric_count     1 
# 
loop_
_pdbx_struct_assembly_prop.biol_id 
_pdbx_struct_assembly_prop.type 
_pdbx_struct_assembly_prop.value 
_pdbx_struct_assembly_prop.details 
1 'ABSA (A^2)' 0   ? 
1 MORE         0   ? 
1 'SSA (A^2)'  760 ? 
# 
_pdbx_struct_assembly_gen.assembly_id       1 
_pdbx_struct_assembly_gen.oper_expression   1 
_pdbx_struct_assembly_gen.asym_id_list      A 
# 
_pdbx_struct_assembly_auth_evidence.id                     1 
_pdbx_struct_assembly_auth_evidence.assembly_id            1 
_pdbx_struct_assembly_auth_evidence.experimental_support   'mass spectrometry' 
_pdbx_struct_assembly_auth_evidence.details                ? 
# 
_pdbx_struct_oper_list.id                   1 
_pdbx_struct_oper_list.type                 'identity operation' 
_pdbx_struct_oper_list.name                 1_555 
_pdbx_struct_oper_list.symmetry_operation   ? 
_pdbx_struct_oper_list.matrix[1][1]         1.0000000000 
_pdbx_struct_oper_list.matrix[1][2]         0.0000000000 
_pdbx_struct_oper_list.matrix[1][3]         0.0000000000 
_pdbx_struct_oper_list.vector[1]            0.0000000000 
_pdbx_struct_oper_list.matrix[2][1]         0.0000000000 
_pdbx_struct_oper_list.matrix[2][2]         1.0000000000 
_pdbx_struct_oper_list.matrix[2][3]         0.0000000000 
_pdbx_struct_oper_list.vector[2]            0.0000000000 
_pdbx_struct_oper_list.matrix[3][1]         0.0000000000 
_pdbx_struct_oper_list.matrix[3][2]         0.0000000000 
_pdbx_struct_oper_list.matrix[3][3]         1.0000000000 
_pdbx_struct_oper_list.vector[3]            0.0000000000 
# 
loop_
_pdbx_validate_close_contact.id 
_pdbx_validate_close_contact.PDB_model_num 
_pdbx_validate_close_contact.auth_atom_id_1 
_pdbx_validate_close_contact.auth_asym_id_1 
_pdbx_validate_close_contact.auth_comp_id_1 
_pdbx_validate_close_contact.auth_seq_id_1 
_pdbx_validate_close_contact.PDB_ins_code_1 
_pdbx_validate_close_contact.label_alt_id_1 
_pdbx_validate_close_contact.auth_atom_id_2 
_pdbx_validate_close_contact.auth_asym_id_2 
_pdbx_validate_close_contact.auth_comp_id_2 
_pdbx_validate_close_contact.auth_seq_id_2 
_pdbx_validate_close_contact.PDB_ins_code_2 
_pdbx_validate_close_contact.label_alt_id_2 
_pdbx_validate_close_contact.dist 
1  1  N A GLY 1 ? ? C A ASP 6 ? ? 1.33 
2  2  N A GLY 1 ? ? C A ASP 6 ? ? 1.32 
3  3  N A GLY 1 ? ? C A ASP 6 ? ? 1.32 
4  4  N A GLY 1 ? ? C A ASP 6 ? ? 1.32 
5  5  N A GLY 1 ? ? C A ASP 6 ? ? 1.34 
6  6  N A GLY 1 ? ? C A ASP 6 ? ? 1.34 
7  7  N A GLY 1 ? ? C A ASP 6 ? ? 1.33 
8  8  N A GLY 1 ? ? C A ASP 6 ? ? 1.32 
9  9  N A GLY 1 ? ? C A ASP 6 ? ? 1.34 
10 10 N A GLY 1 ? ? C A ASP 6 ? ? 1.32 
11 11 N A GLY 1 ? ? C A ASP 6 ? ? 1.32 
12 12 N A GLY 1 ? ? C A ASP 6 ? ? 1.34 
13 13 N A GLY 1 ? ? C A ASP 6 ? ? 1.33 
14 14 N A GLY 1 ? ? C A ASP 6 ? ? 1.32 
15 15 N A GLY 1 ? ? C A ASP 6 ? ? 1.34 
16 16 N A GLY 1 ? ? C A ASP 6 ? ? 1.32 
17 16 N A GLY 1 ? ? O A ASP 6 ? ? 2.19 
18 17 N A GLY 1 ? ? C A ASP 6 ? ? 1.31 
19 18 N A GLY 1 ? ? C A ASP 6 ? ? 1.34 
20 19 N A GLY 1 ? ? C A ASP 6 ? ? 1.33 
21 20 N A GLY 1 ? ? C A ASP 6 ? ? 1.33 
# 
loop_
_pdbx_validate_torsion.id 
_pdbx_validate_torsion.PDB_model_num 
_pdbx_validate_torsion.auth_comp_id 
_pdbx_validate_torsion.auth_asym_id 
_pdbx_validate_torsion.auth_seq_id 
_pdbx_validate_torsion.PDB_ins_code 
_pdbx_validate_torsion.label_alt_id 
_pdbx_validate_torsion.phi 
_pdbx_validate_torsion.psi 
1 1  PHE A 5 ? ? -144.91 33.01   
2 3  LEU A 4 ? ? 56.21   -116.18 
3 4  PRO A 3 ? ? -65.41  -176.18 
4 11 LEU A 4 ? ? 60.67   -112.24 
5 14 LEU A 4 ? ? 74.77   -41.08  
6 17 LEU A 4 ? ? 53.37   -110.39 
7 19 PHE A 5 ? ? 62.40   122.19  
8 20 PRO A 3 ? ? -69.04  -165.61 
# 
_pdbx_nmr_ensemble.entry_id                                      6AZG 
_pdbx_nmr_ensemble.conformers_calculated_total_number            50 
_pdbx_nmr_ensemble.conformers_submitted_total_number             20 
_pdbx_nmr_ensemble.conformer_selection_criteria                  'structures with the lowest energy' 
_pdbx_nmr_ensemble.representative_conformer                      ? 
_pdbx_nmr_ensemble.average_constraints_per_residue               ? 
_pdbx_nmr_ensemble.average_constraint_violations_per_residue     ? 
_pdbx_nmr_ensemble.maximum_distance_constraint_violation         ? 
_pdbx_nmr_ensemble.average_distance_constraint_violation         ? 
_pdbx_nmr_ensemble.maximum_upper_distance_constraint_violation   ? 
_pdbx_nmr_ensemble.maximum_lower_distance_constraint_violation   ? 
_pdbx_nmr_ensemble.distance_constraint_violation_method          ? 
_pdbx_nmr_ensemble.maximum_torsion_angle_constraint_violation    ? 
_pdbx_nmr_ensemble.average_torsion_angle_constraint_violation    ? 
_pdbx_nmr_ensemble.torsion_angle_constraint_violation_method     ? 
# 
_pdbx_nmr_representative.entry_id             6AZG 
_pdbx_nmr_representative.conformer_id         1 
_pdbx_nmr_representative.selection_criteria   'closest to the average' 
# 
_pdbx_nmr_sample_details.solution_id      1 
_pdbx_nmr_sample_details.contents         '1.0 mg/mL PLP-10, 90% H2O/10% D2O' 
_pdbx_nmr_sample_details.solvent_system   '90% H2O/10% D2O' 
_pdbx_nmr_sample_details.label            PLP-10-cis 
_pdbx_nmr_sample_details.type             solution 
_pdbx_nmr_sample_details.details          ? 
# 
_pdbx_nmr_exptl_sample.solution_id           1 
_pdbx_nmr_exptl_sample.component             PLP-10 
_pdbx_nmr_exptl_sample.concentration         1.0 
_pdbx_nmr_exptl_sample.concentration_range   ? 
_pdbx_nmr_exptl_sample.concentration_units   mg/mL 
_pdbx_nmr_exptl_sample.isotopic_labeling     'natural abundance' 
# 
_pdbx_nmr_exptl_sample_conditions.conditions_id          1 
_pdbx_nmr_exptl_sample_conditions.temperature            298 
_pdbx_nmr_exptl_sample_conditions.pressure_units         atm 
_pdbx_nmr_exptl_sample_conditions.pressure               1 
_pdbx_nmr_exptl_sample_conditions.pH                     4.5 
_pdbx_nmr_exptl_sample_conditions.ionic_strength         1.5 
_pdbx_nmr_exptl_sample_conditions.details                ? 
_pdbx_nmr_exptl_sample_conditions.ionic_strength_err     0.3 
_pdbx_nmr_exptl_sample_conditions.ionic_strength_units   mM 
_pdbx_nmr_exptl_sample_conditions.label                  PLP-10-cis 
_pdbx_nmr_exptl_sample_conditions.pH_err                 0.5 
_pdbx_nmr_exptl_sample_conditions.pH_units               pH 
_pdbx_nmr_exptl_sample_conditions.pressure_err           ? 
_pdbx_nmr_exptl_sample_conditions.temperature_err        ? 
_pdbx_nmr_exptl_sample_conditions.temperature_units      K 
# 
loop_
_pdbx_nmr_exptl.experiment_id 
_pdbx_nmr_exptl.conditions_id 
_pdbx_nmr_exptl.solution_id 
_pdbx_nmr_exptl.type 
_pdbx_nmr_exptl.spectrometer_id 
_pdbx_nmr_exptl.sample_state 
1 1 1 '2D 1H-13C HSQC'    1 isotropic 
2 1 1 '2D 1H-1H TOCSY 80' 1 isotropic 
3 1 1 '2D 1H-1H TOCSY 20' 1 isotropic 
4 1 1 '2D DQF-COSY'       1 isotropic 
5 1 1 '2D 1H-1H ROESY'    1 isotropic 
# 
_pdbx_nmr_refine.entry_id           6AZG 
_pdbx_nmr_refine.method             'simulated annealing' 
_pdbx_nmr_refine.details            ? 
_pdbx_nmr_refine.software_ordinal   1 
# 
loop_
_pdbx_nmr_software.ordinal 
_pdbx_nmr_software.classification 
_pdbx_nmr_software.name 
_pdbx_nmr_software.version 
_pdbx_nmr_software.authors 
1 refinement              YASARA  16.7.22 'Elmar Krieger'  
2 'structure calculation' YASARA  16.7.22 'Elmar Krieger'  
3 'data analysis'         CcpNMR  2.4.2   CCPN             
4 collection              TopSpin 3.5     'Bruker Biospin' 
# 
loop_
_chem_comp_atom.comp_id 
_chem_comp_atom.atom_id 
_chem_comp_atom.type_symbol 
_chem_comp_atom.pdbx_aromatic_flag 
_chem_comp_atom.pdbx_stereo_config 
_chem_comp_atom.pdbx_ordinal 
ASP N    N N N 1   
ASP CA   C N S 2   
ASP C    C N N 3   
ASP O    O N N 4   
ASP CB   C N N 5   
ASP CG   C N N 6   
ASP OD1  O N N 7   
ASP OD2  O N N 8   
ASP OXT  O N N 9   
ASP H    H N N 10  
ASP H2   H N N 11  
ASP HA   H N N 12  
ASP HB2  H N N 13  
ASP HB3  H N N 14  
ASP HD2  H N N 15  
ASP HXT  H N N 16  
GLY N    N N N 17  
GLY CA   C N N 18  
GLY C    C N N 19  
GLY O    O N N 20  
GLY OXT  O N N 21  
GLY H    H N N 22  
GLY H2   H N N 23  
GLY HA2  H N N 24  
GLY HA3  H N N 25  
GLY HXT  H N N 26  
LEU N    N N N 27  
LEU CA   C N S 28  
LEU C    C N N 29  
LEU O    O N N 30  
LEU CB   C N N 31  
LEU CG   C N N 32  
LEU CD1  C N N 33  
LEU CD2  C N N 34  
LEU OXT  O N N 35  
LEU H    H N N 36  
LEU H2   H N N 37  
LEU HA   H N N 38  
LEU HB2  H N N 39  
LEU HB3  H N N 40  
LEU HG   H N N 41  
LEU HD11 H N N 42  
LEU HD12 H N N 43  
LEU HD13 H N N 44  
LEU HD21 H N N 45  
LEU HD22 H N N 46  
LEU HD23 H N N 47  
LEU HXT  H N N 48  
PHE N    N N N 49  
PHE CA   C N S 50  
PHE C    C N N 51  
PHE O    O N N 52  
PHE CB   C N N 53  
PHE CG   C Y N 54  
PHE CD1  C Y N 55  
PHE CD2  C Y N 56  
PHE CE1  C Y N 57  
PHE CE2  C Y N 58  
PHE CZ   C Y N 59  
PHE OXT  O N N 60  
PHE H    H N N 61  
PHE H2   H N N 62  
PHE HA   H N N 63  
PHE HB2  H N N 64  
PHE HB3  H N N 65  
PHE HD1  H N N 66  
PHE HD2  H N N 67  
PHE HE1  H N N 68  
PHE HE2  H N N 69  
PHE HZ   H N N 70  
PHE HXT  H N N 71  
PRO N    N N N 72  
PRO CA   C N S 73  
PRO C    C N N 74  
PRO O    O N N 75  
PRO CB   C N N 76  
PRO CG   C N N 77  
PRO CD   C N N 78  
PRO OXT  O N N 79  
PRO H    H N N 80  
PRO HA   H N N 81  
PRO HB2  H N N 82  
PRO HB3  H N N 83  
PRO HG2  H N N 84  
PRO HG3  H N N 85  
PRO HD2  H N N 86  
PRO HD3  H N N 87  
PRO HXT  H N N 88  
SER N    N N N 89  
SER CA   C N S 90  
SER C    C N N 91  
SER O    O N N 92  
SER CB   C N N 93  
SER OG   O N N 94  
SER OXT  O N N 95  
SER H    H N N 96  
SER H2   H N N 97  
SER HA   H N N 98  
SER HB2  H N N 99  
SER HB3  H N N 100 
SER HG   H N N 101 
SER HXT  H N N 102 
# 
loop_
_chem_comp_bond.comp_id 
_chem_comp_bond.atom_id_1 
_chem_comp_bond.atom_id_2 
_chem_comp_bond.value_order 
_chem_comp_bond.pdbx_aromatic_flag 
_chem_comp_bond.pdbx_stereo_config 
_chem_comp_bond.pdbx_ordinal 
ASP N   CA   sing N N 1  
ASP N   H    sing N N 2  
ASP N   H2   sing N N 3  
ASP CA  C    sing N N 4  
ASP CA  CB   sing N N 5  
ASP CA  HA   sing N N 6  
ASP C   O    doub N N 7  
ASP C   OXT  sing N N 8  
ASP CB  CG   sing N N 9  
ASP CB  HB2  sing N N 10 
ASP CB  HB3  sing N N 11 
ASP CG  OD1  doub N N 12 
ASP CG  OD2  sing N N 13 
ASP OD2 HD2  sing N N 14 
ASP OXT HXT  sing N N 15 
GLY N   CA   sing N N 16 
GLY N   H    sing N N 17 
GLY N   H2   sing N N 18 
GLY CA  C    sing N N 19 
GLY CA  HA2  sing N N 20 
GLY CA  HA3  sing N N 21 
GLY C   O    doub N N 22 
GLY C   OXT  sing N N 23 
GLY OXT HXT  sing N N 24 
LEU N   CA   sing N N 25 
LEU N   H    sing N N 26 
LEU N   H2   sing N N 27 
LEU CA  C    sing N N 28 
LEU CA  CB   sing N N 29 
LEU CA  HA   sing N N 30 
LEU C   O    doub N N 31 
LEU C   OXT  sing N N 32 
LEU CB  CG   sing N N 33 
LEU CB  HB2  sing N N 34 
LEU CB  HB3  sing N N 35 
LEU CG  CD1  sing N N 36 
LEU CG  CD2  sing N N 37 
LEU CG  HG   sing N N 38 
LEU CD1 HD11 sing N N 39 
LEU CD1 HD12 sing N N 40 
LEU CD1 HD13 sing N N 41 
LEU CD2 HD21 sing N N 42 
LEU CD2 HD22 sing N N 43 
LEU CD2 HD23 sing N N 44 
LEU OXT HXT  sing N N 45 
PHE N   CA   sing N N 46 
PHE N   H    sing N N 47 
PHE N   H2   sing N N 48 
PHE CA  C    sing N N 49 
PHE CA  CB   sing N N 50 
PHE CA  HA   sing N N 51 
PHE C   O    doub N N 52 
PHE C   OXT  sing N N 53 
PHE CB  CG   sing N N 54 
PHE CB  HB2  sing N N 55 
PHE CB  HB3  sing N N 56 
PHE CG  CD1  doub Y N 57 
PHE CG  CD2  sing Y N 58 
PHE CD1 CE1  sing Y N 59 
PHE CD1 HD1  sing N N 60 
PHE CD2 CE2  doub Y N 61 
PHE CD2 HD2  sing N N 62 
PHE CE1 CZ   doub Y N 63 
PHE CE1 HE1  sing N N 64 
PHE CE2 CZ   sing Y N 65 
PHE CE2 HE2  sing N N 66 
PHE CZ  HZ   sing N N 67 
PHE OXT HXT  sing N N 68 
PRO N   CA   sing N N 69 
PRO N   CD   sing N N 70 
PRO N   H    sing N N 71 
PRO CA  C    sing N N 72 
PRO CA  CB   sing N N 73 
PRO CA  HA   sing N N 74 
PRO C   O    doub N N 75 
PRO C   OXT  sing N N 76 
PRO CB  CG   sing N N 77 
PRO CB  HB2  sing N N 78 
PRO CB  HB3  sing N N 79 
PRO CG  CD   sing N N 80 
PRO CG  HG2  sing N N 81 
PRO CG  HG3  sing N N 82 
PRO CD  HD2  sing N N 83 
PRO CD  HD3  sing N N 84 
PRO OXT HXT  sing N N 85 
SER N   CA   sing N N 86 
SER N   H    sing N N 87 
SER N   H2   sing N N 88 
SER CA  C    sing N N 89 
SER CA  CB   sing N N 90 
SER CA  HA   sing N N 91 
SER C   O    doub N N 92 
SER C   OXT  sing N N 93 
SER CB  OG   sing N N 94 
SER CB  HB2  sing N N 95 
SER CB  HB3  sing N N 96 
SER OG  HG   sing N N 97 
SER OXT HXT  sing N N 98 
# 
_pdbx_audit_support.funding_organization   'Australian Research Council (ARC)' 
_pdbx_audit_support.country                Australia 
_pdbx_audit_support.grant_number           DP130101191 
_pdbx_audit_support.ordinal                1 
# 
_pdbx_nmr_spectrometer.spectrometer_id   1 
_pdbx_nmr_spectrometer.model             'AVANCE III' 
_pdbx_nmr_spectrometer.type              ? 
_pdbx_nmr_spectrometer.manufacturer      Bruker 
_pdbx_nmr_spectrometer.field_strength    600 
_pdbx_nmr_spectrometer.details           ? 
# 
_atom_sites.entry_id                    6AZG 
_atom_sites.fract_transf_matrix[1][1]   1.000000 
_atom_sites.fract_transf_matrix[1][2]   0.000000 
_atom_sites.fract_transf_matrix[1][3]   0.000000 
_atom_sites.fract_transf_matrix[2][1]   0.000000 
_atom_sites.fract_transf_matrix[2][2]   1.000000 
_atom_sites.fract_transf_matrix[2][3]   0.000000 
_atom_sites.fract_transf_matrix[3][1]   0.000000 
_atom_sites.fract_transf_matrix[3][2]   0.000000 
_atom_sites.fract_transf_matrix[3][3]   1.000000 
_atom_sites.fract_transf_vector[1]      0.00000 
_atom_sites.fract_transf_vector[2]      0.00000 
_atom_sites.fract_transf_vector[3]      0.00000 
# 
loop_
_atom_type.symbol 
C 
H 
N 
O 
# 
loop_
_atom_site.group_PDB 
_atom_site.id 
_atom_site.type_symbol 
_atom_site.label_atom_id 
_atom_site.label_alt_id 
_atom_site.label_comp_id 
_atom_site.label_asym_id 
_atom_site.label_entity_id 
_atom_site.label_seq_id 
_atom_site.pdbx_PDB_ins_code 
_atom_site.Cartn_x 
_atom_site.Cartn_y 
_atom_site.Cartn_z 
_atom_site.occupancy 
_atom_site.B_iso_or_equiv 
_atom_site.pdbx_formal_charge 
_atom_site.auth_seq_id 
_atom_site.auth_comp_id 
_atom_site.auth_asym_id 
_atom_site.auth_atom_id 
_atom_site.pdbx_PDB_model_num 
ATOM 1    N N    . GLY A 1 1 ? 0.525  3.293  -1.100 1.00 0.00 ? 1 GLY A N    1  
ATOM 2    C CA   . GLY A 1 1 ? -0.035 4.254  -0.147 1.00 0.00 ? 1 GLY A CA   1  
ATOM 3    C C    . GLY A 1 1 ? -0.471 3.460  1.078  1.00 0.00 ? 1 GLY A C    1  
ATOM 4    O O    . GLY A 1 1 ? -1.110 3.949  2.025  1.00 0.00 ? 1 GLY A O    1  
ATOM 5    H H1   . GLY A 1 1 ? 1.543  3.118  -1.125 1.00 0.00 ? 1 GLY A H1   1  
ATOM 6    H HA2  . GLY A 1 1 ? 0.726  4.991  0.116  1.00 0.00 ? 1 GLY A HA2  1  
ATOM 7    H HA3  . GLY A 1 1 ? -0.923 4.760  -0.544 1.00 0.00 ? 1 GLY A HA3  1  
ATOM 8    N N    . SER A 1 2 ? -0.099 2.182  1.055  1.00 0.00 ? 2 SER A N    1  
ATOM 9    C CA   . SER A 1 2 ? -0.370 1.249  2.137  1.00 0.00 ? 2 SER A CA   1  
ATOM 10   C C    . SER A 1 2 ? 0.665  0.162  1.862  1.00 0.00 ? 2 SER A C    1  
ATOM 11   O O    . SER A 1 2 ? 1.146  0.099  0.744  1.00 0.00 ? 2 SER A O    1  
ATOM 12   C CB   . SER A 1 2 ? -1.769 0.674  1.995  1.00 0.00 ? 2 SER A CB   1  
ATOM 13   O OG   . SER A 1 2 ? -1.798 -0.074 0.797  1.00 0.00 ? 2 SER A OG   1  
ATOM 14   H H    . SER A 1 2 ? 0.412  1.809  0.263  1.00 0.00 ? 2 SER A H    1  
ATOM 15   H HA   . SER A 1 2 ? -0.223 1.721  3.117  1.00 0.00 ? 2 SER A HA   1  
ATOM 16   H HB2  . SER A 1 2 ? -1.999 0.016  2.830  1.00 0.00 ? 2 SER A HB2  1  
ATOM 17   H HB3  . SER A 1 2 ? -2.499 1.490  1.979  1.00 0.00 ? 2 SER A HB3  1  
ATOM 18   H HG   . SER A 1 2 ? -2.680 0.017  0.384  1.00 0.00 ? 2 SER A HG   1  
ATOM 19   N N    . PRO A 1 3 ? 0.992  -0.694 2.850  1.00 0.00 ? 3 PRO A N    1  
ATOM 20   C CA   . PRO A 1 3 ? 1.952  -1.741 2.479  1.00 0.00 ? 3 PRO A CA   1  
ATOM 21   C C    . PRO A 1 3 ? 1.488  -2.716 1.386  1.00 0.00 ? 3 PRO A C    1  
ATOM 22   O O    . PRO A 1 3 ? 2.285  -3.419 0.816  1.00 0.00 ? 3 PRO A O    1  
ATOM 23   C CB   . PRO A 1 3 ? 2.123  -2.527 3.801  1.00 0.00 ? 3 PRO A CB   1  
ATOM 24   C CG   . PRO A 1 3 ? 1.709  -1.581 4.882  1.00 0.00 ? 3 PRO A CG   1  
ATOM 25   C CD   . PRO A 1 3 ? 0.612  -0.793 4.259  1.00 0.00 ? 3 PRO A CD   1  
ATOM 26   H HA   . PRO A 1 3 ? 2.886  -1.281 2.204  1.00 0.00 ? 3 PRO A HA   1  
ATOM 27   H HB2  . PRO A 1 3 ? 1.471  -3.388 3.809  1.00 0.00 ? 3 PRO A HB2  1  
ATOM 28   H HB3  . PRO A 1 3 ? 3.181  -2.821 3.928  1.00 0.00 ? 3 PRO A HB3  1  
ATOM 29   H HG2  . PRO A 1 3 ? 1.354  -2.118 5.767  1.00 0.00 ? 3 PRO A HG2  1  
ATOM 30   H HG3  . PRO A 1 3 ? 2.520  -0.898 5.166  1.00 0.00 ? 3 PRO A HG3  1  
ATOM 31   H HD2  . PRO A 1 3 ? -0.353 -1.307 4.336  1.00 0.00 ? 3 PRO A HD2  1  
ATOM 32   H HD3  . PRO A 1 3 ? 0.534  0.173  4.723  1.00 0.00 ? 3 PRO A HD3  1  
ATOM 33   N N    . LEU A 1 4 ? 0.185  -2.791 1.111  1.00 0.00 ? 4 LEU A N    1  
ATOM 34   C CA   . LEU A 1 4 ? -0.348 -3.783 0.176  1.00 0.00 ? 4 LEU A CA   1  
ATOM 35   C C    . LEU A 1 4 ? -0.873 -3.292 -1.189 1.00 0.00 ? 4 LEU A C    1  
ATOM 36   O O    . LEU A 1 4 ? -0.940 -4.076 -2.121 1.00 0.00 ? 4 LEU A O    1  
ATOM 37   C CB   . LEU A 1 4 ? -1.478 -4.591 0.871  1.00 0.00 ? 4 LEU A CB   1  
ATOM 38   C CG   . LEU A 1 4 ? -1.145 -5.347 2.192  1.00 0.00 ? 4 LEU A CG   1  
ATOM 39   C CD1  . LEU A 1 4 ? -2.374 -6.093 2.720  1.00 0.00 ? 4 LEU A CD1  1  
ATOM 40   C CD2  . LEU A 1 4 ? 0.011  -6.339 1.991  1.00 0.00 ? 4 LEU A CD2  1  
ATOM 41   H H    . LEU A 1 4 ? -0.482 -2.151 1.581  1.00 0.00 ? 4 LEU A H    1  
ATOM 42   H HA   . LEU A 1 4 ? 0.456  -4.479 -0.059 1.00 0.00 ? 4 LEU A HA   1  
ATOM 43   H HB2  . LEU A 1 4 ? -2.289 -3.894 1.095  1.00 0.00 ? 4 LEU A HB2  1  
ATOM 44   H HB3  . LEU A 1 4 ? -1.855 -5.309 0.147  1.00 0.00 ? 4 LEU A HB3  1  
ATOM 45   H HG   . LEU A 1 4 ? -0.839 -4.608 2.919  1.00 0.00 ? 4 LEU A HG   1  
ATOM 46   H HD11 . LEU A 1 4 ? -2.076 -6.683 3.610  1.00 0.00 ? 4 LEU A HD11 1  
ATOM 47   H HD12 . LEU A 1 4 ? -2.767 -6.738 1.956  1.00 0.00 ? 4 LEU A HD12 1  
ATOM 48   H HD13 . LEU A 1 4 ? -3.143 -5.387 3.007  1.00 0.00 ? 4 LEU A HD13 1  
ATOM 49   H HD21 . LEU A 1 4 ? 0.963  -5.782 1.932  1.00 0.00 ? 4 LEU A HD21 1  
ATOM 50   H HD22 . LEU A 1 4 ? -0.133 -6.887 1.085  1.00 0.00 ? 4 LEU A HD22 1  
ATOM 51   H HD23 . LEU A 1 4 ? 0.085  -7.028 2.833  1.00 0.00 ? 4 LEU A HD23 1  
ATOM 52   N N    . PHE A 1 5 ? -1.247 -2.026 -1.329 1.00 0.00 ? 5 PHE A N    1  
ATOM 53   C CA   . PHE A 1 5 ? -1.861 -1.547 -2.603 1.00 0.00 ? 5 PHE A CA   1  
ATOM 54   C C    . PHE A 1 5 ? -1.467 -0.113 -2.951 1.00 0.00 ? 5 PHE A C    1  
ATOM 55   O O    . PHE A 1 5 ? -2.254 0.626  -3.524 1.00 0.00 ? 5 PHE A O    1  
ATOM 56   C CB   . PHE A 1 5 ? -3.405 -1.638 -2.498 1.00 0.00 ? 5 PHE A CB   1  
ATOM 57   C CG   . PHE A 1 5 ? -3.988 -1.016 -1.259 1.00 0.00 ? 5 PHE A CG   1  
ATOM 58   C CD1  . PHE A 1 5 ? -4.300 0.389  -1.166 1.00 0.00 ? 5 PHE A CD1  1  
ATOM 59   C CD2  . PHE A 1 5 ? -4.238 -1.805 -0.149 1.00 0.00 ? 5 PHE A CD2  1  
ATOM 60   C CE1  . PHE A 1 5 ? -4.838 0.961  0.008  1.00 0.00 ? 5 PHE A CE1  1  
ATOM 61   C CE2  . PHE A 1 5 ? -4.794 -1.245 1.075  1.00 0.00 ? 5 PHE A CE2  1  
ATOM 62   C CZ   . PHE A 1 5 ? -5.084 0.138  1.114  1.00 0.00 ? 5 PHE A CZ   1  
ATOM 63   H H    . PHE A 1 5 ? -1.117 -1.380 -0.610 1.00 0.00 ? 5 PHE A H    1  
ATOM 64   H HA   . PHE A 1 5 ? -1.564 -2.219 -3.450 1.00 0.00 ? 5 PHE A HA   1  
ATOM 65   H HB2  . PHE A 1 5 ? -3.871 -1.161 -3.367 1.00 0.00 ? 5 PHE A HB2  1  
ATOM 66   H HB3  . PHE A 1 5 ? -3.661 -2.693 -2.521 1.00 0.00 ? 5 PHE A HB3  1  
ATOM 67   H HD1  . PHE A 1 5 ? -4.118 1.010  -1.987 1.00 0.00 ? 5 PHE A HD1  1  
ATOM 68   H HD2  . PHE A 1 5 ? -4.006 -2.860 -0.190 1.00 0.00 ? 5 PHE A HD2  1  
ATOM 69   H HE1  . PHE A 1 5 ? -5.052 2.018  0.056  1.00 0.00 ? 5 PHE A HE1  1  
ATOM 70   H HE2  . PHE A 1 5 ? -4.996 -1.850 1.940  1.00 0.00 ? 5 PHE A HE2  1  
ATOM 71   H HZ   . PHE A 1 5 ? -5.505 0.544  2.023  1.00 0.00 ? 5 PHE A HZ   1  
ATOM 72   N N    . ASP A 1 6 ? -0.251 0.232  -2.577 1.00 0.00 ? 6 ASP A N    1  
ATOM 73   C CA   . ASP A 1 6 ? 0.351  1.567  -2.805 1.00 0.00 ? 6 ASP A CA   1  
ATOM 74   C C    . ASP A 1 6 ? -0.281 2.653  -1.946 1.00 0.00 ? 6 ASP A C    1  
ATOM 75   O O    . ASP A 1 6 ? -1.514 2.884  -2.024 1.00 0.00 ? 6 ASP A O    1  
ATOM 76   C CB   . ASP A 1 6 ? 0.405  1.970  -4.286 1.00 0.00 ? 6 ASP A CB   1  
ATOM 77   C CG   . ASP A 1 6 ? 1.684  1.455  -5.010 1.00 0.00 ? 6 ASP A CG   1  
ATOM 78   O OD1  . ASP A 1 6 ? 2.810  1.704  -4.513 1.00 0.00 ? 6 ASP A OD1  1  
ATOM 79   O OD2  . ASP A 1 6 ? 1.552  0.790  -6.055 1.00 0.00 ? 6 ASP A OD2  1  
ATOM 80   H H    . ASP A 1 6 ? 0.312  -0.444 -2.126 1.00 0.00 ? 6 ASP A H    1  
ATOM 81   H HA   . ASP A 1 6 ? 1.368  1.505  -2.472 1.00 0.00 ? 6 ASP A HA   1  
ATOM 82   H HB2  . ASP A 1 6 ? -0.446 1.556  -4.822 1.00 0.00 ? 6 ASP A HB2  1  
ATOM 83   H HB3  . ASP A 1 6 ? 0.339  3.067  -4.361 1.00 0.00 ? 6 ASP A HB3  1  
ATOM 84   N N    . GLY A 1 1 ? 0.073  2.339  -1.316 1.00 0.00 ? 1 GLY A N    2  
ATOM 85   C CA   . GLY A 1 1 ? 0.095  2.674  0.079  1.00 0.00 ? 1 GLY A CA   2  
ATOM 86   C C    . GLY A 1 1 ? 1.307  1.973  0.684  1.00 0.00 ? 1 GLY A C    2  
ATOM 87   O O    . GLY A 1 1 ? 2.095  1.411  -0.080 1.00 0.00 ? 1 GLY A O    2  
ATOM 88   H H1   . GLY A 1 1 ? 0.847  1.762  -1.679 1.00 0.00 ? 1 GLY A H1   2  
ATOM 89   H HA2  . GLY A 1 1 ? 0.185  3.735  0.231  1.00 0.00 ? 1 GLY A HA2  2  
ATOM 90   H HA3  . GLY A 1 1 ? -0.831 2.288  0.512  1.00 0.00 ? 1 GLY A HA3  2  
ATOM 91   N N    . SER A 1 2 ? 1.423  1.965  2.008  1.00 0.00 ? 2 SER A N    2  
ATOM 92   C CA   . SER A 1 2 ? 2.519  1.239  2.664  1.00 0.00 ? 2 SER A CA   2  
ATOM 93   C C    . SER A 1 2 ? 2.139  -0.238 2.982  1.00 0.00 ? 2 SER A C    2  
ATOM 94   O O    . SER A 1 2 ? 2.781  -1.106 2.456  1.00 0.00 ? 2 SER A O    2  
ATOM 95   C CB   . SER A 1 2 ? 2.994  1.963  3.935  1.00 0.00 ? 2 SER A CB   2  
ATOM 96   O OG   . SER A 1 2 ? 4.097  1.288  4.545  1.00 0.00 ? 2 SER A OG   2  
ATOM 97   H H    . SER A 1 2 ? 0.745  2.481  2.594  1.00 0.00 ? 2 SER A H    2  
ATOM 98   H HA   . SER A 1 2 ? 3.380  1.225  1.977  1.00 0.00 ? 2 SER A HA   2  
ATOM 99   H HB2  . SER A 1 2 ? 3.317  2.956  3.649  1.00 0.00 ? 2 SER A HB2  2  
ATOM 100  H HB3  . SER A 1 2 ? 2.188  2.005  4.655  1.00 0.00 ? 2 SER A HB3  2  
ATOM 101  H HG   . SER A 1 2 ? 4.448  1.865  5.220  1.00 0.00 ? 2 SER A HG   2  
ATOM 102  N N    . PRO A 1 3 ? 1.092  -0.493 3.796  1.00 0.00 ? 3 PRO A N    2  
ATOM 103  C CA   . PRO A 1 3 ? 0.832  -1.907 4.041  1.00 0.00 ? 3 PRO A CA   2  
ATOM 104  C C    . PRO A 1 3 ? 0.075  -2.637 2.926  1.00 0.00 ? 3 PRO A C    2  
ATOM 105  O O    . PRO A 1 3 ? -0.258 -3.814 3.066  1.00 0.00 ? 3 PRO A O    2  
ATOM 106  C CB   . PRO A 1 3 ? 0.021  -1.865 5.347  1.00 0.00 ? 3 PRO A CB   2  
ATOM 107  C CG   . PRO A 1 3 ? -0.820 -0.652 5.230  1.00 0.00 ? 3 PRO A CG   2  
ATOM 108  C CD   . PRO A 1 3 ? 0.127  0.352  4.532  1.00 0.00 ? 3 PRO A CD   2  
ATOM 109  H HA   . PRO A 1 3 ? 1.778  -2.401 4.243  1.00 0.00 ? 3 PRO A HA   2  
ATOM 110  H HB2  . PRO A 1 3 ? -0.614 -2.734 5.386  1.00 0.00 ? 3 PRO A HB2  2  
ATOM 111  H HB3  . PRO A 1 3 ? 0.687  -1.771 6.205  1.00 0.00 ? 3 PRO A HB3  2  
ATOM 112  H HG2  . PRO A 1 3 ? -1.664 -0.861 4.610  1.00 0.00 ? 3 PRO A HG2  2  
ATOM 113  H HG3  . PRO A 1 3 ? -1.095 -0.292 6.214  1.00 0.00 ? 3 PRO A HG3  2  
ATOM 114  H HD2  . PRO A 1 3 ? -0.430 0.979  3.822  1.00 0.00 ? 3 PRO A HD2  2  
ATOM 115  H HD3  . PRO A 1 3 ? 0.644  0.961  5.275  1.00 0.00 ? 3 PRO A HD3  2  
ATOM 116  N N    . LEU A 1 4 ? -0.196 -1.945 1.826  1.00 0.00 ? 4 LEU A N    2  
ATOM 117  C CA   . LEU A 1 4 ? -0.919 -2.517 0.723  1.00 0.00 ? 4 LEU A CA   2  
ATOM 118  C C    . LEU A 1 4 ? -0.551 -1.711 -0.508 1.00 0.00 ? 4 LEU A C    2  
ATOM 119  O O    . LEU A 1 4 ? 0.009  -0.656 -0.356 1.00 0.00 ? 4 LEU A O    2  
ATOM 120  C CB   . LEU A 1 4 ? -2.459 -2.443 0.970  1.00 0.00 ? 4 LEU A CB   2  
ATOM 121  C CG   . LEU A 1 4 ? -3.211 -1.117 0.799  1.00 0.00 ? 4 LEU A CG   2  
ATOM 122  C CD1  . LEU A 1 4 ? -4.728 -1.453 0.816  1.00 0.00 ? 4 LEU A CD1  2  
ATOM 123  C CD2  . LEU A 1 4 ? -2.918 -0.035 1.810  1.00 0.00 ? 4 LEU A CD2  2  
ATOM 124  H H    . LEU A 1 4 ? 0.105  -1.008 1.705  1.00 0.00 ? 4 LEU A H    2  
ATOM 125  H HA   . LEU A 1 4 ? -0.622 -3.558 0.609  1.00 0.00 ? 4 LEU A HA   2  
ATOM 126  H HB2  . LEU A 1 4 ? -2.905 -3.119 0.257  1.00 0.00 ? 4 LEU A HB2  2  
ATOM 127  H HB3  . LEU A 1 4 ? -2.671 -2.849 1.966  1.00 0.00 ? 4 LEU A HB3  2  
ATOM 128  H HG   . LEU A 1 4 ? -2.964 -0.728 -0.179 1.00 0.00 ? 4 LEU A HG   2  
ATOM 129  H HD11 . LEU A 1 4 ? -4.966 -2.088 -0.029 1.00 0.00 ? 4 LEU A HD11 2  
ATOM 130  H HD12 . LEU A 1 4 ? -5.306 -0.524 0.752  1.00 0.00 ? 4 LEU A HD12 2  
ATOM 131  H HD13 . LEU A 1 4 ? -4.981 -1.975 1.742  1.00 0.00 ? 4 LEU A HD13 2  
ATOM 132  H HD21 . LEU A 1 4 ? -3.409 0.872  1.504  1.00 0.00 ? 4 LEU A HD21 2  
ATOM 133  H HD22 . LEU A 1 4 ? -1.846 0.141  1.835  1.00 0.00 ? 4 LEU A HD22 2  
ATOM 134  H HD23 . LEU A 1 4 ? -3.274 -0.335 2.784  1.00 0.00 ? 4 LEU A HD23 2  
ATOM 135  N N    . PHE A 1 5 ? -0.901 -2.211 -1.707 1.00 0.00 ? 5 PHE A N    2  
ATOM 136  C CA   . PHE A 1 5 ? -0.612 -1.515 -2.985 1.00 0.00 ? 5 PHE A CA   2  
ATOM 137  C C    . PHE A 1 5 ? -1.185 -0.095 -2.949 1.00 0.00 ? 5 PHE A C    2  
ATOM 138  O O    . PHE A 1 5 ? -2.267 0.120  -2.383 1.00 0.00 ? 5 PHE A O    2  
ATOM 139  C CB   . PHE A 1 5 ? -1.280 -2.329 -4.109 1.00 0.00 ? 5 PHE A CB   2  
ATOM 140  C CG   . PHE A 1 5 ? -1.046 -1.763 -5.492 1.00 0.00 ? 5 PHE A CG   2  
ATOM 141  C CD1  . PHE A 1 5 ? 0.143  -2.065 -6.214 1.00 0.00 ? 5 PHE A CD1  2  
ATOM 142  C CD2  . PHE A 1 5 ? -2.024 -0.908 -6.084 1.00 0.00 ? 5 PHE A CD2  2  
ATOM 143  C CE1  . PHE A 1 5 ? 0.354  -1.531 -7.508 1.00 0.00 ? 5 PHE A CE1  2  
ATOM 144  C CE2  . PHE A 1 5 ? -1.810 -0.361 -7.402 1.00 0.00 ? 5 PHE A CE2  2  
ATOM 145  C CZ   . PHE A 1 5 ? -0.623 -0.678 -8.104 1.00 0.00 ? 5 PHE A CZ   2  
ATOM 146  H H    . PHE A 1 5 ? -1.383 -3.069 -1.759 1.00 0.00 ? 5 PHE A H    2  
ATOM 147  H HA   . PHE A 1 5 ? 0.472  -1.479 -3.127 1.00 0.00 ? 5 PHE A HA   2  
ATOM 148  H HB2  . PHE A 1 5 ? -0.903 -3.356 -4.084 1.00 0.00 ? 5 PHE A HB2  2  
ATOM 149  H HB3  . PHE A 1 5 ? -2.349 -2.333 -3.882 1.00 0.00 ? 5 PHE A HB3  2  
ATOM 150  H HD1  . PHE A 1 5 ? 0.887  -2.725 -5.768 1.00 0.00 ? 5 PHE A HD1  2  
ATOM 151  H HD2  . PHE A 1 5 ? -2.926 -0.629 -5.560 1.00 0.00 ? 5 PHE A HD2  2  
ATOM 152  H HE1  . PHE A 1 5 ? 1.287  -1.798 -8.014 1.00 0.00 ? 5 PHE A HE1  2  
ATOM 153  H HE2  . PHE A 1 5 ? -2.537 0.294  -7.850 1.00 0.00 ? 5 PHE A HE2  2  
ATOM 154  H HZ   . PHE A 1 5 ? -0.454 -0.263 -9.093 1.00 0.00 ? 5 PHE A HZ   2  
ATOM 155  N N    . ASP A 1 6 ? -0.477 0.840  -3.540 1.00 0.00 ? 6 ASP A N    2  
ATOM 156  C CA   . ASP A 1 6 ? -0.856 2.268  -3.573 1.00 0.00 ? 6 ASP A CA   2  
ATOM 157  C C    . ASP A 1 6 ? -0.915 2.741  -2.087 1.00 0.00 ? 6 ASP A C    2  
ATOM 158  O O    . ASP A 1 6 ? -1.842 3.430  -1.652 1.00 0.00 ? 6 ASP A O    2  
ATOM 159  C CB   . ASP A 1 6 ? -2.165 2.506  -4.360 1.00 0.00 ? 6 ASP A CB   2  
ATOM 160  C CG   . ASP A 1 6 ? -2.442 3.988  -4.615 1.00 0.00 ? 6 ASP A CG   2  
ATOM 161  O OD1  . ASP A 1 6 ? -1.474 4.768  -4.633 1.00 0.00 ? 6 ASP A OD1  2  
ATOM 162  O OD2  . ASP A 1 6 ? -3.631 4.351  -4.815 1.00 0.00 ? 6 ASP A OD2  2  
ATOM 163  H H    . ASP A 1 6 ? 0.386  0.598  -3.961 1.00 0.00 ? 6 ASP A H    2  
ATOM 164  H HA   . ASP A 1 6 ? -0.070 2.830  -4.080 1.00 0.00 ? 6 ASP A HA   2  
ATOM 165  H HB2  . ASP A 1 6 ? -2.099 1.965  -5.333 1.00 0.00 ? 6 ASP A HB2  2  
ATOM 166  H HB3  . ASP A 1 6 ? -2.995 2.085  -3.808 1.00 0.00 ? 6 ASP A HB3  2  
ATOM 167  N N    . GLY A 1 1 ? -0.070 2.428  -1.324 1.00 0.00 ? 1 GLY A N    3  
ATOM 168  C CA   . GLY A 1 1 ? 0.210  3.001  -0.022 1.00 0.00 ? 1 GLY A CA   3  
ATOM 169  C C    . GLY A 1 1 ? 1.234  2.078  0.584  1.00 0.00 ? 1 GLY A C    3  
ATOM 170  O O    . GLY A 1 1 ? 1.655  1.137  -0.087 1.00 0.00 ? 1 GLY A O    3  
ATOM 171  H H1   . GLY A 1 1 ? 0.425  1.582  -1.607 1.00 0.00 ? 1 GLY A H1   3  
ATOM 172  H HA2  . GLY A 1 1 ? 0.633  4.016  -0.094 1.00 0.00 ? 1 GLY A HA2  3  
ATOM 173  H HA3  . GLY A 1 1 ? -0.713 3.021  0.571  1.00 0.00 ? 1 GLY A HA3  3  
ATOM 174  N N    . SER A 1 2 ? 1.651  2.320  1.827  1.00 0.00 ? 2 SER A N    3  
ATOM 175  C CA   . SER A 1 2 ? 2.615  1.414  2.481  1.00 0.00 ? 2 SER A CA   3  
ATOM 176  C C    . SER A 1 2 ? 2.039  -0.008 2.731  1.00 0.00 ? 2 SER A C    3  
ATOM 177  O O    . SER A 1 2 ? 2.669  -1.001 2.411  1.00 0.00 ? 2 SER A O    3  
ATOM 178  C CB   . SER A 1 2 ? 3.159  2.022  3.788  1.00 0.00 ? 2 SER A CB   3  
ATOM 179  O OG   . SER A 1 2 ? 3.815  3.240  3.543  1.00 0.00 ? 2 SER A OG   3  
ATOM 180  H H    . SER A 1 2 ? 1.286  3.133  2.335  1.00 0.00 ? 2 SER A H    3  
ATOM 181  H HA   . SER A 1 2 ? 3.465  1.305  1.797  1.00 0.00 ? 2 SER A HA   3  
ATOM 182  H HB2  . SER A 1 2 ? 2.333  2.211  4.471  1.00 0.00 ? 2 SER A HB2  3  
ATOM 183  H HB3  . SER A 1 2 ? 3.852  1.324  4.245  1.00 0.00 ? 2 SER A HB3  3  
ATOM 184  H HG   . SER A 1 2 ? 4.356  3.176  2.729  1.00 0.00 ? 2 SER A HG   3  
ATOM 185  N N    . PRO A 1 3 ? 0.829  -0.141 3.334  1.00 0.00 ? 3 PRO A N    3  
ATOM 186  C CA   . PRO A 1 3 ? 0.319  -1.532 3.397  1.00 0.00 ? 3 PRO A CA   3  
ATOM 187  C C    . PRO A 1 3 ? -0.274 -1.920 2.025  1.00 0.00 ? 3 PRO A C    3  
ATOM 188  O O    . PRO A 1 3 ? -0.670 -1.002 1.250  1.00 0.00 ? 3 PRO A O    3  
ATOM 189  C CB   . PRO A 1 3 ? -0.795 -1.427 4.451  1.00 0.00 ? 3 PRO A CB   3  
ATOM 190  C CG   . PRO A 1 3 ? -1.313 -0.067 4.282  1.00 0.00 ? 3 PRO A CG   3  
ATOM 191  C CD   . PRO A 1 3 ? -0.131 0.808  3.940  1.00 0.00 ? 3 PRO A CD   3  
ATOM 192  H HA   . PRO A 1 3 ? 1.085  -2.228 3.725  1.00 0.00 ? 3 PRO A HA   3  
ATOM 193  H HB2  . PRO A 1 3 ? -1.556 -2.147 4.271  1.00 0.00 ? 3 PRO A HB2  3  
ATOM 194  H HB3  . PRO A 1 3 ? -0.397 -1.548 5.454  1.00 0.00 ? 3 PRO A HB3  3  
ATOM 195  H HG2  . PRO A 1 3 ? -2.044 -0.032 3.505  1.00 0.00 ? 3 PRO A HG2  3  
ATOM 196  H HG3  . PRO A 1 3 ? -1.768 0.262  5.223  1.00 0.00 ? 3 PRO A HG3  3  
ATOM 197  H HD2  . PRO A 1 3 ? -0.424 1.585  3.220  1.00 0.00 ? 3 PRO A HD2  3  
ATOM 198  H HD3  . PRO A 1 3 ? 0.315  1.227  4.844  1.00 0.00 ? 3 PRO A HD3  3  
ATOM 199  N N    . LEU A 1 4 ? -0.353 -3.215 1.726  1.00 0.00 ? 4 LEU A N    3  
ATOM 200  C CA   . LEU A 1 4 ? -0.963 -3.695 0.437  1.00 0.00 ? 4 LEU A CA   3  
ATOM 201  C C    . LEU A 1 4 ? -0.161 -2.975 -0.664 1.00 0.00 ? 4 LEU A C    3  
ATOM 202  O O    . LEU A 1 4 ? 1.031  -3.194 -0.799 1.00 0.00 ? 4 LEU A O    3  
ATOM 203  C CB   . LEU A 1 4 ? -2.474 -3.433 0.309  1.00 0.00 ? 4 LEU A CB   3  
ATOM 204  C CG   . LEU A 1 4 ? -3.476 -4.220 1.194  1.00 0.00 ? 4 LEU A CG   3  
ATOM 205  C CD1  . LEU A 1 4 ? -3.269 -5.747 1.010  1.00 0.00 ? 4 LEU A CD1  3  
ATOM 206  C CD2  . LEU A 1 4 ? -3.344 -3.860 2.666  1.00 0.00 ? 4 LEU A CD2  3  
ATOM 207  H H    . LEU A 1 4 ? 0.018  -3.898 2.386  1.00 0.00 ? 4 LEU A H    3  
ATOM 208  H HA   . LEU A 1 4 ? -0.785 -4.765 0.344  1.00 0.00 ? 4 LEU A HA   3  
ATOM 209  H HB2  . LEU A 1 4 ? -2.612 -2.376 0.529  1.00 0.00 ? 4 LEU A HB2  3  
ATOM 210  H HB3  . LEU A 1 4 ? -2.747 -3.592 -0.722 1.00 0.00 ? 4 LEU A HB3  3  
ATOM 211  H HG   . LEU A 1 4 ? -4.471 -3.953 0.862  1.00 0.00 ? 4 LEU A HG   3  
ATOM 212  H HD11 . LEU A 1 4 ? -3.354 -6.012 -0.045 1.00 0.00 ? 4 LEU A HD11 3  
ATOM 213  H HD12 . LEU A 1 4 ? -4.045 -6.277 1.577  1.00 0.00 ? 4 LEU A HD12 3  
ATOM 214  H HD13 . LEU A 1 4 ? -2.289 -6.040 1.364  1.00 0.00 ? 4 LEU A HD13 3  
ATOM 215  H HD21 . LEU A 1 4 ? -3.247 -2.765 2.765  1.00 0.00 ? 4 LEU A HD21 3  
ATOM 216  H HD22 . LEU A 1 4 ? -2.487 -4.364 3.085  1.00 0.00 ? 4 LEU A HD22 3  
ATOM 217  H HD23 . LEU A 1 4 ? -4.242 -4.186 3.184  1.00 0.00 ? 4 LEU A HD23 3  
ATOM 218  N N    . PHE A 1 5 ? -0.823 -2.119 -1.438 1.00 0.00 ? 5 PHE A N    3  
ATOM 219  C CA   . PHE A 1 5 ? -0.202 -1.364 -2.511 1.00 0.00 ? 5 PHE A CA   3  
ATOM 220  C C    . PHE A 1 5 ? -0.983 -0.061 -2.585 1.00 0.00 ? 5 PHE A C    3  
ATOM 221  O O    . PHE A 1 5 ? -1.983 0.066  -1.885 1.00 0.00 ? 5 PHE A O    3  
ATOM 222  C CB   . PHE A 1 5 ? -0.308 -2.148 -3.826 1.00 0.00 ? 5 PHE A CB   3  
ATOM 223  C CG   . PHE A 1 5 ? -1.708 -2.363 -4.329 1.00 0.00 ? 5 PHE A CG   3  
ATOM 224  C CD1  . PHE A 1 5 ? -2.234 -1.541 -5.335 1.00 0.00 ? 5 PHE A CD1  3  
ATOM 225  C CD2  . PHE A 1 5 ? -2.542 -3.392 -3.832 1.00 0.00 ? 5 PHE A CD2  3  
ATOM 226  C CE1  . PHE A 1 5 ? -3.534 -1.751 -5.880 1.00 0.00 ? 5 PHE A CE1  3  
ATOM 227  C CE2  . PHE A 1 5 ? -3.837 -3.603 -4.353 1.00 0.00 ? 5 PHE A CE2  3  
ATOM 228  C CZ   . PHE A 1 5 ? -4.339 -2.793 -5.393 1.00 0.00 ? 5 PHE A CZ   3  
ATOM 229  H H    . PHE A 1 5 ? -1.814 -1.934 -1.297 1.00 0.00 ? 5 PHE A H    3  
ATOM 230  H HA   . PHE A 1 5 ? 0.851  -1.165 -2.281 1.00 0.00 ? 5 PHE A HA   3  
ATOM 231  H HB2  . PHE A 1 5 ? 0.253  -1.599 -4.593 1.00 0.00 ? 5 PHE A HB2  3  
ATOM 232  H HB3  . PHE A 1 5 ? 0.172  -3.120 -3.691 1.00 0.00 ? 5 PHE A HB3  3  
ATOM 233  H HD1  . PHE A 1 5 ? -1.607 -0.713 -5.725 1.00 0.00 ? 5 PHE A HD1  3  
ATOM 234  H HD2  . PHE A 1 5 ? -2.173 -4.045 -3.015 1.00 0.00 ? 5 PHE A HD2  3  
ATOM 235  H HE1  . PHE A 1 5 ? -3.903 -1.089 -6.665 1.00 0.00 ? 5 PHE A HE1  3  
ATOM 236  H HE2  . PHE A 1 5 ? -4.439 -4.416 -3.946 1.00 0.00 ? 5 PHE A HE2  3  
ATOM 237  H HZ   . PHE A 1 5 ? -5.319 -2.964 -5.805 1.00 0.00 ? 5 PHE A HZ   3  
ATOM 238  N N    . ASP A 1 6 ? -0.492 0.871  -3.402 1.00 0.00 ? 6 ASP A N    3  
ATOM 239  C CA   . ASP A 1 6 ? -1.062 2.205  -3.517 1.00 0.00 ? 6 ASP A CA   3  
ATOM 240  C C    . ASP A 1 6 ? -0.944 2.948  -2.164 1.00 0.00 ? 6 ASP A C    3  
ATOM 241  O O    . ASP A 1 6 ? -1.590 3.944  -1.896 1.00 0.00 ? 6 ASP A O    3  
ATOM 242  C CB   . ASP A 1 6 ? -2.503 2.191  -4.055 1.00 0.00 ? 6 ASP A CB   3  
ATOM 243  C CG   . ASP A 1 6 ? -2.972 3.586  -4.427 1.00 0.00 ? 6 ASP A CG   3  
ATOM 244  O OD1  . ASP A 1 6 ? -4.055 3.971  -3.993 1.00 0.00 ? 6 ASP A OD1  3  
ATOM 245  O OD2  . ASP A 1 6 ? -2.243 4.283  -5.175 1.00 0.00 ? 6 ASP A OD2  3  
ATOM 246  H H    . ASP A 1 6 ? 0.311  0.656  -3.952 1.00 0.00 ? 6 ASP A H    3  
ATOM 247  H HA   . ASP A 1 6 ? -0.458 2.765  -4.238 1.00 0.00 ? 6 ASP A HA   3  
ATOM 248  H HB2  . ASP A 1 6 ? -2.525 1.552  -4.925 1.00 0.00 ? 6 ASP A HB2  3  
ATOM 249  H HB3  . ASP A 1 6 ? -3.164 1.776  -3.277 1.00 0.00 ? 6 ASP A HB3  3  
ATOM 250  N N    . GLY A 1 1 ? 0.364  2.399  -1.246 1.00 0.00 ? 1 GLY A N    4  
ATOM 251  C CA   . GLY A 1 1 ? 1.028  3.239  -0.257 1.00 0.00 ? 1 GLY A CA   4  
ATOM 252  C C    . GLY A 1 1 ? 1.542  2.491  0.919  1.00 0.00 ? 1 GLY A C    4  
ATOM 253  O O    . GLY A 1 1 ? 2.520  1.751  0.786  1.00 0.00 ? 1 GLY A O    4  
ATOM 254  H H1   . GLY A 1 1 ? 0.715  1.460  -1.424 1.00 0.00 ? 1 GLY A H1   4  
ATOM 255  H HA2  . GLY A 1 1 ? 1.861  3.750  -0.732 1.00 0.00 ? 1 GLY A HA2  4  
ATOM 256  H HA3  . GLY A 1 1 ? 0.322  3.984  0.093  1.00 0.00 ? 1 GLY A HA3  4  
ATOM 257  N N    . SER A 1 2 ? 0.908  2.686  2.073  1.00 0.00 ? 2 SER A N    4  
ATOM 258  C CA   . SER A 1 2 ? 1.259  1.952  3.303  1.00 0.00 ? 2 SER A CA   4  
ATOM 259  C C    . SER A 1 2 ? 0.861  0.490  3.222  1.00 0.00 ? 2 SER A C    4  
ATOM 260  O O    . SER A 1 2 ? 1.686  -0.379 3.584  1.00 0.00 ? 2 SER A O    4  
ATOM 261  C CB   . SER A 1 2 ? 0.613  2.610  4.535  1.00 0.00 ? 2 SER A CB   4  
ATOM 262  O OG   . SER A 1 2 ? 1.083  2.017  5.746  1.00 0.00 ? 2 SER A OG   4  
ATOM 263  H H    . SER A 1 2 ? 0.162  3.331  2.095  1.00 0.00 ? 2 SER A H    4  
ATOM 264  H HA   . SER A 1 2 ? 2.323  1.979  3.403  1.00 0.00 ? 2 SER A HA   4  
ATOM 265  H HB2  . SER A 1 2 ? 0.874  3.661  4.534  1.00 0.00 ? 2 SER A HB2  4  
ATOM 266  H HB3  . SER A 1 2 ? -0.455 2.510  4.515  1.00 0.00 ? 2 SER A HB3  4  
ATOM 267  H HG   . SER A 1 2 ? 1.196  1.041  5.576  1.00 0.00 ? 2 SER A HG   4  
ATOM 268  N N    . PRO A 1 3 ? -0.365 0.179  2.771  1.00 0.00 ? 3 PRO A N    4  
ATOM 269  C CA   . PRO A 1 3 ? -0.672 -1.235 2.567  1.00 0.00 ? 3 PRO A CA   4  
ATOM 270  C C    . PRO A 1 3 ? 0.156  -1.866 1.469  1.00 0.00 ? 3 PRO A C    4  
ATOM 271  O O    . PRO A 1 3 ? 1.009  -1.237 0.864  1.00 0.00 ? 3 PRO A O    4  
ATOM 272  C CB   . PRO A 1 3 ? -2.158 -1.231 2.156  1.00 0.00 ? 3 PRO A CB   4  
ATOM 273  C CG   . PRO A 1 3 ? -2.680 0.076  2.621  1.00 0.00 ? 3 PRO A CG   4  
ATOM 274  C CD   . PRO A 1 3 ? -1.512 1.016  2.370  1.00 0.00 ? 3 PRO A CD   4  
ATOM 275  H HA   . PRO A 1 3 ? -0.549 -1.780 3.504  1.00 0.00 ? 3 PRO A HA   4  
ATOM 276  H HB2  . PRO A 1 3 ? -2.246 -1.327 1.058  1.00 0.00 ? 3 PRO A HB2  4  
ATOM 277  H HB3  . PRO A 1 3 ? -2.675 -2.036 2.672  1.00 0.00 ? 3 PRO A HB3  4  
ATOM 278  H HG2  . PRO A 1 3 ? -3.542 0.373  2.023  1.00 0.00 ? 3 PRO A HG2  4  
ATOM 279  H HG3  . PRO A 1 3 ? -2.927 0.040  3.683  1.00 0.00 ? 3 PRO A HG3  4  
ATOM 280  H HD2  . PRO A 1 3 ? -1.421 1.258  1.312  1.00 0.00 ? 3 PRO A HD2  4  
ATOM 281  H HD3  . PRO A 1 3 ? -1.585 1.938  2.945  1.00 0.00 ? 3 PRO A HD3  4  
ATOM 282  N N    . LEU A 1 4 ? -0.127 -3.132 1.174  1.00 0.00 ? 4 LEU A N    4  
ATOM 283  C CA   . LEU A 1 4 ? 0.579  -3.869 0.115  1.00 0.00 ? 4 LEU A CA   4  
ATOM 284  C C    . LEU A 1 4 ? 0.397  -3.182 -1.251 1.00 0.00 ? 4 LEU A C    4  
ATOM 285  O O    . LEU A 1 4 ? 1.188  -3.373 -2.147 1.00 0.00 ? 4 LEU A O    4  
ATOM 286  C CB   . LEU A 1 4 ? -0.011 -5.285 0.053  1.00 0.00 ? 4 LEU A CB   4  
ATOM 287  C CG   . LEU A 1 4 ? 0.381  -6.222 1.193  1.00 0.00 ? 4 LEU A CG   4  
ATOM 288  C CD1  . LEU A 1 4 ? -0.544 -7.430 1.145  1.00 0.00 ? 4 LEU A CD1  4  
ATOM 289  C CD2  . LEU A 1 4 ? 1.815  -6.671 1.171  1.00 0.00 ? 4 LEU A CD2  4  
ATOM 290  H H    . LEU A 1 4 ? -0.867 -3.639 1.680  1.00 0.00 ? 4 LEU A H    4  
ATOM 291  H HA   . LEU A 1 4 ? 1.643  -3.903 0.385  1.00 0.00 ? 4 LEU A HA   4  
ATOM 292  H HB2  . LEU A 1 4 ? -1.103 -5.189 0.021  1.00 0.00 ? 4 LEU A HB2  4  
ATOM 293  H HB3  . LEU A 1 4 ? 0.307  -5.750 -0.885 1.00 0.00 ? 4 LEU A HB3  4  
ATOM 294  H HG   . LEU A 1 4 ? 0.230  -5.708 2.145  1.00 0.00 ? 4 LEU A HG   4  
ATOM 295  H HD11 . LEU A 1 4 ? -0.480 -7.902 0.179  1.00 0.00 ? 4 LEU A HD11 4  
ATOM 296  H HD12 . LEU A 1 4 ? -1.576 -7.093 1.339  1.00 0.00 ? 4 LEU A HD12 4  
ATOM 297  H HD13 . LEU A 1 4 ? -0.269 -8.135 1.929  1.00 0.00 ? 4 LEU A HD13 4  
ATOM 298  H HD21 . LEU A 1 4 ? 2.470  -5.824 1.329  1.00 0.00 ? 4 LEU A HD21 4  
ATOM 299  H HD22 . LEU A 1 4 ? 2.044  -7.142 0.204  1.00 0.00 ? 4 LEU A HD22 4  
ATOM 300  H HD23 . LEU A 1 4 ? 1.968  -7.362 1.977  1.00 0.00 ? 4 LEU A HD23 4  
ATOM 301  N N    . PHE A 1 5 ? -0.649 -2.368 -1.411 1.00 0.00 ? 5 PHE A N    4  
ATOM 302  C CA   . PHE A 1 5 ? -0.864 -1.616 -2.645 1.00 0.00 ? 5 PHE A CA   4  
ATOM 303  C C    . PHE A 1 5 ? -1.183 -0.189 -2.265 1.00 0.00 ? 5 PHE A C    4  
ATOM 304  O O    . PHE A 1 5 ? -1.606 0.058  -1.140 1.00 0.00 ? 5 PHE A O    4  
ATOM 305  C CB   . PHE A 1 5 ? -2.045 -2.237 -3.426 1.00 0.00 ? 5 PHE A CB   4  
ATOM 306  C CG   . PHE A 1 5 ? -1.857 -3.683 -3.714 1.00 0.00 ? 5 PHE A CG   4  
ATOM 307  C CD1  . PHE A 1 5 ? -1.017 -4.099 -4.744 1.00 0.00 ? 5 PHE A CD1  4  
ATOM 308  C CD2  . PHE A 1 5 ? -2.504 -4.665 -2.921 1.00 0.00 ? 5 PHE A CD2  4  
ATOM 309  C CE1  . PHE A 1 5 ? -0.839 -5.483 -5.007 1.00 0.00 ? 5 PHE A CE1  4  
ATOM 310  C CE2  . PHE A 1 5 ? -2.374 -6.040 -3.163 1.00 0.00 ? 5 PHE A CE2  4  
ATOM 311  C CZ   . PHE A 1 5 ? -1.524 -6.482 -4.204 1.00 0.00 ? 5 PHE A CZ   4  
ATOM 312  H H    . PHE A 1 5 ? -1.283 -2.205 -0.662 1.00 0.00 ? 5 PHE A H    4  
ATOM 313  H HA   . PHE A 1 5 ? 0.045  -1.654 -3.259 1.00 0.00 ? 5 PHE A HA   4  
ATOM 314  H HB2  . PHE A 1 5 ? -2.968 -2.099 -2.852 1.00 0.00 ? 5 PHE A HB2  4  
ATOM 315  H HB3  . PHE A 1 5 ? -2.156 -1.690 -4.356 1.00 0.00 ? 5 PHE A HB3  4  
ATOM 316  H HD1  . PHE A 1 5 ? -0.498 -3.371 -5.374 1.00 0.00 ? 5 PHE A HD1  4  
ATOM 317  H HD2  . PHE A 1 5 ? -3.148 -4.361 -2.092 1.00 0.00 ? 5 PHE A HD2  4  
ATOM 318  H HE1  . PHE A 1 5 ? -0.179 -5.793 -5.795 1.00 0.00 ? 5 PHE A HE1  4  
ATOM 319  H HE2  . PHE A 1 5 ? -2.884 -6.744 -2.545 1.00 0.00 ? 5 PHE A HE2  4  
ATOM 320  H HZ   . PHE A 1 5 ? -1.398 -7.519 -4.401 1.00 0.00 ? 5 PHE A HZ   4  
ATOM 321  N N    . ASP A 1 6 ? -0.958 0.727  -3.191 1.00 0.00 ? 6 ASP A N    4  
ATOM 322  C CA   . ASP A 1 6 ? -1.289 2.144  -3.053 1.00 0.00 ? 6 ASP A CA   4  
ATOM 323  C C    . ASP A 1 6 ? -0.641 2.926  -1.927 1.00 0.00 ? 6 ASP A C    4  
ATOM 324  O O    . ASP A 1 6 ? -1.044 4.080  -1.654 1.00 0.00 ? 6 ASP A O    4  
ATOM 325  C CB   . ASP A 1 6 ? -2.806 2.327  -3.013 1.00 0.00 ? 6 ASP A CB   4  
ATOM 326  C CG   . ASP A 1 6 ? -3.244 3.763  -3.368 1.00 0.00 ? 6 ASP A CG   4  
ATOM 327  O OD1  . ASP A 1 6 ? -3.993 4.350  -2.556 1.00 0.00 ? 6 ASP A OD1  4  
ATOM 328  O OD2  . ASP A 1 6 ? -2.834 4.296  -4.419 1.00 0.00 ? 6 ASP A OD2  4  
ATOM 329  H H    . ASP A 1 6 ? -0.577 0.435  -4.062 1.00 0.00 ? 6 ASP A H    4  
ATOM 330  H HA   . ASP A 1 6 ? -0.958 2.620  -3.975 1.00 0.00 ? 6 ASP A HA   4  
ATOM 331  H HB2  . ASP A 1 6 ? -3.253 1.608  -3.715 1.00 0.00 ? 6 ASP A HB2  4  
ATOM 332  H HB3  . ASP A 1 6 ? -3.151 2.092  -2.026 1.00 0.00 ? 6 ASP A HB3  4  
ATOM 333  N N    . GLY A 1 1 ? 0.298  3.121  -1.201 1.00 0.00 ? 1 GLY A N    5  
ATOM 334  C CA   . GLY A 1 1 ? -0.227 3.937  -0.090 1.00 0.00 ? 1 GLY A CA   5  
ATOM 335  C C    . GLY A 1 1 ? -0.342 3.149  1.222  1.00 0.00 ? 1 GLY A C    5  
ATOM 336  O O    . GLY A 1 1 ? -0.711 3.675  2.266  1.00 0.00 ? 1 GLY A O    5  
ATOM 337  H H1   . GLY A 1 1 ? 1.223  2.704  -1.124 1.00 0.00 ? 1 GLY A H1   5  
ATOM 338  H HA2  . GLY A 1 1 ? 0.441  4.786  0.068  1.00 0.00 ? 1 GLY A HA2  5  
ATOM 339  H HA3  . GLY A 1 1 ? -1.226 4.330  -0.366 1.00 0.00 ? 1 GLY A HA3  5  
ATOM 340  N N    . SER A 1 2 ? -0.016 1.872  1.153  1.00 0.00 ? 2 SER A N    5  
ATOM 341  C CA   . SER A 1 2 ? -0.081 0.983  2.346  1.00 0.00 ? 2 SER A CA   5  
ATOM 342  C C    . SER A 1 2 ? 0.876  -0.170 2.076  1.00 0.00 ? 2 SER A C    5  
ATOM 343  O O    . SER A 1 2 ? 1.441  -0.297 0.985  1.00 0.00 ? 2 SER A O    5  
ATOM 344  C CB   . SER A 1 2 ? -1.539 0.453  2.487  1.00 0.00 ? 2 SER A CB   5  
ATOM 345  O OG   . SER A 1 2 ? -1.802 -0.581 1.566  1.00 0.00 ? 2 SER A OG   5  
ATOM 346  H H    . SER A 1 2 ? 0.281  1.460  0.278  1.00 0.00 ? 2 SER A H    5  
ATOM 347  H HA   . SER A 1 2 ? 0.235  1.503  3.252  1.00 0.00 ? 2 SER A HA   5  
ATOM 348  H HB2  . SER A 1 2 ? -1.665 0.111  3.502  1.00 0.00 ? 2 SER A HB2  5  
ATOM 349  H HB3  . SER A 1 2 ? -2.265 1.253  2.300  1.00 0.00 ? 2 SER A HB3  5  
ATOM 350  H HG   . SER A 1 2 ? -2.492 -0.280 0.943  1.00 0.00 ? 2 SER A HG   5  
ATOM 351  N N    . PRO A 1 3 ? 1.091  -1.070 3.032  1.00 0.00 ? 3 PRO A N    5  
ATOM 352  C CA   . PRO A 1 3 ? 1.931  -2.220 2.671  1.00 0.00 ? 3 PRO A CA   5  
ATOM 353  C C    . PRO A 1 3 ? 1.223  -3.248 1.751  1.00 0.00 ? 3 PRO A C    5  
ATOM 354  O O    . PRO A 1 3 ? 1.812  -4.284 1.405  1.00 0.00 ? 3 PRO A O    5  
ATOM 355  C CB   . PRO A 1 3 ? 2.194  -2.828 4.031  1.00 0.00 ? 3 PRO A CB   5  
ATOM 356  C CG   . PRO A 1 3 ? 0.999  -2.537 4.854  1.00 0.00 ? 3 PRO A CG   5  
ATOM 357  C CD   . PRO A 1 3 ? 0.630  -1.174 4.438  1.00 0.00 ? 3 PRO A CD   5  
ATOM 358  H HA   . PRO A 1 3 ? 2.876  -1.881 2.235  1.00 0.00 ? 3 PRO A HA   5  
ATOM 359  H HB2  . PRO A 1 3 ? 2.369  -3.915 3.987  1.00 0.00 ? 3 PRO A HB2  5  
ATOM 360  H HB3  . PRO A 1 3 ? 3.067  -2.320 4.463  1.00 0.00 ? 3 PRO A HB3  5  
ATOM 361  H HG2  . PRO A 1 3 ? 0.167  -3.226 4.611  1.00 0.00 ? 3 PRO A HG2  5  
ATOM 362  H HG3  . PRO A 1 3 ? 1.281  -2.568 5.911  1.00 0.00 ? 3 PRO A HG3  5  
ATOM 363  H HD2  . PRO A 1 3 ? -0.463 -1.088 4.516  1.00 0.00 ? 3 PRO A HD2  5  
ATOM 364  H HD3  . PRO A 1 3 ? 1.130  -0.423 5.050  1.00 0.00 ? 3 PRO A HD3  5  
ATOM 365  N N    . LEU A 1 4 ? -0.031 -2.983 1.381  1.00 0.00 ? 4 LEU A N    5  
ATOM 366  C CA   . LEU A 1 4 ? -0.784 -3.923 0.552  1.00 0.00 ? 4 LEU A CA   5  
ATOM 367  C C    . LEU A 1 4 ? -1.133 -3.379 -0.812 1.00 0.00 ? 4 LEU A C    5  
ATOM 368  O O    . LEU A 1 4 ? -1.501 -4.125 -1.700 1.00 0.00 ? 4 LEU A O    5  
ATOM 369  C CB   . LEU A 1 4 ? -2.091 -4.287 1.246  1.00 0.00 ? 4 LEU A CB   5  
ATOM 370  C CG   . LEU A 1 4 ? -1.846 -4.951 2.606  1.00 0.00 ? 4 LEU A CG   5  
ATOM 371  C CD1  . LEU A 1 4 ? -3.176 -5.064 3.315  1.00 0.00 ? 4 LEU A CD1  5  
ATOM 372  C CD2  . LEU A 1 4 ? -1.204 -6.337 2.461  1.00 0.00 ? 4 LEU A CD2  5  
ATOM 373  H H    . LEU A 1 4 ? -0.475 -2.101 1.657  1.00 0.00 ? 4 LEU A H    5  
ATOM 374  H HA   . LEU A 1 4 ? -0.205 -4.831 0.412  1.00 0.00 ? 4 LEU A HA   5  
ATOM 375  H HB2  . LEU A 1 4 ? -2.698 -3.382 1.389  1.00 0.00 ? 4 LEU A HB2  5  
ATOM 376  H HB3  . LEU A 1 4 ? -2.661 -4.986 0.639  1.00 0.00 ? 4 LEU A HB3  5  
ATOM 377  H HG   . LEU A 1 4 ? -1.185 -4.320 3.194  1.00 0.00 ? 4 LEU A HG   5  
ATOM 378  H HD11 . LEU A 1 4 ? -3.879 -5.637 2.723  1.00 0.00 ? 4 LEU A HD11 5  
ATOM 379  H HD12 . LEU A 1 4 ? -3.571 -4.076 3.477  1.00 0.00 ? 4 LEU A HD12 5  
ATOM 380  H HD13 . LEU A 1 4 ? -3.018 -5.579 4.265  1.00 0.00 ? 4 LEU A HD13 5  
ATOM 381  H HD21 . LEU A 1 4 ? -1.225 -6.838 3.426  1.00 0.00 ? 4 LEU A HD21 5  
ATOM 382  H HD22 . LEU A 1 4 ? -0.174 -6.232 2.114  1.00 0.00 ? 4 LEU A HD22 5  
ATOM 383  H HD23 . LEU A 1 4 ? -1.771 -6.931 1.740  1.00 0.00 ? 4 LEU A HD23 5  
ATOM 384  N N    . PHE A 1 5 ? -1.030 -2.060 -0.979 1.00 0.00 ? 5 PHE A N    5  
ATOM 385  C CA   . PHE A 1 5 ? -1.317 -1.412 -2.266 1.00 0.00 ? 5 PHE A CA   5  
ATOM 386  C C    . PHE A 1 5 ? -0.563 -0.070 -2.236 1.00 0.00 ? 5 PHE A C    5  
ATOM 387  O O    . PHE A 1 5 ? -0.017 0.289  -1.219 1.00 0.00 ? 5 PHE A O    5  
ATOM 388  C CB   . PHE A 1 5 ? -2.833 -1.182 -2.490 1.00 0.00 ? 5 PHE A CB   5  
ATOM 389  C CG   . PHE A 1 5 ? -3.510 -0.502 -1.347 1.00 0.00 ? 5 PHE A CG   5  
ATOM 390  C CD1  . PHE A 1 5 ? -4.284 -1.264 -0.447 1.00 0.00 ? 5 PHE A CD1  5  
ATOM 391  C CD2  . PHE A 1 5 ? -3.397 0.887  -1.141 1.00 0.00 ? 5 PHE A CD2  5  
ATOM 392  C CE1  . PHE A 1 5 ? -4.954 -0.630 0.658  1.00 0.00 ? 5 PHE A CE1  5  
ATOM 393  C CE2  . PHE A 1 5 ? -4.004 1.514  -0.041 1.00 0.00 ? 5 PHE A CE2  5  
ATOM 394  C CZ   . PHE A 1 5 ? -4.797 0.764  0.860  1.00 0.00 ? 5 PHE A CZ   5  
ATOM 395  H H    . PHE A 1 5 ? -0.705 -1.429 -0.216 1.00 0.00 ? 5 PHE A H    5  
ATOM 396  H HA   . PHE A 1 5 ? -0.929 -2.030 -3.089 1.00 0.00 ? 5 PHE A HA   5  
ATOM 397  H HB2  . PHE A 1 5 ? -2.966 -0.615 -3.405 1.00 0.00 ? 5 PHE A HB2  5  
ATOM 398  H HB3  . PHE A 1 5 ? -3.311 -2.149 -2.630 1.00 0.00 ? 5 PHE A HB3  5  
ATOM 399  H HD1  . PHE A 1 5 ? -4.377 -2.329 -0.617 1.00 0.00 ? 5 PHE A HD1  5  
ATOM 400  H HD2  . PHE A 1 5 ? -2.810 1.496  -1.838 1.00 0.00 ? 5 PHE A HD2  5  
ATOM 401  H HE1  . PHE A 1 5 ? -5.561 -1.242 1.307  1.00 0.00 ? 5 PHE A HE1  5  
ATOM 402  H HE2  . PHE A 1 5 ? -3.881 2.594  0.120  1.00 0.00 ? 5 PHE A HE2  5  
ATOM 403  H HZ   . PHE A 1 5 ? -5.249 1.240  1.676  1.00 0.00 ? 5 PHE A HZ   5  
ATOM 404  N N    . ASP A 1 6 ? -0.523 0.689  -3.335 1.00 0.00 ? 6 ASP A N    5  
ATOM 405  C CA   . ASP A 1 6 ? 0.192  1.999  -3.358 1.00 0.00 ? 6 ASP A CA   5  
ATOM 406  C C    . ASP A 1 6 ? -0.418 2.911  -2.316 1.00 0.00 ? 6 ASP A C    5  
ATOM 407  O O    . ASP A 1 6 ? -1.506 3.408  -2.505 1.00 0.00 ? 6 ASP A O    5  
ATOM 408  C CB   . ASP A 1 6 ? 0.068  2.686  -4.722 1.00 0.00 ? 6 ASP A CB   5  
ATOM 409  C CG   . ASP A 1 6 ? 1.017  2.100  -5.747 1.00 0.00 ? 6 ASP A CG   5  
ATOM 410  O OD1  . ASP A 1 6 ? 0.563  1.793  -6.872 1.00 0.00 ? 6 ASP A OD1  5  
ATOM 411  O OD2  . ASP A 1 6 ? 2.218  1.927  -5.428 1.00 0.00 ? 6 ASP A OD2  5  
ATOM 412  H H    . ASP A 1 6 ? -0.991 0.414  -4.168 1.00 0.00 ? 6 ASP A H    5  
ATOM 413  H HA   . ASP A 1 6 ? 1.253  1.851  -3.127 1.00 0.00 ? 6 ASP A HA   5  
ATOM 414  H HB2  . ASP A 1 6 ? -0.958 2.574  -5.059 1.00 0.00 ? 6 ASP A HB2  5  
ATOM 415  H HB3  . ASP A 1 6 ? 0.268  3.752  -4.595 1.00 0.00 ? 6 ASP A HB3  5  
ATOM 416  N N    . GLY A 1 1 ? 0.418  3.232  -1.249 1.00 0.00 ? 1 GLY A N    6  
ATOM 417  C CA   . GLY A 1 1 ? 0.084  4.079  -0.110 1.00 0.00 ? 1 GLY A CA   6  
ATOM 418  C C    . GLY A 1 1 ? -0.243 3.263  1.134  1.00 0.00 ? 1 GLY A C    6  
ATOM 419  O O    . GLY A 1 1 ? -0.687 3.812  2.144  1.00 0.00 ? 1 GLY A O    6  
ATOM 420  H H1   . GLY A 1 1 ? 1.388  2.935  -1.349 1.00 0.00 ? 1 GLY A H1   6  
ATOM 421  H HA2  . GLY A 1 1 ? 0.925  4.710  0.115  1.00 0.00 ? 1 GLY A HA2  6  
ATOM 422  H HA3  . GLY A 1 1 ? -0.773 4.737  -0.358 1.00 0.00 ? 1 GLY A HA3  6  
ATOM 423  N N    . SER A 1 2 ? -0.034 1.956  1.087  1.00 0.00 ? 2 SER A N    6  
ATOM 424  C CA   . SER A 1 2 ? -0.308 1.079  2.227  1.00 0.00 ? 2 SER A CA   6  
ATOM 425  C C    . SER A 1 2 ? 0.684  -0.105 2.130  1.00 0.00 ? 2 SER A C    6  
ATOM 426  O O    . SER A 1 2 ? 1.430  -0.163 1.125  1.00 0.00 ? 2 SER A O    6  
ATOM 427  C CB   . SER A 1 2 ? -1.779 0.601  2.185  1.00 0.00 ? 2 SER A CB   6  
ATOM 428  O OG   . SER A 1 2 ? -2.070 -0.237 1.062  1.00 0.00 ? 2 SER A OG   6  
ATOM 429  H H    . SER A 1 2 ? 0.331  1.528  0.278  1.00 0.00 ? 2 SER A H    6  
ATOM 430  H HA   . SER A 1 2 ? -0.101 1.607  3.156  1.00 0.00 ? 2 SER A HA   6  
ATOM 431  H HB2  . SER A 1 2 ? -2.006 0.079  3.118  1.00 0.00 ? 2 SER A HB2  6  
ATOM 432  H HB3  . SER A 1 2 ? -2.427 1.495  2.107  1.00 0.00 ? 2 SER A HB3  6  
ATOM 433  H HG   . SER A 1 2 ? -2.464 0.341  0.380  1.00 0.00 ? 2 SER A HG   6  
ATOM 434  N N    . PRO A 1 3 ? 0.757  -1.028 3.100  1.00 0.00 ? 3 PRO A N    6  
ATOM 435  C CA   . PRO A 1 3 ? 1.742  -2.070 2.800  1.00 0.00 ? 3 PRO A CA   6  
ATOM 436  C C    . PRO A 1 3 ? 1.254  -3.040 1.705  1.00 0.00 ? 3 PRO A C    6  
ATOM 437  O O    . PRO A 1 3 ? 2.083  -3.767 1.156  1.00 0.00 ? 3 PRO A O    6  
ATOM 438  C CB   . PRO A 1 3 ? 1.866  -2.825 4.121  1.00 0.00 ? 3 PRO A CB   6  
ATOM 439  C CG   . PRO A 1 3 ? 0.541  -2.667 4.739  1.00 0.00 ? 3 PRO A CG   6  
ATOM 440  C CD   . PRO A 1 3 ? 0.087  -1.291 4.392  1.00 0.00 ? 3 PRO A CD   6  
ATOM 441  H HA   . PRO A 1 3 ? 2.693  -1.679 2.529  1.00 0.00 ? 3 PRO A HA   6  
ATOM 442  H HB2  . PRO A 1 3 ? 2.096  -3.882 3.980  1.00 0.00 ? 3 PRO A HB2  6  
ATOM 443  H HB3  . PRO A 1 3 ? 2.640  -2.369 4.732  1.00 0.00 ? 3 PRO A HB3  6  
ATOM 444  H HG2  . PRO A 1 3 ? -0.157 -3.390 4.314  1.00 0.00 ? 3 PRO A HG2  6  
ATOM 445  H HG3  . PRO A 1 3 ? 0.619  -2.768 5.822  1.00 0.00 ? 3 PRO A HG3  6  
ATOM 446  H HD2  . PRO A 1 3 ? -0.992 -1.291 4.331  1.00 0.00 ? 3 PRO A HD2  6  
ATOM 447  H HD3  . PRO A 1 3 ? 0.439  -0.542 5.121  1.00 0.00 ? 3 PRO A HD3  6  
ATOM 448  N N    . LEU A 1 4 ? -0.046 -3.062 1.415  1.00 0.00 ? 4 LEU A N    6  
ATOM 449  C CA   . LEU A 1 4 ? -0.616 -3.998 0.446  1.00 0.00 ? 4 LEU A CA   6  
ATOM 450  C C    . LEU A 1 4 ? -0.828 -3.401 -0.963 1.00 0.00 ? 4 LEU A C    6  
ATOM 451  O O    . LEU A 1 4 ? -0.853 -4.131 -1.913 1.00 0.00 ? 4 LEU A O    6  
ATOM 452  C CB   . LEU A 1 4 ? -1.993 -4.509 0.939  1.00 0.00 ? 4 LEU A CB   6  
ATOM 453  C CG   . LEU A 1 4 ? -1.973 -5.438 2.162  1.00 0.00 ? 4 LEU A CG   6  
ATOM 454  C CD1  . LEU A 1 4 ? -3.392 -5.876 2.593  1.00 0.00 ? 4 LEU A CD1  6  
ATOM 455  C CD2  . LEU A 1 4 ? -1.117 -6.694 1.922  1.00 0.00 ? 4 LEU A CD2  6  
ATOM 456  H H    . LEU A 1 4 ? -0.654 -2.417 1.878  1.00 0.00 ? 4 LEU A H    6  
ATOM 457  H HA   . LEU A 1 4 ? 0.092  -4.822 0.335  1.00 0.00 ? 4 LEU A HA   6  
ATOM 458  H HB2  . LEU A 1 4 ? -2.599 -3.659 1.177  1.00 0.00 ? 4 LEU A HB2  6  
ATOM 459  H HB3  . LEU A 1 4 ? -2.501 -5.051 0.114  1.00 0.00 ? 4 LEU A HB3  6  
ATOM 460  H HG   . LEU A 1 4 ? -1.515 -4.891 2.977  1.00 0.00 ? 4 LEU A HG   6  
ATOM 461  H HD11 . LEU A 1 4 ? -3.324 -6.489 3.493  1.00 0.00 ? 4 LEU A HD11 6  
ATOM 462  H HD12 . LEU A 1 4 ? -3.873 -6.472 1.778  1.00 0.00 ? 4 LEU A HD12 6  
ATOM 463  H HD13 . LEU A 1 4 ? -3.978 -4.998 2.796  1.00 0.00 ? 4 LEU A HD13 6  
ATOM 464  H HD21 . LEU A 1 4 ? -1.685 -7.434 1.384  1.00 0.00 ? 4 LEU A HD21 6  
ATOM 465  H HD22 . LEU A 1 4 ? -0.823 -7.091 2.858  1.00 0.00 ? 4 LEU A HD22 6  
ATOM 466  H HD23 . LEU A 1 4 ? -0.209 -6.479 1.376  1.00 0.00 ? 4 LEU A HD23 6  
ATOM 467  N N    . PHE A 1 5 ? -1.022 -2.103 -1.072 1.00 0.00 ? 5 PHE A N    6  
ATOM 468  C CA   . PHE A 1 5 ? -1.366 -1.460 -2.352 1.00 0.00 ? 5 PHE A CA   6  
ATOM 469  C C    . PHE A 1 5 ? -0.598 -0.157 -2.278 1.00 0.00 ? 5 PHE A C    6  
ATOM 470  O O    . PHE A 1 5 ? -0.041 0.125  -1.217 1.00 0.00 ? 5 PHE A O    6  
ATOM 471  C CB   . PHE A 1 5 ? -2.893 -1.252 -2.459 1.00 0.00 ? 5 PHE A CB   6  
ATOM 472  C CG   . PHE A 1 5 ? -3.413 -0.890 -3.814 1.00 0.00 ? 5 PHE A CG   6  
ATOM 473  C CD1  . PHE A 1 5 ? -3.713 0.469  -4.121 1.00 0.00 ? 5 PHE A CD1  6  
ATOM 474  C CD2  . PHE A 1 5 ? -3.657 -1.848 -4.787 1.00 0.00 ? 5 PHE A CD2  6  
ATOM 475  C CE1  . PHE A 1 5 ? -4.219 0.829  -5.398 1.00 0.00 ? 5 PHE A CE1  6  
ATOM 476  C CE2  . PHE A 1 5 ? -4.185 -1.498 -6.077 1.00 0.00 ? 5 PHE A CE2  6  
ATOM 477  C CZ   . PHE A 1 5 ? -4.470 -0.152 -6.373 1.00 0.00 ? 5 PHE A CZ   6  
ATOM 478  H H    . PHE A 1 5 ? -0.979 -1.485 -0.230 1.00 0.00 ? 5 PHE A H    6  
ATOM 479  H HA   . PHE A 1 5 ? -1.008 -2.067 -3.184 1.00 0.00 ? 5 PHE A HA   6  
ATOM 480  H HB2  . PHE A 1 5 ? -3.395 -2.165 -2.140 1.00 0.00 ? 5 PHE A HB2  6  
ATOM 481  H HB3  . PHE A 1 5 ? -3.169 -0.453 -1.791 1.00 0.00 ? 5 PHE A HB3  6  
ATOM 482  H HD1  . PHE A 1 5 ? -3.516 1.211  -3.348 1.00 0.00 ? 5 PHE A HD1  6  
ATOM 483  H HD2  . PHE A 1 5 ? -3.469 -2.892 -4.534 1.00 0.00 ? 5 PHE A HD2  6  
ATOM 484  H HE1  . PHE A 1 5 ? -4.459 1.858  -5.649 1.00 0.00 ? 5 PHE A HE1  6  
ATOM 485  H HE2  . PHE A 1 5 ? -4.360 -2.239 -6.836 1.00 0.00 ? 5 PHE A HE2  6  
ATOM 486  H HZ   . PHE A 1 5 ? -4.873 0.117  -7.343 1.00 0.00 ? 5 PHE A HZ   6  
ATOM 487  N N    . ASP A 1 6 ? -0.598 0.640  -3.334 1.00 0.00 ? 6 ASP A N    6  
ATOM 488  C CA   . ASP A 1 6 ? 0.042  1.982  -3.297 1.00 0.00 ? 6 ASP A CA   6  
ATOM 489  C C    . ASP A 1 6 ? -0.490 2.850  -2.154 1.00 0.00 ? 6 ASP A C    6  
ATOM 490  O O    . ASP A 1 6 ? -1.666 3.167  -2.100 1.00 0.00 ? 6 ASP A O    6  
ATOM 491  C CB   . ASP A 1 6 ? -0.210 2.697  -4.628 1.00 0.00 ? 6 ASP A CB   6  
ATOM 492  C CG   . ASP A 1 6 ? 0.994  2.602  -5.584 1.00 0.00 ? 6 ASP A CG   6  
ATOM 493  O OD1  . ASP A 1 6 ? 1.092  3.453  -6.494 1.00 0.00 ? 6 ASP A OD1  6  
ATOM 494  O OD2  . ASP A 1 6 ? 1.813  1.695  -5.421 1.00 0.00 ? 6 ASP A OD2  6  
ATOM 495  H H    . ASP A 1 6 ? -1.073 0.351  -4.182 1.00 0.00 ? 6 ASP A H    6  
ATOM 496  H HA   . ASP A 1 6 ? 1.134  1.870  -3.140 1.00 0.00 ? 6 ASP A HA   6  
ATOM 497  H HB2  . ASP A 1 6 ? -1.076 2.274  -5.120 1.00 0.00 ? 6 ASP A HB2  6  
ATOM 498  H HB3  . ASP A 1 6 ? -0.443 3.745  -4.426 1.00 0.00 ? 6 ASP A HB3  6  
ATOM 499  N N    . GLY A 1 1 ? 0.020  2.171  -1.163 1.00 0.00 ? 1 GLY A N    7  
ATOM 500  C CA   . GLY A 1 1 ? 0.396  2.767  0.095  1.00 0.00 ? 1 GLY A CA   7  
ATOM 501  C C    . GLY A 1 1 ? 1.540  2.016  0.701  1.00 0.00 ? 1 GLY A C    7  
ATOM 502  O O    . GLY A 1 1 ? 2.307  1.426  -0.020 1.00 0.00 ? 1 GLY A O    7  
ATOM 503  H H1   . GLY A 1 1 ? 0.593  1.364  -1.515 1.00 0.00 ? 1 GLY A H1   7  
ATOM 504  H HA2  . GLY A 1 1 ? 0.689  3.799  -0.063 1.00 0.00 ? 1 GLY A HA2  7  
ATOM 505  H HA3  . GLY A 1 1 ? -0.450 2.714  0.758  1.00 0.00 ? 1 GLY A HA3  7  
ATOM 506  N N    . SER A 1 2 ? 1.647  1.996  2.011  1.00 0.00 ? 2 SER A N    7  
ATOM 507  C CA   . SER A 1 2 ? 2.678  1.156  2.628  1.00 0.00 ? 2 SER A CA   7  
ATOM 508  C C    . SER A 1 2 ? 2.067  -0.243 2.942  1.00 0.00 ? 2 SER A C    7  
ATOM 509  O O    . SER A 1 2 ? 2.630  -1.260 2.552  1.00 0.00 ? 2 SER A O    7  
ATOM 510  C CB   . SER A 1 2 ? 3.209  1.763  3.916  1.00 0.00 ? 2 SER A CB   7  
ATOM 511  O OG   . SER A 1 2 ? 2.978  3.142  3.950  1.00 0.00 ? 2 SER A OG   7  
ATOM 512  H H    . SER A 1 2 ? 1.031  2.567  2.577  1.00 0.00 ? 2 SER A H    7  
ATOM 513  H HA   . SER A 1 2 ? 3.511  1.009  1.928  1.00 0.00 ? 2 SER A HA   7  
ATOM 514  H HB2  . SER A 1 2 ? 2.695  1.294  4.741  1.00 0.00 ? 2 SER A HB2  7  
ATOM 515  H HB3  . SER A 1 2 ? 4.277  1.588  4.024  1.00 0.00 ? 2 SER A HB3  7  
ATOM 516  H HG   . SER A 1 2 ? 3.567  3.563  3.307  1.00 0.00 ? 2 SER A HG   7  
ATOM 517  N N    . PRO A 1 3 ? 0.899  -0.322 3.650  1.00 0.00 ? 3 PRO A N    7  
ATOM 518  C CA   . PRO A 1 3 ? 0.358  -1.682 3.814  1.00 0.00 ? 3 PRO A CA   7  
ATOM 519  C C    . PRO A 1 3 ? -0.270 -2.279 2.544  1.00 0.00 ? 3 PRO A C    7  
ATOM 520  O O    . PRO A 1 3 ? -0.576 -3.446 2.456  1.00 0.00 ? 3 PRO A O    7  
ATOM 521  C CB   . PRO A 1 3 ? -0.769 -1.460 4.862  1.00 0.00 ? 3 PRO A CB   7  
ATOM 522  C CG   . PRO A 1 3 ? -0.453 -0.113 5.451  1.00 0.00 ? 3 PRO A CG   7  
ATOM 523  C CD   . PRO A 1 3 ? 0.010  0.667  4.312  1.00 0.00 ? 3 PRO A CD   7  
ATOM 524  H HA   . PRO A 1 3 ? 1.158  -2.329 4.196  1.00 0.00 ? 3 PRO A HA   7  
ATOM 525  H HB2  . PRO A 1 3 ? -1.757 -1.418 4.375  1.00 0.00 ? 3 PRO A HB2  7  
ATOM 526  H HB3  . PRO A 1 3 ? -0.734 -2.216 5.619  1.00 0.00 ? 3 PRO A HB3  7  
ATOM 527  H HG2  . PRO A 1 3 ? -1.341 0.349  5.896  1.00 0.00 ? 3 PRO A HG2  7  
ATOM 528  H HG3  . PRO A 1 3 ? 0.362  -0.236 6.172  1.00 0.00 ? 3 PRO A HG3  7  
ATOM 529  H HD2  . PRO A 1 3 ? -0.819 1.001  3.649  1.00 0.00 ? 3 PRO A HD2  7  
ATOM 530  H HD3  . PRO A 1 3 ? 0.565  1.540  4.674  1.00 0.00 ? 3 PRO A HD3  7  
ATOM 531  N N    . LEU A 1 4 ? -0.518 -1.412 1.566  1.00 0.00 ? 4 LEU A N    7  
ATOM 532  C CA   . LEU A 1 4 ? -1.210 -1.772 0.350  1.00 0.00 ? 4 LEU A CA   7  
ATOM 533  C C    . LEU A 1 4 ? -0.288 -1.509 -0.824 1.00 0.00 ? 4 LEU A C    7  
ATOM 534  O O    . LEU A 1 4 ? 0.748  -0.889 -0.686 1.00 0.00 ? 4 LEU A O    7  
ATOM 535  C CB   . LEU A 1 4 ? -2.446 -0.887 0.172  1.00 0.00 ? 4 LEU A CB   7  
ATOM 536  C CG   . LEU A 1 4 ? -3.471 -0.941 1.296  1.00 0.00 ? 4 LEU A CG   7  
ATOM 537  C CD1  . LEU A 1 4 ? -4.564 0.094  0.970  1.00 0.00 ? 4 LEU A CD1  7  
ATOM 538  C CD2  . LEU A 1 4 ? -4.080 -2.337 1.506  1.00 0.00 ? 4 LEU A CD2  7  
ATOM 539  H H    . LEU A 1 4 ? -0.215 -0.428 1.664  1.00 0.00 ? 4 LEU A H    7  
ATOM 540  H HA   . LEU A 1 4 ? -1.499 -2.831 0.398  1.00 0.00 ? 4 LEU A HA   7  
ATOM 541  H HB2  . LEU A 1 4 ? -2.102 0.166  0.077  1.00 0.00 ? 4 LEU A HB2  7  
ATOM 542  H HB3  . LEU A 1 4 ? -2.952 -1.176 -0.734 1.00 0.00 ? 4 LEU A HB3  7  
ATOM 543  H HG   . LEU A 1 4 ? -2.967 -0.640 2.231  1.00 0.00 ? 4 LEU A HG   7  
ATOM 544  H HD11 . LEU A 1 4 ? -5.188 -0.247 0.119  1.00 0.00 ? 4 LEU A HD11 7  
ATOM 545  H HD12 . LEU A 1 4 ? -4.118 1.071  0.710  1.00 0.00 ? 4 LEU A HD12 7  
ATOM 546  H HD13 . LEU A 1 4 ? -5.207 0.239  1.848  1.00 0.00 ? 4 LEU A HD13 7  
ATOM 547  H HD21 . LEU A 1 4 ? -3.313 -3.054 1.829  1.00 0.00 ? 4 LEU A HD21 7  
ATOM 548  H HD22 . LEU A 1 4 ? -4.543 -2.693 0.579  1.00 0.00 ? 4 LEU A HD22 7  
ATOM 549  H HD23 . LEU A 1 4 ? -4.852 -2.291 2.287  1.00 0.00 ? 4 LEU A HD23 7  
ATOM 550  N N    . PHE A 1 5 ? -0.679 -1.953 -1.987 1.00 0.00 ? 5 PHE A N    7  
ATOM 551  C CA   . PHE A 1 5 ? 0.117  -1.684 -3.191 1.00 0.00 ? 5 PHE A CA   7  
ATOM 552  C C    . PHE A 1 5 ? -0.047 -0.183 -3.543 1.00 0.00 ? 5 PHE A C    7  
ATOM 553  O O    . PHE A 1 5 ? 0.710  0.362  -4.305 1.00 0.00 ? 5 PHE A O    7  
ATOM 554  C CB   . PHE A 1 5 ? -0.330 -2.569 -4.356 1.00 0.00 ? 5 PHE A CB   7  
ATOM 555  C CG   . PHE A 1 5 ? -1.728 -2.282 -4.826 1.00 0.00 ? 5 PHE A CG   7  
ATOM 556  C CD1  . PHE A 1 5 ? -1.932 -1.319 -5.827 1.00 0.00 ? 5 PHE A CD1  7  
ATOM 557  C CD2  . PHE A 1 5 ? -2.831 -2.945 -4.288 1.00 0.00 ? 5 PHE A CD2  7  
ATOM 558  C CE1  . PHE A 1 5 ? -3.245 -1.046 -6.315 1.00 0.00 ? 5 PHE A CE1  7  
ATOM 559  C CE2  . PHE A 1 5 ? -4.139 -2.663 -4.748 1.00 0.00 ? 5 PHE A CE2  7  
ATOM 560  C CZ   . PHE A 1 5 ? -4.347 -1.720 -5.761 1.00 0.00 ? 5 PHE A CZ   7  
ATOM 561  H H    . PHE A 1 5 ? -1.522 -2.477 -2.088 1.00 0.00 ? 5 PHE A H    7  
ATOM 562  H HA   . PHE A 1 5 ? 1.184  -1.903 -2.978 1.00 0.00 ? 5 PHE A HA   7  
ATOM 563  H HB2  . PHE A 1 5 ? 0.367  -2.413 -5.189 1.00 0.00 ? 5 PHE A HB2  7  
ATOM 564  H HB3  . PHE A 1 5 ? -0.284 -3.613 -4.077 1.00 0.00 ? 5 PHE A HB3  7  
ATOM 565  H HD1  . PHE A 1 5 ? -1.096 -0.803 -6.259 1.00 0.00 ? 5 PHE A HD1  7  
ATOM 566  H HD2  . PHE A 1 5 ? -2.703 -3.650 -3.524 1.00 0.00 ? 5 PHE A HD2  7  
ATOM 567  H HE1  . PHE A 1 5 ? -3.392 -0.314 -7.097 1.00 0.00 ? 5 PHE A HE1  7  
ATOM 568  H HE2  . PHE A 1 5 ? -4.990 -3.158 -4.341 1.00 0.00 ? 5 PHE A HE2  7  
ATOM 569  H HZ   . PHE A 1 5 ? -5.332 -1.480 -6.118 1.00 0.00 ? 5 PHE A HZ   7  
ATOM 570  N N    . ASP A 1 6 ? -1.047 0.469  -2.981 1.00 0.00 ? 6 ASP A N    7  
ATOM 571  C CA   . ASP A 1 6 ? -1.308 1.892  -3.186 1.00 0.00 ? 6 ASP A CA   7  
ATOM 572  C C    . ASP A 1 6 ? -1.035 2.617  -1.829 1.00 0.00 ? 6 ASP A C    7  
ATOM 573  O O    . ASP A 1 6 ? -1.755 3.502  -1.365 1.00 0.00 ? 6 ASP A O    7  
ATOM 574  C CB   . ASP A 1 6 ? -2.766 2.090  -3.583 1.00 0.00 ? 6 ASP A CB   7  
ATOM 575  C CG   . ASP A 1 6 ? -3.070 3.537  -3.997 1.00 0.00 ? 6 ASP A CG   7  
ATOM 576  O OD1  . ASP A 1 6 ? -2.133 4.339  -4.230 1.00 0.00 ? 6 ASP A OD1  7  
ATOM 577  O OD2  . ASP A 1 6 ? -4.275 3.831  -4.102 1.00 0.00 ? 6 ASP A OD2  7  
ATOM 578  H H    . ASP A 1 6 ? -1.695 -0.048 -2.363 1.00 0.00 ? 6 ASP A H    7  
ATOM 579  H HA   . ASP A 1 6 ? -0.632 2.269  -3.971 1.00 0.00 ? 6 ASP A HA   7  
ATOM 580  H HB2  . ASP A 1 6 ? -3.031 1.433  -4.412 1.00 0.00 ? 6 ASP A HB2  7  
ATOM 581  H HB3  . ASP A 1 6 ? -3.412 1.836  -2.714 1.00 0.00 ? 6 ASP A HB3  7  
ATOM 582  N N    . GLY A 1 1 ? 0.473  3.361  -1.302 1.00 0.00 ? 1 GLY A N    8  
ATOM 583  C CA   . GLY A 1 1 ? 0.107  4.182  -0.161 1.00 0.00 ? 1 GLY A CA   8  
ATOM 584  C C    . GLY A 1 1 ? -0.215 3.406  1.090  1.00 0.00 ? 1 GLY A C    8  
ATOM 585  O O    . GLY A 1 1 ? -0.634 3.942  2.095  1.00 0.00 ? 1 GLY A O    8  
ATOM 586  H H1   . GLY A 1 1 ? 1.453  3.193  -1.497 1.00 0.00 ? 1 GLY A H1   8  
ATOM 587  H HA2  . GLY A 1 1 ? 0.922  4.888  0.064  1.00 0.00 ? 1 GLY A HA2  8  
ATOM 588  H HA3  . GLY A 1 1 ? -0.781 4.754  -0.391 1.00 0.00 ? 1 GLY A HA3  8  
ATOM 589  N N    . SER A 1 2 ? -0.014 2.097  0.998  1.00 0.00 ? 2 SER A N    8  
ATOM 590  C CA   . SER A 1 2 ? -0.288 1.159  2.078  1.00 0.00 ? 2 SER A CA   8  
ATOM 591  C C    . SER A 1 2 ? 0.689  -0.025 1.998  1.00 0.00 ? 2 SER A C    8  
ATOM 592  O O    . SER A 1 2 ? 1.426  -0.140 1.037  1.00 0.00 ? 2 SER A O    8  
ATOM 593  C CB   . SER A 1 2 ? -1.716 0.613  1.919  1.00 0.00 ? 2 SER A CB   8  
ATOM 594  O OG   . SER A 1 2 ? -2.684 1.648  1.963  1.00 0.00 ? 2 SER A OG   8  
ATOM 595  H H    . SER A 1 2 ? 0.328  1.690  0.113  1.00 0.00 ? 2 SER A H    8  
ATOM 596  H HA   . SER A 1 2 ? -0.193 1.675  3.051  1.00 0.00 ? 2 SER A HA   8  
ATOM 597  H HB2  . SER A 1 2 ? -1.797 0.075  0.967  1.00 0.00 ? 2 SER A HB2  8  
ATOM 598  H HB3  . SER A 1 2 ? -1.926 -0.064 2.727  1.00 0.00 ? 2 SER A HB3  8  
ATOM 599  H HG   . SER A 1 2 ? -2.501 2.274  1.221  1.00 0.00 ? 2 SER A HG   8  
ATOM 600  N N    . PRO A 1 3 ? 0.705  -0.923 2.997  1.00 0.00 ? 3 PRO A N    8  
ATOM 601  C CA   . PRO A 1 3 ? 1.634  -2.038 2.755  1.00 0.00 ? 3 PRO A CA   8  
ATOM 602  C C    . PRO A 1 3 ? 1.229  -3.009 1.638  1.00 0.00 ? 3 PRO A C    8  
ATOM 603  O O    . PRO A 1 3 ? 2.093  -3.678 1.059  1.00 0.00 ? 3 PRO A O    8  
ATOM 604  C CB   . PRO A 1 3 ? 1.681  -2.734 4.132  1.00 0.00 ? 3 PRO A CB   8  
ATOM 605  C CG   . PRO A 1 3 ? 0.337  -2.468 4.710  1.00 0.00 ? 3 PRO A CG   8  
ATOM 606  C CD   . PRO A 1 3 ? 0.032  -1.035 4.311  1.00 0.00 ? 3 PRO A CD   8  
ATOM 607  H HA   . PRO A 1 3 ? 2.609  -1.617 2.525  1.00 0.00 ? 3 PRO A HA   8  
ATOM 608  H HB2  . PRO A 1 3 ? 1.850  -3.795 4.012  1.00 0.00 ? 3 PRO A HB2  8  
ATOM 609  H HB3  . PRO A 1 3 ? 2.439  -2.285 4.762  1.00 0.00 ? 3 PRO A HB3  8  
ATOM 610  H HG2  . PRO A 1 3 ? -0.400 -3.132 4.290  1.00 0.00 ? 3 PRO A HG2  8  
ATOM 611  H HG3  . PRO A 1 3 ? 0.373  -2.544 5.805  1.00 0.00 ? 3 PRO A HG3  8  
ATOM 612  H HD2  . PRO A 1 3 ? -1.048 -0.877 4.246  1.00 0.00 ? 3 PRO A HD2  8  
ATOM 613  H HD3  . PRO A 1 3 ? 0.488  -0.345 5.011  1.00 0.00 ? 3 PRO A HD3  8  
ATOM 614  N N    . LEU A 1 4 ? -0.077 -3.121 1.357  1.00 0.00 ? 4 LEU A N    8  
ATOM 615  C CA   . LEU A 1 4 ? -0.537 -4.092 0.353  1.00 0.00 ? 4 LEU A CA   8  
ATOM 616  C C    . LEU A 1 4 ? -0.736 -3.473 -1.060 1.00 0.00 ? 4 LEU A C    8  
ATOM 617  O O    . LEU A 1 4 ? -0.595 -4.117 -2.068 1.00 0.00 ? 4 LEU A O    8  
ATOM 618  C CB   . LEU A 1 4 ? -1.915 -4.624 0.764  1.00 0.00 ? 4 LEU A CB   8  
ATOM 619  C CG   . LEU A 1 4 ? -1.980 -5.881 1.640  1.00 0.00 ? 4 LEU A CG   8  
ATOM 620  C CD1  . LEU A 1 4 ? -1.280 -5.759 3.041  1.00 0.00 ? 4 LEU A CD1  8  
ATOM 621  C CD2  . LEU A 1 4 ? -3.393 -6.262 1.811  1.00 0.00 ? 4 LEU A CD2  8  
ATOM 622  H H    . LEU A 1 4 ? -0.743 -2.539 1.819  1.00 0.00 ? 4 LEU A H    8  
ATOM 623  H HA   . LEU A 1 4 ? 0.172  -4.915 0.318  1.00 0.00 ? 4 LEU A HA   8  
ATOM 624  H HB2  . LEU A 1 4 ? -2.452 -3.823 1.285  1.00 0.00 ? 4 LEU A HB2  8  
ATOM 625  H HB3  . LEU A 1 4 ? -2.472 -4.841 -0.151 1.00 0.00 ? 4 LEU A HB3  8  
ATOM 626  H HG   . LEU A 1 4 ? -1.497 -6.698 1.098  1.00 0.00 ? 4 LEU A HG   8  
ATOM 627  H HD11 . LEU A 1 4 ? -1.435 -6.679 3.606  1.00 0.00 ? 4 LEU A HD11 8  
ATOM 628  H HD12 . LEU A 1 4 ? -1.696 -4.926 3.610  1.00 0.00 ? 4 LEU A HD12 8  
ATOM 629  H HD13 . LEU A 1 4 ? -0.213 -5.603 2.898  1.00 0.00 ? 4 LEU A HD13 8  
ATOM 630  H HD21 . LEU A 1 4 ? -3.886 -6.332 0.816  1.00 0.00 ? 4 LEU A HD21 8  
ATOM 631  H HD22 . LEU A 1 4 ? -3.923 -5.533 2.402  1.00 0.00 ? 4 LEU A HD22 8  
ATOM 632  H HD23 . LEU A 1 4 ? -3.452 -7.238 2.289  1.00 0.00 ? 4 LEU A HD23 8  
ATOM 633  N N    . PHE A 1 5 ? -1.099 -2.200 -1.113 1.00 0.00 ? 5 PHE A N    8  
ATOM 634  C CA   . PHE A 1 5 ? -1.360 -1.482 -2.362 1.00 0.00 ? 5 PHE A CA   8  
ATOM 635  C C    . PHE A 1 5 ? -0.686 -0.170 -2.185 1.00 0.00 ? 5 PHE A C    8  
ATOM 636  O O    . PHE A 1 5 ? -0.235 0.122  -1.115 1.00 0.00 ? 5 PHE A O    8  
ATOM 637  C CB   . PHE A 1 5 ? -2.871 -1.260 -2.605 1.00 0.00 ? 5 PHE A CB   8  
ATOM 638  C CG   . PHE A 1 5 ? -3.631 -2.527 -2.859 1.00 0.00 ? 5 PHE A CG   8  
ATOM 639  C CD1  . PHE A 1 5 ? -3.604 -3.139 -4.122 1.00 0.00 ? 5 PHE A CD1  8  
ATOM 640  C CD2  . PHE A 1 5 ? -4.375 -3.124 -1.823 1.00 0.00 ? 5 PHE A CD2  8  
ATOM 641  C CE1  . PHE A 1 5 ? -4.315 -4.354 -4.356 1.00 0.00 ? 5 PHE A CE1  8  
ATOM 642  C CE2  . PHE A 1 5 ? -5.078 -4.333 -2.048 1.00 0.00 ? 5 PHE A CE2  8  
ATOM 643  C CZ   . PHE A 1 5 ? -5.066 -4.947 -3.315 1.00 0.00 ? 5 PHE A CZ   8  
ATOM 644  H H    . PHE A 1 5 ? -1.152 -1.642 -0.263 1.00 0.00 ? 5 PHE A H    8  
ATOM 645  H HA   . PHE A 1 5 ? -0.929 -2.015 -3.211 1.00 0.00 ? 5 PHE A HA   8  
ATOM 646  H HB2  . PHE A 1 5 ? -3.300 -0.743 -1.758 1.00 0.00 ? 5 PHE A HB2  8  
ATOM 647  H HB3  . PHE A 1 5 ? -2.991 -0.604 -3.474 1.00 0.00 ? 5 PHE A HB3  8  
ATOM 648  H HD1  . PHE A 1 5 ? -3.034 -2.679 -4.930 1.00 0.00 ? 5 PHE A HD1  8  
ATOM 649  H HD2  . PHE A 1 5 ? -4.430 -2.703 -0.840 1.00 0.00 ? 5 PHE A HD2  8  
ATOM 650  H HE1  . PHE A 1 5 ? -4.270 -4.807 -5.323 1.00 0.00 ? 5 PHE A HE1  8  
ATOM 651  H HE2  . PHE A 1 5 ? -5.636 -4.760 -1.253 1.00 0.00 ? 5 PHE A HE2  8  
ATOM 652  H HZ   . PHE A 1 5 ? -5.605 -5.838 -3.500 1.00 0.00 ? 5 PHE A HZ   8  
ATOM 653  N N    . ASP A 1 6 ? -0.596 0.615  -3.228 1.00 0.00 ? 6 ASP A N    8  
ATOM 654  C CA   . ASP A 1 6 ? 0.113  1.907  -3.186 1.00 0.00 ? 6 ASP A CA   8  
ATOM 655  C C    . ASP A 1 6 ? -0.449 2.825  -2.072 1.00 0.00 ? 6 ASP A C    8  
ATOM 656  O O    . ASP A 1 6 ? -1.646 3.014  -1.901 1.00 0.00 ? 6 ASP A O    8  
ATOM 657  C CB   . ASP A 1 6 ? 0.021  2.624  -4.568 1.00 0.00 ? 6 ASP A CB   8  
ATOM 658  C CG   . ASP A 1 6 ? -1.422 3.060  -4.916 1.00 0.00 ? 6 ASP A CG   8  
ATOM 659  O OD1  . ASP A 1 6 ? -2.291 2.181  -5.069 1.00 0.00 ? 6 ASP A OD1  8  
ATOM 660  O OD2  . ASP A 1 6 ? -1.642 4.282  -5.023 1.00 0.00 ? 6 ASP A OD2  8  
ATOM 661  H H    . ASP A 1 6 ? -1.005 0.344  -4.087 1.00 0.00 ? 6 ASP A H    8  
ATOM 662  H HA   . ASP A 1 6 ? 1.168  1.699  -2.963 1.00 0.00 ? 6 ASP A HA   8  
ATOM 663  H HB2  . ASP A 1 6 ? 0.662  3.515  -4.557 1.00 0.00 ? 6 ASP A HB2  8  
ATOM 664  H HB3  . ASP A 1 6 ? 0.394  1.938  -5.331 1.00 0.00 ? 6 ASP A HB3  8  
ATOM 665  N N    . GLY A 1 1 ? 0.486  2.758  -1.524 1.00 0.00 ? 1 GLY A N    9  
ATOM 666  C CA   . GLY A 1 1 ? 0.924  3.438  -0.300 1.00 0.00 ? 1 GLY A CA   9  
ATOM 667  C C    . GLY A 1 1 ? 0.573  2.749  0.995  1.00 0.00 ? 1 GLY A C    9  
ATOM 668  O O    . GLY A 1 1 ? 1.206  2.967  2.042  1.00 0.00 ? 1 GLY A O    9  
ATOM 669  H H1   . GLY A 1 1 ? 1.155  2.105  -1.995 1.00 0.00 ? 1 GLY A H1   9  
ATOM 670  H HA2  . GLY A 1 1 ? 2.005  3.565  -0.331 1.00 0.00 ? 1 GLY A HA2  9  
ATOM 671  H HA3  . GLY A 1 1 ? 0.475  4.435  -0.272 1.00 0.00 ? 1 GLY A HA3  9  
ATOM 672  N N    . SER A 1 2 ? -0.423 1.888  0.919  1.00 0.00 ? 2 SER A N    9  
ATOM 673  C CA   . SER A 1 2 ? -0.816 1.083  2.051  1.00 0.00 ? 2 SER A CA   9  
ATOM 674  C C    . SER A 1 2 ? 0.201  -0.072 2.141  1.00 0.00 ? 2 SER A C    9  
ATOM 675  O O    . SER A 1 2 ? 0.958  -0.267 1.198  1.00 0.00 ? 2 SER A O    9  
ATOM 676  C CB   . SER A 1 2 ? -2.245 0.603  1.820  1.00 0.00 ? 2 SER A CB   9  
ATOM 677  O OG   . SER A 1 2 ? -3.088 1.721  1.597  1.00 0.00 ? 2 SER A OG   9  
ATOM 678  H H    . SER A 1 2 ? -0.930 1.771  0.053  1.00 0.00 ? 2 SER A H    9  
ATOM 679  H HA   . SER A 1 2 ? -0.781 1.692  2.972  1.00 0.00 ? 2 SER A HA   9  
ATOM 680  H HB2  . SER A 1 2 ? -2.279 -0.010 0.893  1.00 0.00 ? 2 SER A HB2  9  
ATOM 681  H HB3  . SER A 1 2 ? -2.581 0.015  2.652  1.00 0.00 ? 2 SER A HB3  9  
ATOM 682  H HG   . SER A 1 2 ? -3.551 1.603  0.752  1.00 0.00 ? 2 SER A HG   9  
ATOM 683  N N    . PRO A 1 3 ? 0.234  -0.835 3.240  1.00 0.00 ? 3 PRO A N    9  
ATOM 684  C CA   . PRO A 1 3 ? 1.186  -1.965 3.313  1.00 0.00 ? 3 PRO A CA   9  
ATOM 685  C C    . PRO A 1 3 ? 1.047  -3.006 2.190  1.00 0.00 ? 3 PRO A C    9  
ATOM 686  O O    . PRO A 1 3 ? 1.991  -3.738 1.918  1.00 0.00 ? 3 PRO A O    9  
ATOM 687  C CB   . PRO A 1 3 ? 0.863  -2.631 4.654  1.00 0.00 ? 3 PRO A CB   9  
ATOM 688  C CG   . PRO A 1 3 ? 0.255  -1.531 5.465  1.00 0.00 ? 3 PRO A CG   9  
ATOM 689  C CD   . PRO A 1 3 ? -0.565 -0.766 4.476  1.00 0.00 ? 3 PRO A CD   9  
ATOM 690  H HA   . PRO A 1 3 ? 2.208  -1.596 3.306  1.00 0.00 ? 3 PRO A HA   9  
ATOM 691  H HB2  . PRO A 1 3 ? 0.138  -3.439 4.469  1.00 0.00 ? 3 PRO A HB2  9  
ATOM 692  H HB3  . PRO A 1 3 ? 1.753  -3.002 5.176  1.00 0.00 ? 3 PRO A HB3  9  
ATOM 693  H HG2  . PRO A 1 3 ? -0.377 -1.951 6.252  1.00 0.00 ? 3 PRO A HG2  9  
ATOM 694  H HG3  . PRO A 1 3 ? 1.026  -0.877 5.897  1.00 0.00 ? 3 PRO A HG3  9  
ATOM 695  H HD2  . PRO A 1 3 ? -1.538 -1.256 4.323  1.00 0.00 ? 3 PRO A HD2  9  
ATOM 696  H HD3  . PRO A 1 3 ? -0.662 0.274  4.812  1.00 0.00 ? 3 PRO A HD3  9  
ATOM 697  N N    . LEU A 1 4 ? -0.120 -3.059 1.567  1.00 0.00 ? 4 LEU A N    9  
ATOM 698  C CA   . LEU A 1 4 ? -0.325 -3.969 0.437  1.00 0.00 ? 4 LEU A CA   9  
ATOM 699  C C    . LEU A 1 4 ? -0.057 -3.239 -0.893 1.00 0.00 ? 4 LEU A C    9  
ATOM 700  O O    . LEU A 1 4 ? 0.807  -3.658 -1.656 1.00 0.00 ? 4 LEU A O    9  
ATOM 701  C CB   . LEU A 1 4 ? -1.732 -4.559 0.422  1.00 0.00 ? 4 LEU A CB   9  
ATOM 702  C CG   . LEU A 1 4 ? -1.995 -5.518 -0.757 1.00 0.00 ? 4 LEU A CG   9  
ATOM 703  C CD1  . LEU A 1 4 ? -0.954 -6.645 -0.754 1.00 0.00 ? 4 LEU A CD1  9  
ATOM 704  C CD2  . LEU A 1 4 ? -3.422 -6.108 -0.673 1.00 0.00 ? 4 LEU A CD2  9  
ATOM 705  H H    . LEU A 1 4 ? -0.871 -2.432 1.843  1.00 0.00 ? 4 LEU A H    9  
ATOM 706  H HA   . LEU A 1 4 ? 0.387  -4.803 0.529  1.00 0.00 ? 4 LEU A HA   9  
ATOM 707  H HB2  . LEU A 1 4 ? -1.914 -5.102 1.356  1.00 0.00 ? 4 LEU A HB2  9  
ATOM 708  H HB3  . LEU A 1 4 ? -2.449 -3.736 0.350  1.00 0.00 ? 4 LEU A HB3  9  
ATOM 709  H HG   . LEU A 1 4 ? -1.899 -4.969 -1.676 1.00 0.00 ? 4 LEU A HG   9  
ATOM 710  H HD11 . LEU A 1 4 ? -1.296 -7.467 -1.400 1.00 0.00 ? 4 LEU A HD11 9  
ATOM 711  H HD12 . LEU A 1 4 ? -0.801 -7.003 0.255  1.00 0.00 ? 4 LEU A HD12 9  
ATOM 712  H HD13 . LEU A 1 4 ? -0.008 -6.257 -1.154 1.00 0.00 ? 4 LEU A HD13 9  
ATOM 713  H HD21 . LEU A 1 4 ? -3.562 -6.823 -1.484 1.00 0.00 ? 4 LEU A HD21 9  
ATOM 714  H HD22 . LEU A 1 4 ? -4.160 -5.316 -0.760 1.00 0.00 ? 4 LEU A HD22 9  
ATOM 715  H HD23 . LEU A 1 4 ? -3.542 -6.642 0.278  1.00 0.00 ? 4 LEU A HD23 9  
ATOM 716  N N    . PHE A 1 5 ? -0.797 -2.158 -1.154 1.00 0.00 ? 5 PHE A N    9  
ATOM 717  C CA   . PHE A 1 5 ? -0.672 -1.427 -2.428 1.00 0.00 ? 5 PHE A CA   9  
ATOM 718  C C    . PHE A 1 5 ? -1.101 0.018  -2.289 1.00 0.00 ? 5 PHE A C    9  
ATOM 719  O O    . PHE A 1 5 ? -1.775 0.361  -1.344 1.00 0.00 ? 5 PHE A O    9  
ATOM 720  C CB   . PHE A 1 5 ? -1.510 -2.110 -3.537 1.00 0.00 ? 5 PHE A CB   9  
ATOM 721  C CG   . PHE A 1 5 ? -3.022 -1.882 -3.400 1.00 0.00 ? 5 PHE A CG   9  
ATOM 722  C CD1  . PHE A 1 5 ? -3.708 -1.069 -4.329 1.00 0.00 ? 5 PHE A CD1  9  
ATOM 723  C CD2  . PHE A 1 5 ? -3.737 -2.468 -2.344 1.00 0.00 ? 5 PHE A CD2  9  
ATOM 724  C CE1  . PHE A 1 5 ? -5.117 -0.892 -4.218 1.00 0.00 ? 5 PHE A CE1  9  
ATOM 725  C CE2  . PHE A 1 5 ? -5.133 -2.247 -2.218 1.00 0.00 ? 5 PHE A CE2  9  
ATOM 726  C CZ   . PHE A 1 5 ? -5.821 -1.470 -3.149 1.00 0.00 ? 5 PHE A CZ   9  
ATOM 727  H H    . PHE A 1 5 ? -1.446 -1.836 -0.525 1.00 0.00 ? 5 PHE A H    9  
ATOM 728  H HA   . PHE A 1 5 ? 0.376  -1.446 -2.723 1.00 0.00 ? 5 PHE A HA   9  
ATOM 729  H HB2  . PHE A 1 5 ? -1.202 -1.726 -4.491 1.00 0.00 ? 5 PHE A HB2  9  
ATOM 730  H HB3  . PHE A 1 5 ? -1.289 -3.186 -3.533 1.00 0.00 ? 5 PHE A HB3  9  
ATOM 731  H HD1  . PHE A 1 5 ? -3.184 -0.601 -5.124 1.00 0.00 ? 5 PHE A HD1  9  
ATOM 732  H HD2  . PHE A 1 5 ? -3.226 -3.095 -1.636 1.00 0.00 ? 5 PHE A HD2  9  
ATOM 733  H HE1  . PHE A 1 5 ? -5.666 -0.296 -4.952 1.00 0.00 ? 5 PHE A HE1  9  
ATOM 734  H HE2  . PHE A 1 5 ? -5.655 -2.696 -1.396 1.00 0.00 ? 5 PHE A HE2  9  
ATOM 735  H HZ   . PHE A 1 5 ? -6.883 -1.312 -3.049 1.00 0.00 ? 5 PHE A HZ   9  
ATOM 736  N N    . ASP A 1 6 ? -0.711 0.834  -3.260 1.00 0.00 ? 6 ASP A N    9  
ATOM 737  C CA   . ASP A 1 6 ? -1.067 2.262  -3.314 1.00 0.00 ? 6 ASP A CA   9  
ATOM 738  C C    . ASP A 1 6 ? -0.722 3.017  -2.042 1.00 0.00 ? 6 ASP A C    9  
ATOM 739  O O    . ASP A 1 6 ? -1.556 3.805  -1.526 1.00 0.00 ? 6 ASP A O    9  
ATOM 740  C CB   . ASP A 1 6 ? -2.577 2.441  -3.613 1.00 0.00 ? 6 ASP A CB   9  
ATOM 741  C CG   . ASP A 1 6 ? -2.911 2.130  -5.066 1.00 0.00 ? 6 ASP A CG   9  
ATOM 742  O OD1  . ASP A 1 6 ? -4.097 2.045  -5.395 1.00 0.00 ? 6 ASP A OD1  9  
ATOM 743  O OD2  . ASP A 1 6 ? -1.967 1.991  -5.870 1.00 0.00 ? 6 ASP A OD2  9  
ATOM 744  H H    . ASP A 1 6 ? -0.162 0.481  -4.047 1.00 0.00 ? 6 ASP A H    9  
ATOM 745  H HA   . ASP A 1 6 ? -0.491 2.726  -4.125 1.00 0.00 ? 6 ASP A HA   9  
ATOM 746  H HB2  . ASP A 1 6 ? -3.164 1.813  -2.937 1.00 0.00 ? 6 ASP A HB2  9  
ATOM 747  H HB3  . ASP A 1 6 ? -2.857 3.481  -3.437 1.00 0.00 ? 6 ASP A HB3  9  
ATOM 748  N N    . GLY A 1 1 ? 0.528  3.024  -1.309 1.00 0.00 ? 1 GLY A N    10 
ATOM 749  C CA   . GLY A 1 1 ? 0.615  3.846  -0.133 1.00 0.00 ? 1 GLY A CA   10 
ATOM 750  C C    . GLY A 1 1 ? 0.202  3.118  1.126  1.00 0.00 ? 1 GLY A C    10 
ATOM 751  O O    . GLY A 1 1 ? 0.545  3.565  2.183  1.00 0.00 ? 1 GLY A O    10 
ATOM 752  H H1   . GLY A 1 1 ? 1.370  2.517  -1.599 1.00 0.00 ? 1 GLY A H1   10 
ATOM 753  H HA2  . GLY A 1 1 ? 1.647  4.194  -0.019 1.00 0.00 ? 1 GLY A HA2  10 
ATOM 754  H HA3  . GLY A 1 1 ? -0.029 4.708  -0.277 1.00 0.00 ? 1 GLY A HA3  10 
ATOM 755  N N    . SER A 1 2 ? -0.452 1.993  0.990  1.00 0.00 ? 2 SER A N    10 
ATOM 756  C CA   . SER A 1 2 ? -0.794 1.147  2.104  1.00 0.00 ? 2 SER A CA   10 
ATOM 757  C C    . SER A 1 2 ? 0.243  0.019  1.963  1.00 0.00 ? 2 SER A C    10 
ATOM 758  O O    . SER A 1 2 ? 0.791  -0.171 0.888  1.00 0.00 ? 2 SER A O    10 
ATOM 759  C CB   . SER A 1 2 ? -2.215 0.600  1.962  1.00 0.00 ? 2 SER A CB   10 
ATOM 760  O OG   . SER A 1 2 ? -2.687 -0.046 3.127  1.00 0.00 ? 2 SER A OG   10 
ATOM 761  H H    . SER A 1 2 ? -0.779 1.702  0.056  1.00 0.00 ? 2 SER A H    10 
ATOM 762  H HA   . SER A 1 2 ? -0.669 1.696  3.044  1.00 0.00 ? 2 SER A HA   10 
ATOM 763  H HB2  . SER A 1 2 ? -2.845 1.449  1.716  1.00 0.00 ? 2 SER A HB2  10 
ATOM 764  H HB3  . SER A 1 2 ? -2.287 -0.120 1.125  1.00 0.00 ? 2 SER A HB3  10 
ATOM 765  H HG   . SER A 1 2 ? -3.533 0.334  3.399  1.00 0.00 ? 2 SER A HG   10 
ATOM 766  N N    . PRO A 1 3 ? 0.549  -0.755 3.029  1.00 0.00 ? 3 PRO A N    10 
ATOM 767  C CA   . PRO A 1 3 ? 1.538  -1.818 2.864  1.00 0.00 ? 3 PRO A CA   10 
ATOM 768  C C    . PRO A 1 3 ? 1.256  -2.861 1.790  1.00 0.00 ? 3 PRO A C    10 
ATOM 769  O O    . PRO A 1 3 ? 2.171  -3.500 1.315  1.00 0.00 ? 3 PRO A O    10 
ATOM 770  C CB   . PRO A 1 3 ? 1.532  -2.486 4.245  1.00 0.00 ? 3 PRO A CB   10 
ATOM 771  C CG   . PRO A 1 3 ? 1.050  -1.476 5.196  1.00 0.00 ? 3 PRO A CG   10 
ATOM 772  C CD   . PRO A 1 3 ? 0.038  -0.687 4.407  1.00 0.00 ? 3 PRO A CD   10 
ATOM 773  H HA   . PRO A 1 3 ? 2.510  -1.366 2.648  1.00 0.00 ? 3 PRO A HA   10 
ATOM 774  H HB2  . PRO A 1 3 ? 0.861  -3.332 4.218  1.00 0.00 ? 3 PRO A HB2  10 
ATOM 775  H HB3  . PRO A 1 3 ? 2.526  -2.828 4.523  1.00 0.00 ? 3 PRO A HB3  10 
ATOM 776  H HG2  . PRO A 1 3 ? 0.584  -1.956 6.065  1.00 0.00 ? 3 PRO A HG2  10 
ATOM 777  H HG3  . PRO A 1 3 ? 1.876  -0.851 5.531  1.00 0.00 ? 3 PRO A HG3  10 
ATOM 778  H HD2  . PRO A 1 3 ? -0.943 -1.127 4.480  1.00 0.00 ? 3 PRO A HD2  10 
ATOM 779  H HD3  . PRO A 1 3 ? 0.025  0.347  4.777  1.00 0.00 ? 3 PRO A HD3  10 
ATOM 780  N N    . LEU A 1 4 ? -0.023 -3.033 1.425  1.00 0.00 ? 4 LEU A N    10 
ATOM 781  C CA   . LEU A 1 4 ? -0.388 -4.001 0.405  1.00 0.00 ? 4 LEU A CA   10 
ATOM 782  C C    . LEU A 1 4 ? -0.358 -3.406 -1.001 1.00 0.00 ? 4 LEU A C    10 
ATOM 783  O O    . LEU A 1 4 ? 0.208  -4.009 -1.921 1.00 0.00 ? 4 LEU A O    10 
ATOM 784  C CB   . LEU A 1 4 ? -1.787 -4.560 0.681  1.00 0.00 ? 4 LEU A CB   10 
ATOM 785  C CG   . LEU A 1 4 ? -2.087 -5.296 2.007  1.00 0.00 ? 4 LEU A CG   10 
ATOM 786  C CD1  . LEU A 1 4 ? -3.509 -5.688 2.082  1.00 0.00 ? 4 LEU A CD1  10 
ATOM 787  C CD2  . LEU A 1 4 ? -1.188 -6.568 2.175  1.00 0.00 ? 4 LEU A CD2  10 
ATOM 788  H H    . LEU A 1 4 ? -0.759 -2.459 1.847  1.00 0.00 ? 4 LEU A H    10 
ATOM 789  H HA   . LEU A 1 4 ? 0.345  -4.813 0.463  1.00 0.00 ? 4 LEU A HA   10 
ATOM 790  H HB2  . LEU A 1 4 ? -2.488 -3.724 0.624  1.00 0.00 ? 4 LEU A HB2  10 
ATOM 791  H HB3  . LEU A 1 4 ? -2.040 -5.236 -0.125 1.00 0.00 ? 4 LEU A HB3  10 
ATOM 792  H HG   . LEU A 1 4 ? -1.883 -4.611 2.845  1.00 0.00 ? 4 LEU A HG   10 
ATOM 793  H HD11 . LEU A 1 4 ? -3.696 -6.118 3.071  1.00 0.00 ? 4 LEU A HD11 10 
ATOM 794  H HD12 . LEU A 1 4 ? -3.733 -6.439 1.294  1.00 0.00 ? 4 LEU A HD12 10 
ATOM 795  H HD13 . LEU A 1 4 ? -4.161 -4.784 1.955  1.00 0.00 ? 4 LEU A HD13 10 
ATOM 796  H HD21 . LEU A 1 4 ? -1.186 -7.138 1.243  1.00 0.00 ? 4 LEU A HD21 10 
ATOM 797  H HD22 . LEU A 1 4 ? -1.570 -7.185 2.997  1.00 0.00 ? 4 LEU A HD22 10 
ATOM 798  H HD23 . LEU A 1 4 ? -0.192 -6.253 2.393  1.00 0.00 ? 4 LEU A HD23 10 
ATOM 799  N N    . PHE A 1 5 ? -0.991 -2.237 -1.160 1.00 0.00 ? 5 PHE A N    10 
ATOM 800  C CA   . PHE A 1 5 ? -1.110 -1.560 -2.452 1.00 0.00 ? 5 PHE A CA   10 
ATOM 801  C C    . PHE A 1 5 ? -1.138 -0.061 -2.232 1.00 0.00 ? 5 PHE A C    10 
ATOM 802  O O    . PHE A 1 5 ? -1.661 0.415  -1.230 1.00 0.00 ? 5 PHE A O    10 
ATOM 803  C CB   . PHE A 1 5 ? -2.423 -1.948 -3.137 1.00 0.00 ? 5 PHE A CB   10 
ATOM 804  C CG   . PHE A 1 5 ? -2.516 -3.411 -3.515 1.00 0.00 ? 5 PHE A CG   10 
ATOM 805  C CD1  . PHE A 1 5 ? -3.285 -4.314 -2.749 1.00 0.00 ? 5 PHE A CD1  10 
ATOM 806  C CD2  . PHE A 1 5 ? -1.823 -3.903 -4.649 1.00 0.00 ? 5 PHE A CD2  10 
ATOM 807  C CE1  . PHE A 1 5 ? -3.359 -5.653 -3.086 1.00 0.00 ? 5 PHE A CE1  10 
ATOM 808  C CE2  . PHE A 1 5 ? -1.916 -5.282 -4.993 1.00 0.00 ? 5 PHE A CE2  10 
ATOM 809  C CZ   . PHE A 1 5 ? -2.682 -6.148 -4.217 1.00 0.00 ? 5 PHE A CZ   10 
ATOM 810  H H    . PHE A 1 5 ? -1.428 -1.773 -0.386 1.00 0.00 ? 5 PHE A H    10 
ATOM 811  H HA   . PHE A 1 5 ? -0.273 -1.829 -3.101 1.00 0.00 ? 5 PHE A HA   10 
ATOM 812  H HB2  . PHE A 1 5 ? -3.256 -1.688 -2.469 1.00 0.00 ? 5 PHE A HB2  10 
ATOM 813  H HB3  . PHE A 1 5 ? -2.495 -1.363 -4.043 1.00 0.00 ? 5 PHE A HB3  10 
ATOM 814  H HD1  . PHE A 1 5 ? -3.821 -3.973 -1.895 1.00 0.00 ? 5 PHE A HD1  10 
ATOM 815  H HD2  . PHE A 1 5 ? -1.215 -3.225 -5.243 1.00 0.00 ? 5 PHE A HD2  10 
ATOM 816  H HE1  . PHE A 1 5 ? -3.929 -6.324 -2.466 1.00 0.00 ? 5 PHE A HE1  10 
ATOM 817  H HE2  . PHE A 1 5 ? -1.415 -5.645 -5.871 1.00 0.00 ? 5 PHE A HE2  10 
ATOM 818  H HZ   . PHE A 1 5 ? -2.754 -7.195 -4.485 1.00 0.00 ? 5 PHE A HZ   10 
ATOM 819  N N    . ASP A 1 6 ? -0.577 0.649  -3.219 1.00 0.00 ? 6 ASP A N    10 
ATOM 820  C CA   . ASP A 1 6 ? -0.487 2.110  -3.294 1.00 0.00 ? 6 ASP A CA   10 
ATOM 821  C C    . ASP A 1 6 ? -0.593 2.946  -2.008 1.00 0.00 ? 6 ASP A C    10 
ATOM 822  O O    . ASP A 1 6 ? -1.656 3.513  -1.665 1.00 0.00 ? 6 ASP A O    10 
ATOM 823  C CB   . ASP A 1 6 ? -1.385 2.713  -4.399 1.00 0.00 ? 6 ASP A CB   10 
ATOM 824  C CG   . ASP A 1 6 ? -2.861 2.472  -4.185 1.00 0.00 ? 6 ASP A CG   10 
ATOM 825  O OD1  . ASP A 1 6 ? -3.238 1.289  -4.070 1.00 0.00 ? 6 ASP A OD1  10 
ATOM 826  O OD2  . ASP A 1 6 ? -3.614 3.431  -4.160 1.00 0.00 ? 6 ASP A OD2  10 
ATOM 827  H H    . ASP A 1 6 ? -0.178 0.142  -3.974 1.00 0.00 ? 6 ASP A H    10 
ATOM 828  H HA   . ASP A 1 6 ? 0.515  2.288  -3.635 1.00 0.00 ? 6 ASP A HA   10 
ATOM 829  H HB2  . ASP A 1 6 ? -1.212 3.793  -4.470 1.00 0.00 ? 6 ASP A HB2  10 
ATOM 830  H HB3  . ASP A 1 6 ? -1.096 2.277  -5.353 1.00 0.00 ? 6 ASP A HB3  10 
ATOM 831  N N    . GLY A 1 1 ? -0.206 2.392  -1.142 1.00 0.00 ? 1 GLY A N    11 
ATOM 832  C CA   . GLY A 1 1 ? 0.112  3.058  0.079  1.00 0.00 ? 1 GLY A CA   11 
ATOM 833  C C    . GLY A 1 1 ? 1.140  2.203  0.811  1.00 0.00 ? 1 GLY A C    11 
ATOM 834  O O    . GLY A 1 1 ? 1.734  1.318  0.192  1.00 0.00 ? 1 GLY A O    11 
ATOM 835  H H1   . GLY A 1 1 ? -0.143 1.375  -1.177 1.00 0.00 ? 1 GLY A H1   11 
ATOM 836  H HA2  . GLY A 1 1 ? 0.572  4.035  -0.107 1.00 0.00 ? 1 GLY A HA2  11 
ATOM 837  H HA3  . GLY A 1 1 ? -0.826 3.160  0.654  1.00 0.00 ? 1 GLY A HA3  11 
ATOM 838  N N    . SER A 1 2 ? 1.361  2.449  2.100  1.00 0.00 ? 2 SER A N    11 
ATOM 839  C CA   . SER A 1 2 ? 2.328  1.668  2.919  1.00 0.00 ? 2 SER A CA   11 
ATOM 840  C C    . SER A 1 2 ? 1.894  0.174  3.036  1.00 0.00 ? 2 SER A C    11 
ATOM 841  O O    . SER A 1 2 ? 2.664  -0.687 2.625  1.00 0.00 ? 2 SER A O    11 
ATOM 842  C CB   . SER A 1 2 ? 2.476  2.311  4.320  1.00 0.00 ? 2 SER A CB   11 
ATOM 843  O OG   . SER A 1 2 ? 3.362  1.569  5.148  1.00 0.00 ? 2 SER A OG   11 
ATOM 844  H H    . SER A 1 2 ? 0.834  3.187  2.571  1.00 0.00 ? 2 SER A H    11 
ATOM 845  H HA   . SER A 1 2 ? 3.298  1.698  2.418  1.00 0.00 ? 2 SER A HA   11 
ATOM 846  H HB2  . SER A 1 2 ? 2.903  3.320  4.193  1.00 0.00 ? 2 SER A HB2  11 
ATOM 847  H HB3  . SER A 1 2 ? 1.518  2.387  4.804  1.00 0.00 ? 2 SER A HB3  11 
ATOM 848  H HG   . SER A 1 2 ? 4.221  1.493  4.697  1.00 0.00 ? 2 SER A HG   11 
ATOM 849  N N    . PRO A 1 3 ? 0.693  -0.121 3.603  1.00 0.00 ? 3 PRO A N    11 
ATOM 850  C CA   . PRO A 1 3 ? 0.376  -1.559 3.479  1.00 0.00 ? 3 PRO A CA   11 
ATOM 851  C C    . PRO A 1 3 ? -0.179 -1.948 2.098  1.00 0.00 ? 3 PRO A C    11 
ATOM 852  O O    . PRO A 1 3 ? -0.850 -1.120 1.464  1.00 0.00 ? 3 PRO A O    11 
ATOM 853  C CB   . PRO A 1 3 ? -0.680 -1.774 4.553  1.00 0.00 ? 3 PRO A CB   11 
ATOM 854  C CG   . PRO A 1 3 ? -1.442 -0.498 4.541  1.00 0.00 ? 3 PRO A CG   11 
ATOM 855  C CD   . PRO A 1 3 ? -0.428 0.587  4.273  1.00 0.00 ? 3 PRO A CD   11 
ATOM 856  H HA   . PRO A 1 3 ? 1.269  -2.154 3.744  1.00 0.00 ? 3 PRO A HA   11 
ATOM 857  H HB2  . PRO A 1 3 ? -1.311 -2.601 4.316  1.00 0.00 ? 3 PRO A HB2  11 
ATOM 858  H HB3  . PRO A 1 3 ? -0.195 -1.920 5.525  1.00 0.00 ? 3 PRO A HB3  11 
ATOM 859  H HG2  . PRO A 1 3 ? -2.190 -0.555 3.732  1.00 0.00 ? 3 PRO A HG2  11 
ATOM 860  H HG3  . PRO A 1 3 ? -1.949 -0.317 5.464  1.00 0.00 ? 3 PRO A HG3  11 
ATOM 861  H HD2  . PRO A 1 3 ? -0.846 1.333  3.594  1.00 0.00 ? 3 PRO A HD2  11 
ATOM 862  H HD3  . PRO A 1 3 ? -0.098 1.053  5.189  1.00 0.00 ? 3 PRO A HD3  11 
ATOM 863  N N    . LEU A 1 4 ? 0.075  -3.169 1.648  1.00 0.00 ? 4 LEU A N    11 
ATOM 864  C CA   . LEU A 1 4 ? -0.467 -3.671 0.378  1.00 0.00 ? 4 LEU A CA   11 
ATOM 865  C C    . LEU A 1 4 ? -0.040 -2.880 -0.838 1.00 0.00 ? 4 LEU A C    11 
ATOM 866  O O    . LEU A 1 4 ? 1.131  -2.957 -1.243 1.00 0.00 ? 4 LEU A O    11 
ATOM 867  C CB   . LEU A 1 4 ? -2.000 -3.841 0.449  1.00 0.00 ? 4 LEU A CB   11 
ATOM 868  C CG   . LEU A 1 4 ? -2.585 -4.792 1.530  1.00 0.00 ? 4 LEU A CG   11 
ATOM 869  C CD1  . LEU A 1 4 ? -4.177 -4.779 1.448  1.00 0.00 ? 4 LEU A CD1  11 
ATOM 870  C CD2  . LEU A 1 4 ? -2.094 -6.224 1.320  1.00 0.00 ? 4 LEU A CD2  11 
ATOM 871  H H    . LEU A 1 4 ? 0.629  -3.793 2.197  1.00 0.00 ? 4 LEU A H    11 
ATOM 872  H HA   . LEU A 1 4 ? -0.060 -4.657 0.235  1.00 0.00 ? 4 LEU A HA   11 
ATOM 873  H HB2  . LEU A 1 4 ? -2.432 -2.849 0.608  1.00 0.00 ? 4 LEU A HB2  11 
ATOM 874  H HB3  . LEU A 1 4 ? -2.341 -4.200 -0.524 1.00 0.00 ? 4 LEU A HB3  11 
ATOM 875  H HG   . LEU A 1 4 ? -2.276 -4.433 2.529  1.00 0.00 ? 4 LEU A HG   11 
ATOM 876  H HD11 . LEU A 1 4 ? -4.508 -5.097 0.486  1.00 0.00 ? 4 LEU A HD11 11 
ATOM 877  H HD12 . LEU A 1 4 ? -4.559 -3.773 1.635  1.00 0.00 ? 4 LEU A HD12 11 
ATOM 878  H HD13 . LEU A 1 4 ? -4.597 -5.461 2.185  1.00 0.00 ? 4 LEU A HD13 11 
ATOM 879  H HD21 . LEU A 1 4 ? -2.673 -6.901 1.971  1.00 0.00 ? 4 LEU A HD21 11 
ATOM 880  H HD22 . LEU A 1 4 ? -1.037 -6.301 1.552  1.00 0.00 ? 4 LEU A HD22 11 
ATOM 881  H HD23 . LEU A 1 4 ? -2.252 -6.514 0.269  1.00 0.00 ? 4 LEU A HD23 11 
ATOM 882  N N    . PHE A 1 5 ? -0.969 -2.197 -1.461 1.00 0.00 ? 5 PHE A N    11 
ATOM 883  C CA   . PHE A 1 5 ? -0.733 -1.522 -2.728 1.00 0.00 ? 5 PHE A CA   11 
ATOM 884  C C    . PHE A 1 5 ? -1.172 -0.064 -2.599 1.00 0.00 ? 5 PHE A C    11 
ATOM 885  O O    . PHE A 1 5 ? -1.922 0.281  -1.705 1.00 0.00 ? 5 PHE A O    11 
ATOM 886  C CB   . PHE A 1 5 ? -1.454 -2.259 -3.861 1.00 0.00 ? 5 PHE A CB   11 
ATOM 887  C CG   . PHE A 1 5 ? -1.116 -3.715 -3.956 1.00 0.00 ? 5 PHE A CG   11 
ATOM 888  C CD1  . PHE A 1 5 ? -2.020 -4.672 -3.523 1.00 0.00 ? 5 PHE A CD1  11 
ATOM 889  C CD2  . PHE A 1 5 ? 0.121  -4.119 -4.477 1.00 0.00 ? 5 PHE A CD2  11 
ATOM 890  C CE1  . PHE A 1 5 ? -1.728 -6.075 -3.616 1.00 0.00 ? 5 PHE A CE1  11 
ATOM 891  C CE2  . PHE A 1 5 ? 0.459  -5.524 -4.566 1.00 0.00 ? 5 PHE A CE2  11 
ATOM 892  C CZ   . PHE A 1 5 ? -0.467 -6.494 -4.137 1.00 0.00 ? 5 PHE A CZ   11 
ATOM 893  H H    . PHE A 1 5 ? -1.900 -2.116 -1.048 1.00 0.00 ? 5 PHE A H    11 
ATOM 894  H HA   . PHE A 1 5 ? 0.340  -1.521 -2.959 1.00 0.00 ? 5 PHE A HA   11 
ATOM 895  H HB2  . PHE A 1 5 ? -2.534 -2.150 -3.711 1.00 0.00 ? 5 PHE A HB2  11 
ATOM 896  H HB3  . PHE A 1 5 ? -1.185 -1.803 -4.822 1.00 0.00 ? 5 PHE A HB3  11 
ATOM 897  H HD1  . PHE A 1 5 ? -2.976 -4.373 -3.122 1.00 0.00 ? 5 PHE A HD1  11 
ATOM 898  H HD2  . PHE A 1 5 ? 0.836  -3.365 -4.822 1.00 0.00 ? 5 PHE A HD2  11 
ATOM 899  H HE1  . PHE A 1 5 ? -2.463 -6.811 -3.287 1.00 0.00 ? 5 PHE A HE1  11 
ATOM 900  H HE2  . PHE A 1 5 ? 1.379  -5.848 -4.969 1.00 0.00 ? 5 PHE A HE2  11 
ATOM 901  H HZ   . PHE A 1 5 ? -0.197 -7.579 -4.185 1.00 0.00 ? 5 PHE A HZ   11 
ATOM 902  N N    . ASP A 1 6 ? -0.632 0.769  -3.479 1.00 0.00 ? 6 ASP A N    11 
ATOM 903  C CA   . ASP A 1 6 ? -0.823 2.242  -3.534 1.00 0.00 ? 6 ASP A CA   11 
ATOM 904  C C    . ASP A 1 6 ? -0.555 3.057  -2.233 1.00 0.00 ? 6 ASP A C    11 
ATOM 905  O O    . ASP A 1 6 ? -0.635 4.261  -2.217 1.00 0.00 ? 6 ASP A O    11 
ATOM 906  C CB   . ASP A 1 6 ? -2.157 2.641  -4.204 1.00 0.00 ? 6 ASP A CB   11 
ATOM 907  C CG   . ASP A 1 6 ? -3.366 2.479  -3.302 1.00 0.00 ? 6 ASP A CG   11 
ATOM 908  O OD1  . ASP A 1 6 ? -4.107 1.470  -3.478 1.00 0.00 ? 6 ASP A OD1  11 
ATOM 909  O OD2  . ASP A 1 6 ? -3.593 3.354  -2.446 1.00 0.00 ? 6 ASP A OD2  11 
ATOM 910  H H    . ASP A 1 6 ? -0.017 0.365  -4.190 1.00 0.00 ? 6 ASP A H    11 
ATOM 911  H HA   . ASP A 1 6 ? -0.061 2.602  -4.239 1.00 0.00 ? 6 ASP A HA   11 
ATOM 912  H HB2  . ASP A 1 6 ? -2.061 3.685  -4.530 1.00 0.00 ? 6 ASP A HB2  11 
ATOM 913  H HB3  . ASP A 1 6 ? -2.316 1.999  -5.100 1.00 0.00 ? 6 ASP A HB3  11 
ATOM 914  N N    . GLY A 1 1 ? -0.245 3.409  -1.332 1.00 0.00 ? 1 GLY A N    12 
ATOM 915  C CA   . GLY A 1 1 ? 0.337  4.064  -0.150 1.00 0.00 ? 1 GLY A CA   12 
ATOM 916  C C    . GLY A 1 1 ? 0.135  3.283  1.129  1.00 0.00 ? 1 GLY A C    12 
ATOM 917  O O    . GLY A 1 1 ? 0.804  3.564  2.130  1.00 0.00 ? 1 GLY A O    12 
ATOM 918  H H1   . GLY A 1 1 ? -1.137 3.683  -1.681 1.00 0.00 ? 1 GLY A H1   12 
ATOM 919  H HA2  . GLY A 1 1 ? 1.384  4.223  -0.316 1.00 0.00 ? 1 GLY A HA2  12 
ATOM 920  H HA3  . GLY A 1 1 ? -0.157 5.058  -0.010 1.00 0.00 ? 1 GLY A HA3  12 
ATOM 921  N N    . SER A 1 2 ? -0.762 2.293  1.066  1.00 0.00 ? 2 SER A N    12 
ATOM 922  C CA   . SER A 1 2 ? -1.021 1.406  2.196  1.00 0.00 ? 2 SER A CA   12 
ATOM 923  C C    . SER A 1 2 ? -0.133 0.168  2.031  1.00 0.00 ? 2 SER A C    12 
ATOM 924  O O    . SER A 1 2 ? 0.334  -0.085 0.939  1.00 0.00 ? 2 SER A O    12 
ATOM 925  C CB   . SER A 1 2 ? -2.481 0.968  2.198  1.00 0.00 ? 2 SER A CB   12 
ATOM 926  O OG   . SER A 1 2 ? -3.370 2.073  2.305  1.00 0.00 ? 2 SER A OG   12 
ATOM 927  H H    . SER A 1 2 ? -1.275 2.117  0.214  1.00 0.00 ? 2 SER A H    12 
ATOM 928  H HA   . SER A 1 2 ? -0.778 1.920  3.115  1.00 0.00 ? 2 SER A HA   12 
ATOM 929  H HB2  . SER A 1 2 ? -2.688 0.461  1.241  1.00 0.00 ? 2 SER A HB2  12 
ATOM 930  H HB3  . SER A 1 2 ? -2.686 0.265  3.013  1.00 0.00 ? 2 SER A HB3  12 
ATOM 931  H HG   . SER A 1 2 ? -4.255 1.755  2.130  1.00 0.00 ? 2 SER A HG   12 
ATOM 932  N N    . PRO A 1 3 ? 0.073  -0.653 3.098  1.00 0.00 ? 3 PRO A N    12 
ATOM 933  C CA   . PRO A 1 3 ? 0.869  -1.831 2.742  1.00 0.00 ? 3 PRO A CA   12 
ATOM 934  C C    . PRO A 1 3 ? 0.188  -2.702 1.670  1.00 0.00 ? 3 PRO A C    12 
ATOM 935  O O    . PRO A 1 3 ? -1.007 -2.993 1.756  1.00 0.00 ? 3 PRO A O    12 
ATOM 936  C CB   . PRO A 1 3 ? 1.023  -2.586 4.048  1.00 0.00 ? 3 PRO A CB   12 
ATOM 937  C CG   . PRO A 1 3 ? -0.162 -2.140 4.875  1.00 0.00 ? 3 PRO A CG   12 
ATOM 938  C CD   . PRO A 1 3 ? -0.279 -0.667 4.520  1.00 0.00 ? 3 PRO A CD   12 
ATOM 939  H HA   . PRO A 1 3 ? 1.846  -1.514 2.388  1.00 0.00 ? 3 PRO A HA   12 
ATOM 940  H HB2  . PRO A 1 3 ? 0.989  -3.676 3.871  1.00 0.00 ? 3 PRO A HB2  12 
ATOM 941  H HB3  . PRO A 1 3 ? 1.956  -2.286 4.521  1.00 0.00 ? 3 PRO A HB3  12 
ATOM 942  H HG2  . PRO A 1 3 ? -1.052 -2.693 4.591  1.00 0.00 ? 3 PRO A HG2  12 
ATOM 943  H HG3  . PRO A 1 3 ? 0.039  -2.260 5.956  1.00 0.00 ? 3 PRO A HG3  12 
ATOM 944  H HD2  . PRO A 1 3 ? -1.292 -0.278 4.685  1.00 0.00 ? 3 PRO A HD2  12 
ATOM 945  H HD3  . PRO A 1 3 ? 0.410  -0.081 5.128  1.00 0.00 ? 3 PRO A HD3  12 
ATOM 946  N N    . LEU A 1 4 ? 1.003  -3.052 0.671  1.00 0.00 ? 4 LEU A N    12 
ATOM 947  C CA   . LEU A 1 4 ? 0.631  -3.874 -0.469 1.00 0.00 ? 4 LEU A CA   12 
ATOM 948  C C    . LEU A 1 4 ? -0.498 -3.284 -1.315 1.00 0.00 ? 4 LEU A C    12 
ATOM 949  O O    . LEU A 1 4 ? -1.057 -3.977 -2.151 1.00 0.00 ? 4 LEU A O    12 
ATOM 950  C CB   . LEU A 1 4 ? 0.205  -5.275 -0.014 1.00 0.00 ? 4 LEU A CB   12 
ATOM 951  C CG   . LEU A 1 4 ? 1.109  -5.993 1.016  1.00 0.00 ? 4 LEU A CG   12 
ATOM 952  C CD1  . LEU A 1 4 ? 0.308  -7.175 1.566  1.00 0.00 ? 4 LEU A CD1  12 
ATOM 953  C CD2  . LEU A 1 4 ? 2.459  -6.475 0.486  1.00 0.00 ? 4 LEU A CD2  12 
ATOM 954  H H    . LEU A 1 4 ? 1.988  -2.715 0.701  1.00 0.00 ? 4 LEU A H    12 
ATOM 955  H HA   . LEU A 1 4 ? 1.511  -3.991 -1.123 1.00 0.00 ? 4 LEU A HA   12 
ATOM 956  H HB2  . LEU A 1 4 ? -0.809 -5.211 0.407  1.00 0.00 ? 4 LEU A HB2  12 
ATOM 957  H HB3  . LEU A 1 4 ? 0.166  -5.925 -0.889 1.00 0.00 ? 4 LEU A HB3  12 
ATOM 958  H HG   . LEU A 1 4 ? 1.300  -5.305 1.825  1.00 0.00 ? 4 LEU A HG   12 
ATOM 959  H HD11 . LEU A 1 4 ? 0.814  -7.573 2.440  1.00 0.00 ? 4 LEU A HD11 12 
ATOM 960  H HD12 . LEU A 1 4 ? 0.222  -7.951 0.821  1.00 0.00 ? 4 LEU A HD12 12 
ATOM 961  H HD13 . LEU A 1 4 ? -0.687 -6.843 1.852  1.00 0.00 ? 4 LEU A HD13 12 
ATOM 962  H HD21 . LEU A 1 4 ? 2.297  -7.226 -0.281 1.00 0.00 ? 4 LEU A HD21 12 
ATOM 963  H HD22 . LEU A 1 4 ? 3.033  -6.912 1.307  1.00 0.00 ? 4 LEU A HD22 12 
ATOM 964  H HD23 . LEU A 1 4 ? 3.014  -5.638 0.061  1.00 0.00 ? 4 LEU A HD23 12 
ATOM 965  N N    . PHE A 1 5 ? -0.830 -2.059 -1.092 1.00 0.00 ? 5 PHE A N    12 
ATOM 966  C CA   . PHE A 1 5 ? -1.867 -1.397 -1.831 1.00 0.00 ? 5 PHE A CA   12 
ATOM 967  C C    . PHE A 1 5 ? -1.507 0.082  -1.958 1.00 0.00 ? 5 PHE A C    12 
ATOM 968  O O    . PHE A 1 5 ? -1.967 0.897  -1.162 1.00 0.00 ? 5 PHE A O    12 
ATOM 969  C CB   . PHE A 1 5 ? -3.267 -1.605 -1.160 1.00 0.00 ? 5 PHE A CB   12 
ATOM 970  C CG   . PHE A 1 5 ? -4.424 -1.173 -2.022 1.00 0.00 ? 5 PHE A CG   12 
ATOM 971  C CD1  . PHE A 1 5 ? -4.960 -2.055 -3.010 1.00 0.00 ? 5 PHE A CD1  12 
ATOM 972  C CD2  . PHE A 1 5 ? -4.972 0.106  -1.909 1.00 0.00 ? 5 PHE A CD2  12 
ATOM 973  C CE1  . PHE A 1 5 ? -6.034 -1.630 -3.851 1.00 0.00 ? 5 PHE A CE1  12 
ATOM 974  C CE2  . PHE A 1 5 ? -6.043 0.524  -2.717 1.00 0.00 ? 5 PHE A CE2  12 
ATOM 975  C CZ   . PHE A 1 5 ? -6.571 -0.358 -3.703 1.00 0.00 ? 5 PHE A CZ   12 
ATOM 976  H H    . PHE A 1 5 ? -0.374 -1.548 -0.376 1.00 0.00 ? 5 PHE A H    12 
ATOM 977  H HA   . PHE A 1 5 ? -1.908 -1.824 -2.829 1.00 0.00 ? 5 PHE A HA   12 
ATOM 978  H HB2  . PHE A 1 5 ? -3.399 -2.650 -0.913 1.00 0.00 ? 5 PHE A HB2  12 
ATOM 979  H HB3  . PHE A 1 5 ? -3.301 -1.075 -0.206 1.00 0.00 ? 5 PHE A HB3  12 
ATOM 980  H HD1  . PHE A 1 5 ? -4.544 -3.021 -3.129 1.00 0.00 ? 5 PHE A HD1  12 
ATOM 981  H HD2  . PHE A 1 5 ? -4.541 0.766  -1.170 1.00 0.00 ? 5 PHE A HD2  12 
ATOM 982  H HE1  . PHE A 1 5 ? -6.452 -2.275 -4.603 1.00 0.00 ? 5 PHE A HE1  12 
ATOM 983  H HE2  . PHE A 1 5 ? -6.466 1.507  -2.635 1.00 0.00 ? 5 PHE A HE2  12 
ATOM 984  H HZ   . PHE A 1 5 ? -7.374 0.007  -4.298 1.00 0.00 ? 5 PHE A HZ   12 
ATOM 985  N N    . ASP A 1 6 ? -0.654 0.393  -2.938 1.00 0.00 ? 6 ASP A N    12 
ATOM 986  C CA   . ASP A 1 6 ? -0.208 1.782  -3.199 1.00 0.00 ? 6 ASP A CA   12 
ATOM 987  C C    . ASP A 1 6 ? 0.421  2.434  -1.962 1.00 0.00 ? 6 ASP A C    12 
ATOM 988  O O    . ASP A 1 6 ? 1.564  2.062  -1.563 1.00 0.00 ? 6 ASP A O    12 
ATOM 989  C CB   . ASP A 1 6 ? -1.406 2.602  -3.685 1.00 0.00 ? 6 ASP A CB   12 
ATOM 990  C CG   . ASP A 1 6 ? -2.001 2.033  -4.940 1.00 0.00 ? 6 ASP A CG   12 
ATOM 991  O OD1  . ASP A 1 6 ? -1.191 1.721  -5.834 1.00 0.00 ? 6 ASP A OD1  12 
ATOM 992  O OD2  . ASP A 1 6 ? -3.251 1.919  -5.053 1.00 0.00 ? 6 ASP A OD2  12 
ATOM 993  H H    . ASP A 1 6 ? -0.279 -0.351 -3.553 1.00 0.00 ? 6 ASP A H    12 
ATOM 994  H HA   . ASP A 1 6 ? 0.536  1.771  -3.990 1.00 0.00 ? 6 ASP A HA   12 
ATOM 995  H HB2  . ASP A 1 6 ? -2.170 2.611  -2.899 1.00 0.00 ? 6 ASP A HB2  12 
ATOM 996  H HB3  . ASP A 1 6 ? -1.058 3.612  -3.865 1.00 0.00 ? 6 ASP A HB3  12 
ATOM 997  N N    . GLY A 1 1 ? 0.563  3.004  -1.417 1.00 0.00 ? 1 GLY A N    13 
ATOM 998  C CA   . GLY A 1 1 ? 0.713  3.733  -0.155 1.00 0.00 ? 1 GLY A CA   13 
ATOM 999  C C    . GLY A 1 1 ? 0.445  2.854  1.046  1.00 0.00 ? 1 GLY A C    13 
ATOM 1000 O O    . GLY A 1 1 ? 1.175  2.924  1.999  1.00 0.00 ? 1 GLY A O    13 
ATOM 1001 H H1   . GLY A 1 1 ? 1.394  2.608  -1.858 1.00 0.00 ? 1 GLY A H1   13 
ATOM 1002 H HA2  . GLY A 1 1 ? 1.752  4.114  -0.076 1.00 0.00 ? 1 GLY A HA2  13 
ATOM 1003 H HA3  . GLY A 1 1 ? 0.033  4.599  -0.155 1.00 0.00 ? 1 GLY A HA3  13 
ATOM 1004 N N    . SER A 1 2 ? -0.594 2.022  1.013  1.00 0.00 ? 2 SER A N    13 
ATOM 1005 C CA   . SER A 1 2 ? -0.848 1.096  2.113  1.00 0.00 ? 2 SER A CA   13 
ATOM 1006 C C    . SER A 1 2 ? 0.230  -0.011 2.042  1.00 0.00 ? 2 SER A C    13 
ATOM 1007 O O    . SER A 1 2 ? 0.922  -0.114 1.035  1.00 0.00 ? 2 SER A O    13 
ATOM 1008 C CB   . SER A 1 2 ? -2.226 0.475  1.995  1.00 0.00 ? 2 SER A CB   13 
ATOM 1009 O OG   . SER A 1 2 ? -2.223 -0.523 0.990  1.00 0.00 ? 2 SER A OG   13 
ATOM 1010 H H    . SER A 1 2 ? -1.181 1.989  0.175  1.00 0.00 ? 2 SER A H    13 
ATOM 1011 H HA   . SER A 1 2 ? -0.772 1.630  3.050  1.00 0.00 ? 2 SER A HA   13 
ATOM 1012 H HB2  . SER A 1 2 ? -2.500 0.038  2.948  1.00 0.00 ? 2 SER A HB2  13 
ATOM 1013 H HB3  . SER A 1 2 ? -2.999 1.221  1.739  1.00 0.00 ? 2 SER A HB3  13 
ATOM 1014 H HG   . SER A 1 2 ? -2.266 -0.089 0.121  1.00 0.00 ? 2 SER A HG   13 
ATOM 1015 N N    . PRO A 1 3 ? 0.363  -0.861 3.104  1.00 0.00 ? 3 PRO A N    13 
ATOM 1016 C CA   . PRO A 1 3 ? 1.459  -1.814 2.974  1.00 0.00 ? 3 PRO A CA   13 
ATOM 1017 C C    . PRO A 1 3 ? 1.239  -2.875 1.928  1.00 0.00 ? 3 PRO A C    13 
ATOM 1018 O O    . PRO A 1 3 ? 2.138  -3.597 1.599  1.00 0.00 ? 3 PRO A O    13 
ATOM 1019 C CB   . PRO A 1 3 ? 1.527  -2.366 4.390  1.00 0.00 ? 3 PRO A CB   13 
ATOM 1020 C CG   . PRO A 1 3 ? 0.124  -2.302 4.905  1.00 0.00 ? 3 PRO A CG   13 
ATOM 1021 C CD   . PRO A 1 3 ? -0.357 -1.022 4.380  1.00 0.00 ? 3 PRO A CD   13 
ATOM 1022 H HA   . PRO A 1 3 ? 2.360  -1.266 2.756  1.00 0.00 ? 3 PRO A HA   13 
ATOM 1023 H HB2  . PRO A 1 3 ? 1.959  -3.375 4.343  1.00 0.00 ? 3 PRO A HB2  13 
ATOM 1024 H HB3  . PRO A 1 3 ? 2.127  -1.750 5.037  1.00 0.00 ? 3 PRO A HB3  13 
ATOM 1025 H HG2  . PRO A 1 3 ? -0.460 -3.128 4.517  1.00 0.00 ? 3 PRO A HG2  13 
ATOM 1026 H HG3  . PRO A 1 3 ? 0.125  -2.301 6.009  1.00 0.00 ? 3 PRO A HG3  13 
ATOM 1027 H HD2  . PRO A 1 3 ? -1.444 -1.056 4.224  1.00 0.00 ? 3 PRO A HD2  13 
ATOM 1028 H HD3  . PRO A 1 3 ? -0.098 -0.229 5.082  1.00 0.00 ? 3 PRO A HD3  13 
ATOM 1029 N N    . LEU A 1 4 ? 0.003  -2.977 1.407  1.00 0.00 ? 4 LEU A N    13 
ATOM 1030 C CA   . LEU A 1 4 ? -0.303 -3.950 0.383  1.00 0.00 ? 4 LEU A CA   13 
ATOM 1031 C C    . LEU A 1 4 ? -0.372 -3.338 -1.006 1.00 0.00 ? 4 LEU A C    13 
ATOM 1032 O O    . LEU A 1 4 ? 0.047  -3.947 -1.980 1.00 0.00 ? 4 LEU A O    13 
ATOM 1033 C CB   . LEU A 1 4 ? -1.651 -4.608 0.713  1.00 0.00 ? 4 LEU A CB   13 
ATOM 1034 C CG   . LEU A 1 4 ? -1.772 -5.335 2.075  1.00 0.00 ? 4 LEU A CG   13 
ATOM 1035 C CD1  . LEU A 1 4 ? -3.216 -5.859 2.236  1.00 0.00 ? 4 LEU A CD1  13 
ATOM 1036 C CD2  . LEU A 1 4 ? -0.798 -6.507 2.177  1.00 0.00 ? 4 LEU A CD2  13 
ATOM 1037 H H    . LEU A 1 4 ? -0.713 -2.371 1.712  1.00 0.00 ? 4 LEU A H    13 
ATOM 1038 H HA   . LEU A 1 4 ? 0.483  -4.717 0.388  1.00 0.00 ? 4 LEU A HA   13 
ATOM 1039 H HB2  . LEU A 1 4 ? -2.428 -3.845 0.671  1.00 0.00 ? 4 LEU A HB2  13 
ATOM 1040 H HB3  . LEU A 1 4 ? -1.865 -5.332 -0.076 1.00 0.00 ? 4 LEU A HB3  13 
ATOM 1041 H HG   . LEU A 1 4 ? -1.554 -4.645 2.865  1.00 0.00 ? 4 LEU A HG   13 
ATOM 1042 H HD11 . LEU A 1 4 ? -3.415 -6.668 1.539  1.00 0.00 ? 4 LEU A HD11 13 
ATOM 1043 H HD12 . LEU A 1 4 ? -3.938 -5.050 2.064  1.00 0.00 ? 4 LEU A HD12 13 
ATOM 1044 H HD13 . LEU A 1 4 ? -3.352 -6.204 3.261  1.00 0.00 ? 4 LEU A HD13 13 
ATOM 1045 H HD21 . LEU A 1 4 ? -1.003 -7.082 3.071  1.00 0.00 ? 4 LEU A HD21 13 
ATOM 1046 H HD22 . LEU A 1 4 ? 0.202  -6.102 2.267  1.00 0.00 ? 4 LEU A HD22 13 
ATOM 1047 H HD23 . LEU A 1 4 ? -0.870 -7.143 1.292  1.00 0.00 ? 4 LEU A HD23 13 
ATOM 1048 N N    . PHE A 1 5 ? -0.921 -2.138 -1.120 1.00 0.00 ? 5 PHE A N    13 
ATOM 1049 C CA   . PHE A 1 5 ? -1.111 -1.538 -2.443 1.00 0.00 ? 5 PHE A CA   13 
ATOM 1050 C C    . PHE A 1 5 ? -1.250 -0.043 -2.334 1.00 0.00 ? 5 PHE A C    13 
ATOM 1051 O O    . PHE A 1 5 ? -2.029 0.431  -1.495 1.00 0.00 ? 5 PHE A O    13 
ATOM 1052 C CB   . PHE A 1 5 ? -2.351 -2.172 -3.102 1.00 0.00 ? 5 PHE A CB   13 
ATOM 1053 C CG   . PHE A 1 5 ? -2.698 -1.567 -4.440 1.00 0.00 ? 5 PHE A CG   13 
ATOM 1054 C CD1  . PHE A 1 5 ? -3.736 -0.638 -4.526 1.00 0.00 ? 5 PHE A CD1  13 
ATOM 1055 C CD2  . PHE A 1 5 ? -2.023 -1.928 -5.599 1.00 0.00 ? 5 PHE A CD2  13 
ATOM 1056 C CE1  . PHE A 1 5 ? -4.045 -0.012 -5.717 1.00 0.00 ? 5 PHE A CE1  13 
ATOM 1057 C CE2  . PHE A 1 5 ? -2.359 -1.349 -6.854 1.00 0.00 ? 5 PHE A CE2  13 
ATOM 1058 C CZ   . PHE A 1 5 ? -3.365 -0.373 -6.909 1.00 0.00 ? 5 PHE A CZ   13 
ATOM 1059 H H    . PHE A 1 5 ? -1.234 -1.639 -0.314 1.00 0.00 ? 5 PHE A H    13 
ATOM 1060 H HA   . PHE A 1 5 ? -0.236 -1.754 -3.054 1.00 0.00 ? 5 PHE A HA   13 
ATOM 1061 H HB2  . PHE A 1 5 ? -2.148 -3.239 -3.283 1.00 0.00 ? 5 PHE A HB2  13 
ATOM 1062 H HB3  . PHE A 1 5 ? -3.197 -2.113 -2.405 1.00 0.00 ? 5 PHE A HB3  13 
ATOM 1063 H HD1  . PHE A 1 5 ? -4.294 -0.404 -3.613 1.00 0.00 ? 5 PHE A HD1  13 
ATOM 1064 H HD2  . PHE A 1 5 ? -1.274 -2.671 -5.568 1.00 0.00 ? 5 PHE A HD2  13 
ATOM 1065 H HE1  . PHE A 1 5 ? -4.817 0.749  -5.719 1.00 0.00 ? 5 PHE A HE1  13 
ATOM 1066 H HE2  . PHE A 1 5 ? -1.837 -1.632 -7.760 1.00 0.00 ? 5 PHE A HE2  13 
ATOM 1067 H HZ   . PHE A 1 5 ? -3.618 0.098  -7.843 1.00 0.00 ? 5 PHE A HZ   13 
ATOM 1068 N N    . ASP A 1 6 ? -0.552 0.669  -3.203 1.00 0.00 ? 6 ASP A N    13 
ATOM 1069 C CA   . ASP A 1 6 ? -0.626 2.136  -3.299 1.00 0.00 ? 6 ASP A CA   13 
ATOM 1070 C C    . ASP A 1 6 ? -0.625 2.850  -1.987 1.00 0.00 ? 6 ASP A C    13 
ATOM 1071 O O    . ASP A 1 6 ? -1.659 3.263  -1.452 1.00 0.00 ? 6 ASP A O    13 
ATOM 1072 C CB   . ASP A 1 6 ? -1.869 2.499  -4.106 1.00 0.00 ? 6 ASP A CB   13 
ATOM 1073 C CG   . ASP A 1 6 ? -1.607 2.452  -5.590 1.00 0.00 ? 6 ASP A CG   13 
ATOM 1074 O OD1  . ASP A 1 6 ? -0.544 1.947  -5.994 1.00 0.00 ? 6 ASP A OD1  13 
ATOM 1075 O OD2  . ASP A 1 6 ? -2.448 2.937  -6.353 1.00 0.00 ? 6 ASP A OD2  13 
ATOM 1076 H H    . ASP A 1 6 ? 0.049  0.217  -3.876 1.00 0.00 ? 6 ASP A H    13 
ATOM 1077 H HA   . ASP A 1 6 ? 0.246  2.465  -3.854 1.00 0.00 ? 6 ASP A HA   13 
ATOM 1078 H HB2  . ASP A 1 6 ? -2.651 1.792  -3.832 1.00 0.00 ? 6 ASP A HB2  13 
ATOM 1079 H HB3  . ASP A 1 6 ? -2.182 3.510  -3.835 1.00 0.00 ? 6 ASP A HB3  13 
ATOM 1080 N N    . GLY A 1 1 ? 0.580  2.769  -1.540 1.00 0.00 ? 1 GLY A N    14 
ATOM 1081 C CA   . GLY A 1 1 ? 1.201  3.508  -0.463 1.00 0.00 ? 1 GLY A CA   14 
ATOM 1082 C C    . GLY A 1 1 ? 0.809  2.903  0.895  1.00 0.00 ? 1 GLY A C    14 
ATOM 1083 O O    . GLY A 1 1 ? 1.526  2.947  1.879  1.00 0.00 ? 1 GLY A O    14 
ATOM 1084 H H1   . GLY A 1 1 ? 1.125  1.992  -1.989 1.00 0.00 ? 1 GLY A H1   14 
ATOM 1085 H HA2  . GLY A 1 1 ? 2.267  3.491  -0.593 1.00 0.00 ? 1 GLY A HA2  14 
ATOM 1086 H HA3  . GLY A 1 1 ? 0.862  4.537  -0.510 1.00 0.00 ? 1 GLY A HA3  14 
ATOM 1087 N N    . SER A 1 2 ? -0.387 2.292  0.928  1.00 0.00 ? 2 SER A N    14 
ATOM 1088 C CA   . SER A 1 2 ? -0.909 1.583  2.117  1.00 0.00 ? 2 SER A CA   14 
ATOM 1089 C C    . SER A 1 2 ? -0.230 0.220  2.162  1.00 0.00 ? 2 SER A C    14 
ATOM 1090 O O    . SER A 1 2 ? 0.386  -0.192 1.183  1.00 0.00 ? 2 SER A O    14 
ATOM 1091 C CB   . SER A 1 2 ? -2.433 1.424  1.994  1.00 0.00 ? 2 SER A CB   14 
ATOM 1092 O OG   . SER A 1 2 ? -3.107 2.684  2.073  1.00 0.00 ? 2 SER A OG   14 
ATOM 1093 H H    . SER A 1 2 ? -0.952 2.288  0.102  1.00 0.00 ? 2 SER A H    14 
ATOM 1094 H HA   . SER A 1 2 ? -0.675 2.140  3.029  1.00 0.00 ? 2 SER A HA   14 
ATOM 1095 H HB2  . SER A 1 2 ? -2.643 0.983  1.040  1.00 0.00 ? 2 SER A HB2  14 
ATOM 1096 H HB3  . SER A 1 2 ? -2.823 0.767  2.787  1.00 0.00 ? 2 SER A HB3  14 
ATOM 1097 H HG   . SER A 1 2 ? -3.096 2.958  3.013  1.00 0.00 ? 2 SER A HG   14 
ATOM 1098 N N    . PRO A 1 3 ? -0.333 -0.537 3.279  1.00 0.00 ? 3 PRO A N    14 
ATOM 1099 C CA   . PRO A 1 3 ? 0.309  -1.839 3.152  1.00 0.00 ? 3 PRO A CA   14 
ATOM 1100 C C    . PRO A 1 3 ? -0.283 -2.671 2.009  1.00 0.00 ? 3 PRO A C    14 
ATOM 1101 O O    . PRO A 1 3 ? -1.502 -2.611 1.753  1.00 0.00 ? 3 PRO A O    14 
ATOM 1102 C CB   . PRO A 1 3 ? -0.004 -2.489 4.499  1.00 0.00 ? 3 PRO A CB   14 
ATOM 1103 C CG   . PRO A 1 3 ? -1.241 -1.827 4.992  1.00 0.00 ? 3 PRO A CG   14 
ATOM 1104 C CD   . PRO A 1 3 ? -0.967 -0.401 4.601  1.00 0.00 ? 3 PRO A CD   14 
ATOM 1105 H HA   . PRO A 1 3 ? 1.383  -1.714 2.997  1.00 0.00 ? 3 PRO A HA   14 
ATOM 1106 H HB2  . PRO A 1 3 ? -0.157 -3.565 4.402  1.00 0.00 ? 3 PRO A HB2  14 
ATOM 1107 H HB3  . PRO A 1 3 ? 0.803  -2.274 5.191  1.00 0.00 ? 3 PRO A HB3  14 
ATOM 1108 H HG2  . PRO A 1 3 ? -2.137 -2.199 4.492  1.00 0.00 ? 3 PRO A HG2  14 
ATOM 1109 H HG3  . PRO A 1 3 ? -1.304 -1.920 6.077  1.00 0.00 ? 3 PRO A HG3  14 
ATOM 1110 H HD2  . PRO A 1 3 ? -1.903 0.169  4.528  1.00 0.00 ? 3 PRO A HD2  14 
ATOM 1111 H HD3  . PRO A 1 3 ? -0.257 0.055  5.285  1.00 0.00 ? 3 PRO A HD3  14 
ATOM 1112 N N    . LEU A 1 4 ? 0.599  -3.409 1.331  1.00 0.00 ? 4 LEU A N    14 
ATOM 1113 C CA   . LEU A 1 4 ? 0.278  -4.234 0.162  1.00 0.00 ? 4 LEU A CA   14 
ATOM 1114 C C    . LEU A 1 4 ? 0.044  -3.403 -1.135 1.00 0.00 ? 4 LEU A C    14 
ATOM 1115 O O    . LEU A 1 4 ? 0.520  -3.814 -2.166 1.00 0.00 ? 4 LEU A O    14 
ATOM 1116 C CB   . LEU A 1 4 ? -0.907 -5.187 0.404  1.00 0.00 ? 4 LEU A CB   14 
ATOM 1117 C CG   . LEU A 1 4 ? -0.782 -6.078 1.664  1.00 0.00 ? 4 LEU A CG   14 
ATOM 1118 C CD1  . LEU A 1 4 ? -2.099 -6.836 1.845  1.00 0.00 ? 4 LEU A CD1  14 
ATOM 1119 C CD2  . LEU A 1 4 ? 0.403  -7.012 1.604  1.00 0.00 ? 4 LEU A CD2  14 
ATOM 1120 H H    . LEU A 1 4 ? 1.572  -3.398 1.630  1.00 0.00 ? 4 LEU A H    14 
ATOM 1121 H HA   . LEU A 1 4 ? 1.133  -4.856 -0.029 1.00 0.00 ? 4 LEU A HA   14 
ATOM 1122 H HB2  . LEU A 1 4 ? -1.828 -4.634 0.476  1.00 0.00 ? 4 LEU A HB2  14 
ATOM 1123 H HB3  . LEU A 1 4 ? -0.999 -5.847 -0.477 1.00 0.00 ? 4 LEU A HB3  14 
ATOM 1124 H HG   . LEU A 1 4 ? -0.647 -5.443 2.523  1.00 0.00 ? 4 LEU A HG   14 
ATOM 1125 H HD11 . LEU A 1 4 ? -2.360 -7.345 0.922  1.00 0.00 ? 4 LEU A HD11 14 
ATOM 1126 H HD12 . LEU A 1 4 ? -2.897 -6.130 2.126  1.00 0.00 ? 4 LEU A HD12 14 
ATOM 1127 H HD13 . LEU A 1 4 ? -1.992 -7.559 2.637  1.00 0.00 ? 4 LEU A HD13 14 
ATOM 1128 H HD21 . LEU A 1 4 ? 1.326  -6.456 1.473  1.00 0.00 ? 4 LEU A HD21 14 
ATOM 1129 H HD22 . LEU A 1 4 ? 0.261  -7.700 0.782  1.00 0.00 ? 4 LEU A HD22 14 
ATOM 1130 H HD23 . LEU A 1 4 ? 0.462  -7.588 2.516  1.00 0.00 ? 4 LEU A HD23 14 
ATOM 1131 N N    . PHE A 1 5 ? -0.638 -2.264 -1.101 1.00 0.00 ? 5 PHE A N    14 
ATOM 1132 C CA   . PHE A 1 5 ? -0.853 -1.479 -2.312 1.00 0.00 ? 5 PHE A CA   14 
ATOM 1133 C C    . PHE A 1 5 ? -1.146 0.004  -2.067 1.00 0.00 ? 5 PHE A C    14 
ATOM 1134 O O    . PHE A 1 5 ? -1.617 0.382  -1.028 1.00 0.00 ? 5 PHE A O    14 
ATOM 1135 C CB   . PHE A 1 5 ? -2.008 -2.042 -3.121 1.00 0.00 ? 5 PHE A CB   14 
ATOM 1136 C CG   . PHE A 1 5 ? -3.311 -2.103 -2.358 1.00 0.00 ? 5 PHE A CG   14 
ATOM 1137 C CD1  . PHE A 1 5 ? -4.244 -1.048 -2.391 1.00 0.00 ? 5 PHE A CD1  14 
ATOM 1138 C CD2  . PHE A 1 5 ? -3.633 -3.257 -1.579 1.00 0.00 ? 5 PHE A CD2  14 
ATOM 1139 C CE1  . PHE A 1 5 ? -5.482 -1.143 -1.686 1.00 0.00 ? 5 PHE A CE1  14 
ATOM 1140 C CE2  . PHE A 1 5 ? -4.854 -3.334 -0.849 1.00 0.00 ? 5 PHE A CE2  14 
ATOM 1141 C CZ   . PHE A 1 5 ? -5.778 -2.262 -0.908 1.00 0.00 ? 5 PHE A CZ   14 
ATOM 1142 H H    . PHE A 1 5 ? -1.000 -1.922 -0.241 1.00 0.00 ? 5 PHE A H    14 
ATOM 1143 H HA   . PHE A 1 5 ? 0.036  -1.570 -2.925 1.00 0.00 ? 5 PHE A HA   14 
ATOM 1144 H HB2  . PHE A 1 5 ? -2.158 -1.434 -3.996 1.00 0.00 ? 5 PHE A HB2  14 
ATOM 1145 H HB3  . PHE A 1 5 ? -1.761 -3.048 -3.433 1.00 0.00 ? 5 PHE A HB3  14 
ATOM 1146 H HD1  . PHE A 1 5 ? -4.042 -0.139 -2.970 1.00 0.00 ? 5 PHE A HD1  14 
ATOM 1147 H HD2  . PHE A 1 5 ? -2.933 -4.059 -1.523 1.00 0.00 ? 5 PHE A HD2  14 
ATOM 1148 H HE1  . PHE A 1 5 ? -6.186 -0.356 -1.756 1.00 0.00 ? 5 PHE A HE1  14 
ATOM 1149 H HE2  . PHE A 1 5 ? -5.071 -4.205 -0.261 1.00 0.00 ? 5 PHE A HE2  14 
ATOM 1150 H HZ   . PHE A 1 5 ? -6.711 -2.298 -0.372 1.00 0.00 ? 5 PHE A HZ   14 
ATOM 1151 N N    . ASP A 1 6 ? -0.875 0.807  -3.107 1.00 0.00 ? 6 ASP A N    14 
ATOM 1152 C CA   . ASP A 1 6 ? -1.155 2.269  -3.160 1.00 0.00 ? 6 ASP A CA   14 
ATOM 1153 C C    . ASP A 1 6 ? -0.633 3.072  -1.961 1.00 0.00 ? 6 ASP A C    14 
ATOM 1154 O O    . ASP A 1 6 ? -1.279 3.962  -1.440 1.00 0.00 ? 6 ASP A O    14 
ATOM 1155 C CB   . ASP A 1 6 ? -2.661 2.534  -3.425 1.00 0.00 ? 6 ASP A CB   14 
ATOM 1156 C CG   . ASP A 1 6 ? -3.074 2.238  -4.858 1.00 0.00 ? 6 ASP A CG   14 
ATOM 1157 O OD1  . ASP A 1 6 ? -2.228 1.632  -5.599 1.00 0.00 ? 6 ASP A OD1  14 
ATOM 1158 O OD2  . ASP A 1 6 ? -4.219 2.581  -5.244 1.00 0.00 ? 6 ASP A OD2  14 
ATOM 1159 H H    . ASP A 1 6 ? -0.495 0.416  -3.945 1.00 0.00 ? 6 ASP A H    14 
ATOM 1160 H HA   . ASP A 1 6 ? -0.594 2.639  -4.016 1.00 0.00 ? 6 ASP A HA   14 
ATOM 1161 H HB2  . ASP A 1 6 ? -3.186 1.933  -2.729 1.00 0.00 ? 6 ASP A HB2  14 
ATOM 1162 H HB3  . ASP A 1 6 ? -2.880 3.598  -3.208 1.00 0.00 ? 6 ASP A HB3  14 
ATOM 1163 N N    . GLY A 1 1 ? 0.509  3.343  -1.302 1.00 0.00 ? 1 GLY A N    15 
ATOM 1164 C CA   . GLY A 1 1 ? 0.249  4.185  -0.156 1.00 0.00 ? 1 GLY A CA   15 
ATOM 1165 C C    . GLY A 1 1 ? -0.177 3.373  1.061  1.00 0.00 ? 1 GLY A C    15 
ATOM 1166 O O    . GLY A 1 1 ? -0.621 3.950  2.060  1.00 0.00 ? 1 GLY A O    15 
ATOM 1167 H H1   . GLY A 1 1 ? 1.455  3.106  -1.539 1.00 0.00 ? 1 GLY A H1   15 
ATOM 1168 H HA2  . GLY A 1 1 ? 1.180  4.731  0.065  1.00 0.00 ? 1 GLY A HA2  15 
ATOM 1169 H HA3  . GLY A 1 1 ? -0.560 4.881  -0.405 1.00 0.00 ? 1 GLY A HA3  15 
ATOM 1170 N N    . SER A 1 2 ? -0.058 2.076  0.991  1.00 0.00 ? 2 SER A N    15 
ATOM 1171 C CA   . SER A 1 2 ? -0.397 1.154  2.063  1.00 0.00 ? 2 SER A CA   15 
ATOM 1172 C C    . SER A 1 2 ? 0.571  -0.039 2.004  1.00 0.00 ? 2 SER A C    15 
ATOM 1173 O O    . SER A 1 2 ? 1.340  -0.171 1.039  1.00 0.00 ? 2 SER A O    15 
ATOM 1174 C CB   . SER A 1 2 ? -1.865 0.731  1.860  1.00 0.00 ? 2 SER A CB   15 
ATOM 1175 O OG   . SER A 1 2 ? -2.738 1.777  2.290  1.00 0.00 ? 2 SER A OG   15 
ATOM 1176 H H    . SER A 1 2 ? 0.295  1.647  0.107  1.00 0.00 ? 2 SER A H    15 
ATOM 1177 H HA   . SER A 1 2 ? -0.283 1.661  3.022  1.00 0.00 ? 2 SER A HA   15 
ATOM 1178 H HB2  . SER A 1 2 ? -2.016 0.511  0.809  1.00 0.00 ? 2 SER A HB2  15 
ATOM 1179 H HB3  . SER A 1 2 ? -2.097 -0.156 2.457  1.00 0.00 ? 2 SER A HB3  15 
ATOM 1180 H HG   . SER A 1 2 ? -2.584 2.559  1.736  1.00 0.00 ? 2 SER A HG   15 
ATOM 1181 N N    . PRO A 1 3 ? 0.601  -0.909 3.014  1.00 0.00 ? 3 PRO A N    15 
ATOM 1182 C CA   . PRO A 1 3 ? 1.497  -2.062 3.033  1.00 0.00 ? 3 PRO A CA   15 
ATOM 1183 C C    . PRO A 1 3 ? 1.191  -3.081 1.895  1.00 0.00 ? 3 PRO A C    15 
ATOM 1184 O O    . PRO A 1 3 ? 2.059  -3.808 1.523  1.00 0.00 ? 3 PRO A O    15 
ATOM 1185 C CB   . PRO A 1 3 ? 1.233  -2.716 4.378  1.00 0.00 ? 3 PRO A CB   15 
ATOM 1186 C CG   . PRO A 1 3 ? 0.667  -1.634 5.213  1.00 0.00 ? 3 PRO A CG   15 
ATOM 1187 C CD   . PRO A 1 3 ? -0.190 -0.848 4.278  1.00 0.00 ? 3 PRO A CD   15 
ATOM 1188 H HA   . PRO A 1 3 ? 2.535  -1.732 2.977  1.00 0.00 ? 3 PRO A HA   15 
ATOM 1189 H HB2  . PRO A 1 3 ? 0.503  -3.508 4.242  1.00 0.00 ? 3 PRO A HB2  15 
ATOM 1190 H HB3  . PRO A 1 3 ? 2.137  -3.116 4.850  1.00 0.00 ? 3 PRO A HB3  15 
ATOM 1191 H HG2  . PRO A 1 3 ? 0.066  -2.074 6.015  1.00 0.00 ? 3 PRO A HG2  15 
ATOM 1192 H HG3  . PRO A 1 3 ? 1.452  -1.017 5.630  1.00 0.00 ? 3 PRO A HG3  15 
ATOM 1193 H HD2  . PRO A 1 3 ? -1.168 -1.339 4.144  1.00 0.00 ? 3 PRO A HD2  15 
ATOM 1194 H HD3  . PRO A 1 3 ? -0.329 0.173  4.643  1.00 0.00 ? 3 PRO A HD3  15 
ATOM 1195 N N    . LEU A 1 4 ? -0.048 -3.145 1.402  1.00 0.00 ? 4 LEU A N    15 
ATOM 1196 C CA   . LEU A 1 4 ? -0.448 -4.117 0.323  1.00 0.00 ? 4 LEU A CA   15 
ATOM 1197 C C    . LEU A 1 4 ? -0.986 -3.535 -0.993 1.00 0.00 ? 4 LEU A C    15 
ATOM 1198 O O    . LEU A 1 4 ? -1.430 -4.283 -1.847 1.00 0.00 ? 4 LEU A O    15 
ATOM 1199 C CB   . LEU A 1 4 ? -1.420 -5.120 0.893  1.00 0.00 ? 4 LEU A CB   15 
ATOM 1200 C CG   . LEU A 1 4 ? -2.855 -4.683 1.250  1.00 0.00 ? 4 LEU A CG   15 
ATOM 1201 C CD1  . LEU A 1 4 ? -3.697 -5.907 1.640  1.00 0.00 ? 4 LEU A CD1  15 
ATOM 1202 C CD2  . LEU A 1 4 ? -2.956 -3.653 2.392  1.00 0.00 ? 4 LEU A CD2  15 
ATOM 1203 H H    . LEU A 1 4 ? -0.757 -2.523 1.763  1.00 0.00 ? 4 LEU A H    15 
ATOM 1204 H HA   . LEU A 1 4 ? 0.448  -4.663 0.041  1.00 0.00 ? 4 LEU A HA   15 
ATOM 1205 H HB2  . LEU A 1 4 ? -1.494 -5.875 0.143  1.00 0.00 ? 4 LEU A HB2  15 
ATOM 1206 H HB3  . LEU A 1 4 ? -0.976 -5.576 1.776  1.00 0.00 ? 4 LEU A HB3  15 
ATOM 1207 H HG   . LEU A 1 4 ? -3.299 -4.239 0.375  1.00 0.00 ? 4 LEU A HG   15 
ATOM 1208 H HD11 . LEU A 1 4 ? -4.713 -5.596 1.878  1.00 0.00 ? 4 LEU A HD11 15 
ATOM 1209 H HD12 . LEU A 1 4 ? -3.259 -6.405 2.494  1.00 0.00 ? 4 LEU A HD12 15 
ATOM 1210 H HD13 . LEU A 1 4 ? -3.712 -6.598 0.793  1.00 0.00 ? 4 LEU A HD13 15 
ATOM 1211 H HD21 . LEU A 1 4 ? -2.599 -2.682 2.028  1.00 0.00 ? 4 LEU A HD21 15 
ATOM 1212 H HD22 . LEU A 1 4 ? -2.363 -3.982 3.226  1.00 0.00 ? 4 LEU A HD22 15 
ATOM 1213 H HD23 . LEU A 1 4 ? -3.996 -3.557 2.704  1.00 0.00 ? 4 LEU A HD23 15 
ATOM 1214 N N    . PHE A 1 5 ? -0.936 -2.228 -1.122 1.00 0.00 ? 5 PHE A N    15 
ATOM 1215 C CA   . PHE A 1 5 ? -1.320 -1.532 -2.367 1.00 0.00 ? 5 PHE A CA   15 
ATOM 1216 C C    . PHE A 1 5 ? -0.688 -0.144 -2.262 1.00 0.00 ? 5 PHE A C    15 
ATOM 1217 O O    . PHE A 1 5 ? -0.203 0.180  -1.184 1.00 0.00 ? 5 PHE A O    15 
ATOM 1218 C CB   . PHE A 1 5 ? -2.857 -1.474 -2.577 1.00 0.00 ? 5 PHE A CB   15 
ATOM 1219 C CG   . PHE A 1 5 ? -3.624 -0.730 -1.484 1.00 0.00 ? 5 PHE A CG   15 
ATOM 1220 C CD1  . PHE A 1 5 ? -4.173 -1.437 -0.414 1.00 0.00 ? 5 PHE A CD1  15 
ATOM 1221 C CD2  . PHE A 1 5 ? -3.785 0.653  -1.538 1.00 0.00 ? 5 PHE A CD2  15 
ATOM 1222 C CE1  . PHE A 1 5 ? -4.927 -0.790 0.590  1.00 0.00 ? 5 PHE A CE1  15 
ATOM 1223 C CE2  . PHE A 1 5 ? -4.532 1.318  -0.547 1.00 0.00 ? 5 PHE A CE2  15 
ATOM 1224 C CZ   . PHE A 1 5 ? -5.134 0.590  0.528  1.00 0.00 ? 5 PHE A CZ   15 
ATOM 1225 H H    . PHE A 1 5 ? -0.607 -1.672 -0.368 1.00 0.00 ? 5 PHE A H    15 
ATOM 1226 H HA   . PHE A 1 5 ? -0.872 -2.049 -3.198 1.00 0.00 ? 5 PHE A HA   15 
ATOM 1227 H HB2  . PHE A 1 5 ? -3.057 -0.954 -3.533 1.00 0.00 ? 5 PHE A HB2  15 
ATOM 1228 H HB3  . PHE A 1 5 ? -3.268 -2.473 -2.679 1.00 0.00 ? 5 PHE A HB3  15 
ATOM 1229 H HD1  . PHE A 1 5 ? -4.031 -2.470 -0.369 1.00 0.00 ? 5 PHE A HD1  15 
ATOM 1230 H HD2  . PHE A 1 5 ? -3.364 1.246  -2.357 1.00 0.00 ? 5 PHE A HD2  15 
ATOM 1231 H HE1  . PHE A 1 5 ? -5.361 -1.372 1.404  1.00 0.00 ? 5 PHE A HE1  15 
ATOM 1232 H HE2  . PHE A 1 5 ? -4.673 2.392  -0.632 1.00 0.00 ? 5 PHE A HE2  15 
ATOM 1233 H HZ   . PHE A 1 5 ? -5.723 1.139  1.266  1.00 0.00 ? 5 PHE A HZ   15 
ATOM 1234 N N    . ASP A 1 6 ? -0.698 0.651  -3.296 1.00 0.00 ? 6 ASP A N    15 
ATOM 1235 C CA   . ASP A 1 6 ? -0.021 1.949  -3.221 1.00 0.00 ? 6 ASP A CA   15 
ATOM 1236 C C    . ASP A 1 6 ? -0.494 2.876  -2.060 1.00 0.00 ? 6 ASP A C    15 
ATOM 1237 O O    . ASP A 1 6 ? -1.677 3.147  -1.867 1.00 0.00 ? 6 ASP A O    15 
ATOM 1238 C CB   . ASP A 1 6 ? -0.078 2.655  -4.565 1.00 0.00 ? 6 ASP A CB   15 
ATOM 1239 C CG   . ASP A 1 6 ? -1.424 3.235  -4.872 1.00 0.00 ? 6 ASP A CG   15 
ATOM 1240 O OD1  . ASP A 1 6 ? -2.324 2.419  -5.230 1.00 0.00 ? 6 ASP A OD1  15 
ATOM 1241 O OD2  . ASP A 1 6 ? -1.600 4.503  -4.777 1.00 0.00 ? 6 ASP A OD2  15 
ATOM 1242 H H    . ASP A 1 6 ? -1.158 0.390  -4.153 1.00 0.00 ? 6 ASP A H    15 
ATOM 1243 H HA   . ASP A 1 6 ? 1.024  1.752  -3.030 1.00 0.00 ? 6 ASP A HA   15 
ATOM 1244 H HB2  . ASP A 1 6 ? 0.658  3.440  -4.530 1.00 0.00 ? 6 ASP A HB2  15 
ATOM 1245 H HB3  . ASP A 1 6 ? 0.201  1.956  -5.336 1.00 0.00 ? 6 ASP A HB3  15 
ATOM 1246 N N    . GLY A 1 1 ? 0.012  2.336  -1.311 1.00 0.00 ? 1 GLY A N    16 
ATOM 1247 C CA   . GLY A 1 1 ? 0.099  2.752  0.067  1.00 0.00 ? 1 GLY A CA   16 
ATOM 1248 C C    . GLY A 1 1 ? 1.299  2.091  0.648  1.00 0.00 ? 1 GLY A C    16 
ATOM 1249 O O    . GLY A 1 1 ? 2.222  1.781  -0.089 1.00 0.00 ? 1 GLY A O    16 
ATOM 1250 H H1   . GLY A 1 1 ? 0.663  1.640  -1.639 1.00 0.00 ? 1 GLY A H1   16 
ATOM 1251 H HA2  . GLY A 1 1 ? 0.193  3.838  0.091  1.00 0.00 ? 1 GLY A HA2  16 
ATOM 1252 H HA3  . GLY A 1 1 ? -0.762 2.392  0.630  1.00 0.00 ? 1 GLY A HA3  16 
ATOM 1253 N N    . SER A 1 2 ? 1.322  1.865  1.947  1.00 0.00 ? 2 SER A N    16 
ATOM 1254 C CA   . SER A 1 2 ? 2.422  1.170  2.588  1.00 0.00 ? 2 SER A CA   16 
ATOM 1255 C C    . SER A 1 2 ? 2.137  -0.288 2.992  1.00 0.00 ? 2 SER A C    16 
ATOM 1256 O O    . SER A 1 2 ? 2.835  -1.187 2.557  1.00 0.00 ? 2 SER A O    16 
ATOM 1257 C CB   . SER A 1 2 ? 2.913  1.970  3.808  1.00 0.00 ? 2 SER A CB   16 
ATOM 1258 O OG   . SER A 1 2 ? 4.028  1.338  4.468  1.00 0.00 ? 2 SER A OG   16 
ATOM 1259 H H    . SER A 1 2 ? 0.527  2.173  2.533  1.00 0.00 ? 2 SER A H    16 
ATOM 1260 H HA   . SER A 1 2 ? 3.257  1.158  1.877  1.00 0.00 ? 2 SER A HA   16 
ATOM 1261 H HB2  . SER A 1 2 ? 3.255  2.967  3.476  1.00 0.00 ? 2 SER A HB2  16 
ATOM 1262 H HB3  . SER A 1 2 ? 2.089  2.069  4.544  1.00 0.00 ? 2 SER A HB3  16 
ATOM 1263 H HG   . SER A 1 2 ? 4.727  1.115  3.813  1.00 0.00 ? 2 SER A HG   16 
ATOM 1264 N N    . PRO A 1 3 ? 1.081  -0.567 3.801  1.00 0.00 ? 3 PRO A N    16 
ATOM 1265 C CA   . PRO A 1 3 ? 0.886  -1.999 4.091  1.00 0.00 ? 3 PRO A CA   16 
ATOM 1266 C C    . PRO A 1 3 ? 0.123  -2.723 2.971  1.00 0.00 ? 3 PRO A C    16 
ATOM 1267 O O    . PRO A 1 3 ? -0.153 -3.959 3.104  1.00 0.00 ? 3 PRO A O    16 
ATOM 1268 C CB   . PRO A 1 3 ? 0.033  -1.980 5.389  1.00 0.00 ? 3 PRO A CB   16 
ATOM 1269 C CG   . PRO A 1 3 ? -0.799 -0.779 5.218  1.00 0.00 ? 3 PRO A CG   16 
ATOM 1270 C CD   . PRO A 1 3 ? 0.054  0.274  4.475  1.00 0.00 ? 3 PRO A CD   16 
ATOM 1271 H HA   . PRO A 1 3 ? 1.843  -2.490 4.288  1.00 0.00 ? 3 PRO A HA   16 
ATOM 1272 H HB2  . PRO A 1 3 ? -0.574 -2.883 5.466  1.00 0.00 ? 3 PRO A HB2  16 
ATOM 1273 H HB3  . PRO A 1 3 ? 0.656  -1.875 6.278  1.00 0.00 ? 3 PRO A HB3  16 
ATOM 1274 H HG2  . PRO A 1 3 ? -1.681 -1.016 4.649  1.00 0.00 ? 3 PRO A HG2  16 
ATOM 1275 H HG3  . PRO A 1 3 ? -1.098 -0.374 6.207  1.00 0.00 ? 3 PRO A HG3  16 
ATOM 1276 H HD2  . PRO A 1 3 ? -0.537 0.820  3.735  1.00 0.00 ? 3 PRO A HD2  16 
ATOM 1277 H HD3  . PRO A 1 3 ? 0.479  0.961  5.214  1.00 0.00 ? 3 PRO A HD3  16 
ATOM 1278 N N    . LEU A 1 4 ? -0.216 -2.036 1.895  1.00 0.00 ? 4 LEU A N    16 
ATOM 1279 C CA   . LEU A 1 4 ? -0.926 -2.617 0.744  1.00 0.00 ? 4 LEU A CA   16 
ATOM 1280 C C    . LEU A 1 4 ? -0.515 -1.807 -0.510 1.00 0.00 ? 4 LEU A C    16 
ATOM 1281 O O    . LEU A 1 4 ? 0.158  -0.783 -0.358 1.00 0.00 ? 4 LEU A O    16 
ATOM 1282 C CB   . LEU A 1 4 ? -2.453 -2.526 0.954  1.00 0.00 ? 4 LEU A CB   16 
ATOM 1283 C CG   . LEU A 1 4 ? -3.133 -1.302 1.642  1.00 0.00 ? 4 LEU A CG   16 
ATOM 1284 C CD1  . LEU A 1 4 ? -2.879 -0.002 0.942  1.00 0.00 ? 4 LEU A CD1  16 
ATOM 1285 C CD2  . LEU A 1 4 ? -4.632 -1.513 1.807  1.00 0.00 ? 4 LEU A CD2  16 
ATOM 1286 H H    . LEU A 1 4 ? 0.035  -1.011 1.839  1.00 0.00 ? 4 LEU A H    16 
ATOM 1287 H HA   . LEU A 1 4 ? -0.635 -3.672 0.601  1.00 0.00 ? 4 LEU A HA   16 
ATOM 1288 H HB2  . LEU A 1 4 ? -2.891 -2.637 -0.028 1.00 0.00 ? 4 LEU A HB2  16 
ATOM 1289 H HB3  . LEU A 1 4 ? -2.731 -3.412 1.512  1.00 0.00 ? 4 LEU A HB3  16 
ATOM 1290 H HG   . LEU A 1 4 ? -2.726 -1.211 2.632  1.00 0.00 ? 4 LEU A HG   16 
ATOM 1291 H HD11 . LEU A 1 4 ? -1.819 0.234  0.923  1.00 0.00 ? 4 LEU A HD11 16 
ATOM 1292 H HD12 . LEU A 1 4 ? -3.443 0.797  1.430  1.00 0.00 ? 4 LEU A HD12 16 
ATOM 1293 H HD13 . LEU A 1 4 ? -3.244 -0.068 -0.117 1.00 0.00 ? 4 LEU A HD13 16 
ATOM 1294 H HD21 . LEU A 1 4 ? -5.049 -0.661 2.351  1.00 0.00 ? 4 LEU A HD21 16 
ATOM 1295 H HD22 . LEU A 1 4 ? -4.828 -2.432 2.367  1.00 0.00 ? 4 LEU A HD22 16 
ATOM 1296 H HD23 . LEU A 1 4 ? -5.098 -1.579 0.822  1.00 0.00 ? 4 LEU A HD23 16 
ATOM 1297 N N    . PHE A 1 5 ? -0.897 -2.229 -1.702 1.00 0.00 ? 5 PHE A N    16 
ATOM 1298 C CA   . PHE A 1 5 ? -0.577 -1.503 -2.928 1.00 0.00 ? 5 PHE A CA   16 
ATOM 1299 C C    . PHE A 1 5 ? -1.145 -0.082 -2.884 1.00 0.00 ? 5 PHE A C    16 
ATOM 1300 O O    . PHE A 1 5 ? -2.135 0.171  -2.226 1.00 0.00 ? 5 PHE A O    16 
ATOM 1301 C CB   . PHE A 1 5 ? -1.085 -2.304 -4.142 1.00 0.00 ? 5 PHE A CB   16 
ATOM 1302 C CG   . PHE A 1 5 ? -2.569 -2.670 -4.031 1.00 0.00 ? 5 PHE A CG   16 
ATOM 1303 C CD1  . PHE A 1 5 ? -3.565 -1.758 -4.452 1.00 0.00 ? 5 PHE A CD1  16 
ATOM 1304 C CD2  . PHE A 1 5 ? -2.966 -3.937 -3.539 1.00 0.00 ? 5 PHE A CD2  16 
ATOM 1305 C CE1  . PHE A 1 5 ? -4.957 -2.133 -4.401 1.00 0.00 ? 5 PHE A CE1  16 
ATOM 1306 C CE2  . PHE A 1 5 ? -4.341 -4.314 -3.471 1.00 0.00 ? 5 PHE A CE2  16 
ATOM 1307 C CZ   . PHE A 1 5 ? -5.311 -3.397 -3.907 1.00 0.00 ? 5 PHE A CZ   16 
ATOM 1308 H H    . PHE A 1 5 ? -1.450 -3.068 -1.791 1.00 0.00 ? 5 PHE A H    16 
ATOM 1309 H HA   . PHE A 1 5 ? 0.490  -1.428 -2.998 1.00 0.00 ? 5 PHE A HA   16 
ATOM 1310 H HB2  . PHE A 1 5 ? -0.933 -1.688 -5.051 1.00 0.00 ? 5 PHE A HB2  16 
ATOM 1311 H HB3  . PHE A 1 5 ? -0.491 -3.225 -4.238 1.00 0.00 ? 5 PHE A HB3  16 
ATOM 1312 H HD1  . PHE A 1 5 ? -3.276 -0.752 -4.839 1.00 0.00 ? 5 PHE A HD1  16 
ATOM 1313 H HD2  . PHE A 1 5 ? -2.184 -4.634 -3.234 1.00 0.00 ? 5 PHE A HD2  16 
ATOM 1314 H HE1  . PHE A 1 5 ? -5.725 -1.416 -4.725 1.00 0.00 ? 5 PHE A HE1  16 
ATOM 1315 H HE2  . PHE A 1 5 ? -4.659 -5.297 -3.110 1.00 0.00 ? 5 PHE A HE2  16 
ATOM 1316 H HZ   . PHE A 1 5 ? -6.372 -3.669 -3.858 1.00 0.00 ? 5 PHE A HZ   16 
ATOM 1317 N N    . ASP A 1 6 ? -0.486 0.833  -3.583 1.00 0.00 ? 6 ASP A N    16 
ATOM 1318 C CA   . ASP A 1 6 ? -0.876 2.289  -3.580 1.00 0.00 ? 6 ASP A CA   16 
ATOM 1319 C C    . ASP A 1 6 ? -0.895 2.848  -2.122 1.00 0.00 ? 6 ASP A C    16 
ATOM 1320 O O    . ASP A 1 6 ? -1.673 3.685  -1.707 1.00 0.00 ? 6 ASP A O    16 
ATOM 1321 C CB   . ASP A 1 6 ? -2.227 2.510  -4.341 1.00 0.00 ? 6 ASP A CB   16 
ATOM 1322 C CG   . ASP A 1 6 ? -2.703 3.971  -4.325 1.00 0.00 ? 6 ASP A CG   16 
ATOM 1323 O OD1  . ASP A 1 6 ? -3.865 4.170  -3.834 1.00 0.00 ? 6 ASP A OD1  16 
ATOM 1324 O OD2  . ASP A 1 6 ? -1.969 4.867  -4.812 1.00 0.00 ? 6 ASP A OD2  16 
ATOM 1325 H H    . ASP A 1 6 ? 0.317  0.566  -4.150 1.00 0.00 ? 6 ASP A H    16 
ATOM 1326 H HA   . ASP A 1 6 ? -0.126 2.850  -4.109 1.00 0.00 ? 6 ASP A HA   16 
ATOM 1327 H HB2  . ASP A 1 6 ? -2.098 2.160  -5.384 1.00 0.00 ? 6 ASP A HB2  16 
ATOM 1328 H HB3  . ASP A 1 6 ? -2.990 1.899  -3.869 1.00 0.00 ? 6 ASP A HB3  16 
ATOM 1329 N N    . GLY A 1 1 ? -0.319 2.387  -1.161 1.00 0.00 ? 1 GLY A N    17 
ATOM 1330 C CA   . GLY A 1 1 ? 0.065  3.037  0.084  1.00 0.00 ? 1 GLY A CA   17 
ATOM 1331 C C    . GLY A 1 1 ? 1.164  2.197  0.703  1.00 0.00 ? 1 GLY A C    17 
ATOM 1332 O O    . GLY A 1 1 ? 1.766  1.344  0.058  1.00 0.00 ? 1 GLY A O    17 
ATOM 1333 H H1   . GLY A 1 1 ? -0.438 1.373  -1.187 1.00 0.00 ? 1 GLY A H1   17 
ATOM 1334 H HA2  . GLY A 1 1 ? 0.433  4.037  -0.099 1.00 0.00 ? 1 GLY A HA2  17 
ATOM 1335 H HA3  . GLY A 1 1 ? -0.775 3.091  0.777  1.00 0.00 ? 1 GLY A HA3  17 
ATOM 1336 N N    . SER A 1 2 ? 1.412  2.428  1.988  1.00 0.00 ? 2 SER A N    17 
ATOM 1337 C CA   . SER A 1 2 ? 2.430  1.659  2.749  1.00 0.00 ? 2 SER A CA   17 
ATOM 1338 C C    . SER A 1 2 ? 2.009  0.179  2.913  1.00 0.00 ? 2 SER A C    17 
ATOM 1339 O O    . SER A 1 2 ? 2.734  -0.702 2.484  1.00 0.00 ? 2 SER A O    17 
ATOM 1340 C CB   . SER A 1 2 ? 2.688  2.341  4.100  1.00 0.00 ? 2 SER A CB   17 
ATOM 1341 O OG   . SER A 1 2 ? 1.838  3.483  4.242  1.00 0.00 ? 2 SER A OG   17 
ATOM 1342 H H    . SER A 1 2 ? 0.883  3.145  2.480  1.00 0.00 ? 2 SER A H    17 
ATOM 1343 H HA   . SER A 1 2 ? 3.369  1.663  2.178  1.00 0.00 ? 2 SER A HA   17 
ATOM 1344 H HB2  . SER A 1 2 ? 2.519  1.654  4.918  1.00 0.00 ? 2 SER A HB2  17 
ATOM 1345 H HB3  . SER A 1 2 ? 3.731  2.653  4.167  1.00 0.00 ? 2 SER A HB3  17 
ATOM 1346 H HG   . SER A 1 2 ? 2.345  4.275  4.074  1.00 0.00 ? 2 SER A HG   17 
ATOM 1347 N N    . PRO A 1 3 ? 0.826  -0.114 3.510  1.00 0.00 ? 3 PRO A N    17 
ATOM 1348 C CA   . PRO A 1 3 ? 0.419  -1.536 3.403  1.00 0.00 ? 3 PRO A CA   17 
ATOM 1349 C C    . PRO A 1 3 ? -0.139 -1.919 2.022  1.00 0.00 ? 3 PRO A C    17 
ATOM 1350 O O    . PRO A 1 3 ? -0.566 -1.071 1.302  1.00 0.00 ? 3 PRO A O    17 
ATOM 1351 C CB   . PRO A 1 3 ? -0.683 -1.616 4.445  1.00 0.00 ? 3 PRO A CB   17 
ATOM 1352 C CG   . PRO A 1 3 ? -1.344 -0.277 4.412  1.00 0.00 ? 3 PRO A CG   17 
ATOM 1353 C CD   . PRO A 1 3 ? -0.202 0.691  4.222  1.00 0.00 ? 3 PRO A CD   17 
ATOM 1354 H HA   . PRO A 1 3 ? 1.258  -2.174 3.677  1.00 0.00 ? 3 PRO A HA   17 
ATOM 1355 H HB2  . PRO A 1 3 ? -1.428 -2.374 4.213  1.00 0.00 ? 3 PRO A HB2  17 
ATOM 1356 H HB3  . PRO A 1 3 ? -0.219 -1.794 5.429  1.00 0.00 ? 3 PRO A HB3  17 
ATOM 1357 H HG2  . PRO A 1 3 ? -2.051 -0.183 3.578  1.00 0.00 ? 3 PRO A HG2  17 
ATOM 1358 H HG3  . PRO A 1 3 ? -1.849 -0.133 5.363  1.00 0.00 ? 3 PRO A HG3  17 
ATOM 1359 H HD2  . PRO A 1 3 ? -0.511 1.563  3.638  1.00 0.00 ? 3 PRO A HD2  17 
ATOM 1360 H HD3  . PRO A 1 3 ? 0.188  1.013  5.198  1.00 0.00 ? 3 PRO A HD3  17 
ATOM 1361 N N    . LEU A 1 4 ? -0.129 -3.196 1.691  1.00 0.00 ? 4 LEU A N    17 
ATOM 1362 C CA   . LEU A 1 4 ? -0.666 -3.688 0.424  1.00 0.00 ? 4 LEU A CA   17 
ATOM 1363 C C    . LEU A 1 4 ? -0.098 -2.992 -0.824 1.00 0.00 ? 4 LEU A C    17 
ATOM 1364 O O    . LEU A 1 4 ? 1.068  -3.182 -1.153 1.00 0.00 ? 4 LEU A O    17 
ATOM 1365 C CB   . LEU A 1 4 ? -2.208 -3.658 0.460  1.00 0.00 ? 4 LEU A CB   17 
ATOM 1366 C CG   . LEU A 1 4 ? -2.816 -4.518 1.578  1.00 0.00 ? 4 LEU A CG   17 
ATOM 1367 C CD1  . LEU A 1 4 ? -4.326 -4.276 1.688  1.00 0.00 ? 4 LEU A CD1  17 
ATOM 1368 C CD2  . LEU A 1 4 ? -2.561 -6.037 1.276  1.00 0.00 ? 4 LEU A CD2  17 
ATOM 1369 H H    . LEU A 1 4 ? 0.297  -3.847 2.294  1.00 0.00 ? 4 LEU A H    17 
ATOM 1370 H HA   . LEU A 1 4 ? -0.386 -4.738 0.357  1.00 0.00 ? 4 LEU A HA   17 
ATOM 1371 H HB2  . LEU A 1 4 ? -2.538 -2.620 0.584  1.00 0.00 ? 4 LEU A HB2  17 
ATOM 1372 H HB3  . LEU A 1 4 ? -2.575 -4.033 -0.501 1.00 0.00 ? 4 LEU A HB3  17 
ATOM 1373 H HG   . LEU A 1 4 ? -2.333 -4.263 2.531  1.00 0.00 ? 4 LEU A HG   17 
ATOM 1374 H HD11 . LEU A 1 4 ? -4.793 -4.442 0.718  1.00 0.00 ? 4 LEU A HD11 17 
ATOM 1375 H HD12 . LEU A 1 4 ? -4.519 -3.247 1.998  1.00 0.00 ? 4 LEU A HD12 17 
ATOM 1376 H HD13 . LEU A 1 4 ? -4.761 -4.965 2.415  1.00 0.00 ? 4 LEU A HD13 17 
ATOM 1377 H HD21 . LEU A 1 4 ? -2.938 -6.273 0.276  1.00 0.00 ? 4 LEU A HD21 17 
ATOM 1378 H HD22 . LEU A 1 4 ? -3.079 -6.658 2.001  1.00 0.00 ? 4 LEU A HD22 17 
ATOM 1379 H HD23 . LEU A 1 4 ? -1.487 -6.266 1.302  1.00 0.00 ? 4 LEU A HD23 17 
ATOM 1380 N N    . PHE A 1 5 ? -0.933 -2.206 -1.493 1.00 0.00 ? 5 PHE A N    17 
ATOM 1381 C CA   . PHE A 1 5 ? -0.544 -1.500 -2.667 1.00 0.00 ? 5 PHE A CA   17 
ATOM 1382 C C    . PHE A 1 5 ? -1.097 -0.081 -2.573 1.00 0.00 ? 5 PHE A C    17 
ATOM 1383 O O    . PHE A 1 5 ? -1.979 0.159  -1.740 1.00 0.00 ? 5 PHE A O    17 
ATOM 1384 C CB   . PHE A 1 5 ? -1.092 -2.190 -3.921 1.00 0.00 ? 5 PHE A CB   17 
ATOM 1385 C CG   . PHE A 1 5 ? -2.606 -2.156 -4.006 1.00 0.00 ? 5 PHE A CG   17 
ATOM 1386 C CD1  . PHE A 1 5 ? -3.404 -3.152 -3.394 1.00 0.00 ? 5 PHE A CD1  17 
ATOM 1387 C CD2  . PHE A 1 5 ? -3.267 -1.072 -4.672 1.00 0.00 ? 5 PHE A CD2  17 
ATOM 1388 C CE1  . PHE A 1 5 ? -4.787 -3.095 -3.495 1.00 0.00 ? 5 PHE A CE1  17 
ATOM 1389 C CE2  . PHE A 1 5 ? -4.675 -1.003 -4.739 1.00 0.00 ? 5 PHE A CE2  17 
ATOM 1390 C CZ   . PHE A 1 5 ? -5.430 -2.019 -4.156 1.00 0.00 ? 5 PHE A CZ   17 
ATOM 1391 H H    . PHE A 1 5 ? -1.854 -2.060 -1.167 1.00 0.00 ? 5 PHE A H    17 
ATOM 1392 H HA   . PHE A 1 5 ? 0.548  -1.474 -2.708 1.00 0.00 ? 5 PHE A HA   17 
ATOM 1393 H HB2  . PHE A 1 5 ? -0.685 -1.689 -4.796 1.00 0.00 ? 5 PHE A HB2  17 
ATOM 1394 H HB3  . PHE A 1 5 ? -0.769 -3.232 -3.952 1.00 0.00 ? 5 PHE A HB3  17 
ATOM 1395 H HD1  . PHE A 1 5 ? -2.943 -3.961 -2.843 1.00 0.00 ? 5 PHE A HD1  17 
ATOM 1396 H HD2  . PHE A 1 5 ? -2.680 -0.287 -5.122 1.00 0.00 ? 5 PHE A HD2  17 
ATOM 1397 H HE1  . PHE A 1 5 ? -5.356 -3.882 -3.061 1.00 0.00 ? 5 PHE A HE1  17 
ATOM 1398 H HE2  . PHE A 1 5 ? -5.183 -0.167 -5.230 1.00 0.00 ? 5 PHE A HE2  17 
ATOM 1399 H HZ   . PHE A 1 5 ? -6.508 -1.963 -4.215 1.00 0.00 ? 5 PHE A HZ   17 
ATOM 1400 N N    . ASP A 1 6 ? -0.584 0.796  -3.405 1.00 0.00 ? 6 ASP A N    17 
ATOM 1401 C CA   . ASP A 1 6 ? -0.919 2.250  -3.465 1.00 0.00 ? 6 ASP A CA   17 
ATOM 1402 C C    . ASP A 1 6 ? -0.533 3.070  -2.260 1.00 0.00 ? 6 ASP A C    17 
ATOM 1403 O O    . ASP A 1 6 ? -0.399 4.291  -2.296 1.00 0.00 ? 6 ASP A O    17 
ATOM 1404 C CB   . ASP A 1 6 ? -2.379 2.495  -3.799 1.00 0.00 ? 6 ASP A CB   17 
ATOM 1405 C CG   . ASP A 1 6 ? -2.615 2.564  -5.331 1.00 0.00 ? 6 ASP A CG   17 
ATOM 1406 O OD1  . ASP A 1 6 ? -1.920 1.808  -6.074 1.00 0.00 ? 6 ASP A OD1  17 
ATOM 1407 O OD2  . ASP A 1 6 ? -3.464 3.380  -5.773 1.00 0.00 ? 6 ASP A OD2  17 
ATOM 1408 H H    . ASP A 1 6 ? 0.079  0.491  -4.081 1.00 0.00 ? 6 ASP A H    17 
ATOM 1409 H HA   . ASP A 1 6 ? -0.358 2.669  -4.292 1.00 0.00 ? 6 ASP A HA   17 
ATOM 1410 H HB2  . ASP A 1 6 ? -2.993 1.736  -3.356 1.00 0.00 ? 6 ASP A HB2  17 
ATOM 1411 H HB3  . ASP A 1 6 ? -2.675 3.461  -3.379 1.00 0.00 ? 6 ASP A HB3  17 
ATOM 1412 N N    . GLY A 1 1 ? 0.389  3.184  -1.189 1.00 0.00 ? 1 GLY A N    18 
ATOM 1413 C CA   . GLY A 1 1 ? 0.003  4.052  -0.067 1.00 0.00 ? 1 GLY A CA   18 
ATOM 1414 C C    . GLY A 1 1 ? -0.124 3.304  1.246  1.00 0.00 ? 1 GLY A C    18 
ATOM 1415 O O    . GLY A 1 1 ? -0.201 3.920  2.295  1.00 0.00 ? 1 GLY A O    18 
ATOM 1416 H H1   . GLY A 1 1 ? 1.318  2.814  -1.222 1.00 0.00 ? 1 GLY A H1   18 
ATOM 1417 H HA2  . GLY A 1 1 ? 0.741  4.867  0.030  1.00 0.00 ? 1 GLY A HA2  18 
ATOM 1418 H HA3  . GLY A 1 1 ? -0.985 4.508  -0.291 1.00 0.00 ? 1 GLY A HA3  18 
ATOM 1419 N N    . SER A 1 2 ? -0.135 1.998  1.158  1.00 0.00 ? 2 SER A N    18 
ATOM 1420 C CA   . SER A 1 2 ? -0.225 1.078  2.303  1.00 0.00 ? 2 SER A CA   18 
ATOM 1421 C C    . SER A 1 2 ? 0.714  -0.059 1.873  1.00 0.00 ? 2 SER A C    18 
ATOM 1422 O O    . SER A 1 2 ? 1.044  -0.117 0.702  1.00 0.00 ? 2 SER A O    18 
ATOM 1423 C CB   . SER A 1 2 ? -1.661 0.499  2.465  1.00 0.00 ? 2 SER A CB   18 
ATOM 1424 O OG   . SER A 1 2 ? -2.650 1.515  2.617  1.00 0.00 ? 2 SER A OG   18 
ATOM 1425 H H    . SER A 1 2 ? -0.064 1.583  0.242  1.00 0.00 ? 2 SER A H    18 
ATOM 1426 H HA   . SER A 1 2 ? 0.102  1.583  3.205  1.00 0.00 ? 2 SER A HA   18 
ATOM 1427 H HB2  . SER A 1 2 ? -1.907 -0.099 1.572  1.00 0.00 ? 2 SER A HB2  18 
ATOM 1428 H HB3  . SER A 1 2 ? -1.696 -0.143 3.324  1.00 0.00 ? 2 SER A HB3  18 
ATOM 1429 H HG   . SER A 1 2 ? -2.673 2.042  1.774  1.00 0.00 ? 2 SER A HG   18 
ATOM 1430 N N    . PRO A 1 3 ? 1.152  -0.943 2.813  1.00 0.00 ? 3 PRO A N    18 
ATOM 1431 C CA   . PRO A 1 3 ? 1.967  -2.116 2.406  1.00 0.00 ? 3 PRO A CA   18 
ATOM 1432 C C    . PRO A 1 3 ? 1.238  -3.041 1.427  1.00 0.00 ? 3 PRO A C    18 
ATOM 1433 O O    . PRO A 1 3 ? 1.852  -3.733 0.660  1.00 0.00 ? 3 PRO A O    18 
ATOM 1434 C CB   . PRO A 1 3 ? 2.203  -2.843 3.715  1.00 0.00 ? 3 PRO A CB   18 
ATOM 1435 C CG   . PRO A 1 3 ? 2.076  -1.726 4.738  1.00 0.00 ? 3 PRO A CG   18 
ATOM 1436 C CD   . PRO A 1 3 ? 0.934  -0.949 4.301  1.00 0.00 ? 3 PRO A CD   18 
ATOM 1437 H HA   . PRO A 1 3 ? 2.918  -1.805 1.962  1.00 0.00 ? 3 PRO A HA   18 
ATOM 1438 H HB2  . PRO A 1 3 ? 1.460  -3.595 3.874  1.00 0.00 ? 3 PRO A HB2  18 
ATOM 1439 H HB3  . PRO A 1 3 ? 3.202  -3.272 3.724  1.00 0.00 ? 3 PRO A HB3  18 
ATOM 1440 H HG2  . PRO A 1 3 ? 1.948  -2.080 5.776  1.00 0.00 ? 3 PRO A HG2  18 
ATOM 1441 H HG3  . PRO A 1 3 ? 2.965  -1.151 4.723  1.00 0.00 ? 3 PRO A HG3  18 
ATOM 1442 H HD2  . PRO A 1 3 ? -0.006 -1.462 4.589  1.00 0.00 ? 3 PRO A HD2  18 
ATOM 1443 H HD3  . PRO A 1 3 ? 0.971  0.039  4.715  1.00 0.00 ? 3 PRO A HD3  18 
ATOM 1444 N N    . LEU A 1 4 ? -0.091 -3.044 1.488  1.00 0.00 ? 4 LEU A N    18 
ATOM 1445 C CA   . LEU A 1 4 ? -0.910 -3.906 0.611  1.00 0.00 ? 4 LEU A CA   18 
ATOM 1446 C C    . LEU A 1 4 ? -0.869 -3.449 -0.834 1.00 0.00 ? 4 LEU A C    18 
ATOM 1447 O O    . LEU A 1 4 ? -0.592 -4.232 -1.720 1.00 0.00 ? 4 LEU A O    18 
ATOM 1448 C CB   . LEU A 1 4 ? -2.365 -3.900 1.091  1.00 0.00 ? 4 LEU A CB   18 
ATOM 1449 C CG   . LEU A 1 4 ? -2.768 -4.489 2.462  1.00 0.00 ? 4 LEU A CG   18 
ATOM 1450 C CD1  . LEU A 1 4 ? -2.312 -5.946 2.660  1.00 0.00 ? 4 LEU A CD1  18 
ATOM 1451 C CD2  . LEU A 1 4 ? -2.299 -3.644 3.632  1.00 0.00 ? 4 LEU A CD2  18 
ATOM 1452 H H    . LEU A 1 4 ? -0.551 -2.431 2.128  1.00 0.00 ? 4 LEU A H    18 
ATOM 1453 H HA   . LEU A 1 4 ? -0.521 -4.921 0.667  1.00 0.00 ? 4 LEU A HA   18 
ATOM 1454 H HB2  . LEU A 1 4 ? -2.725 -2.878 1.070  1.00 0.00 ? 4 LEU A HB2  18 
ATOM 1455 H HB3  . LEU A 1 4 ? -2.941 -4.456 0.354  1.00 0.00 ? 4 LEU A HB3  18 
ATOM 1456 H HG   . LEU A 1 4 ? -3.868 -4.493 2.483  1.00 0.00 ? 4 LEU A HG   18 
ATOM 1457 H HD11 . LEU A 1 4 ? -2.522 -6.508 1.766  1.00 0.00 ? 4 LEU A HD11 18 
ATOM 1458 H HD12 . LEU A 1 4 ? -2.854 -6.397 3.484  1.00 0.00 ? 4 LEU A HD12 18 
ATOM 1459 H HD13 . LEU A 1 4 ? -1.249 -5.993 2.868  1.00 0.00 ? 4 LEU A HD13 18 
ATOM 1460 H HD21 . LEU A 1 4 ? -2.670 -2.626 3.501  1.00 0.00 ? 4 LEU A HD21 18 
ATOM 1461 H HD22 . LEU A 1 4 ? -1.213 -3.638 3.705  1.00 0.00 ? 4 LEU A HD22 18 
ATOM 1462 H HD23 . LEU A 1 4 ? -2.701 -4.050 4.561  1.00 0.00 ? 4 LEU A HD23 18 
ATOM 1463 N N    . PHE A 1 5 ? -1.156 -2.147 -1.063 1.00 0.00 ? 5 PHE A N    18 
ATOM 1464 C CA   . PHE A 1 5 ? -1.119 -1.573 -2.423 1.00 0.00 ? 5 PHE A CA   18 
ATOM 1465 C C    . PHE A 1 5 ? -0.792 -0.123 -2.228 1.00 0.00 ? 5 PHE A C    18 
ATOM 1466 O O    . PHE A 1 5 ? -0.924 0.368  -1.121 1.00 0.00 ? 5 PHE A O    18 
ATOM 1467 C CB   . PHE A 1 5 ? -2.462 -1.775 -3.148 1.00 0.00 ? 5 PHE A CB   18 
ATOM 1468 C CG   . PHE A 1 5 ? -3.615 -0.995 -2.498 1.00 0.00 ? 5 PHE A CG   18 
ATOM 1469 C CD1  . PHE A 1 5 ? -3.896 0.323  -2.900 1.00 0.00 ? 5 PHE A CD1  18 
ATOM 1470 C CD2  . PHE A 1 5 ? -4.394 -1.597 -1.465 1.00 0.00 ? 5 PHE A CD2  18 
ATOM 1471 C CE1  . PHE A 1 5 ? -4.896 1.047  -2.310 1.00 0.00 ? 5 PHE A CE1  18 
ATOM 1472 C CE2  . PHE A 1 5 ? -5.458 -0.855 -0.855 1.00 0.00 ? 5 PHE A CE2  18 
ATOM 1473 C CZ   . PHE A 1 5 ? -5.687 0.484  -1.300 1.00 0.00 ? 5 PHE A CZ   18 
ATOM 1474 H H    . PHE A 1 5 ? -1.378 -1.510 -0.311 1.00 0.00 ? 5 PHE A H    18 
ATOM 1475 H HA   . PHE A 1 5 ? -0.338 -2.057 -2.996 1.00 0.00 ? 5 PHE A HA   18 
ATOM 1476 H HB2  . PHE A 1 5 ? -2.370 -1.471 -4.187 1.00 0.00 ? 5 PHE A HB2  18 
ATOM 1477 H HB3  . PHE A 1 5 ? -2.722 -2.819 -3.088 1.00 0.00 ? 5 PHE A HB3  18 
ATOM 1478 H HD1  . PHE A 1 5 ? -3.330 0.783  -3.673 1.00 0.00 ? 5 PHE A HD1  18 
ATOM 1479 H HD2  . PHE A 1 5 ? -4.160 -2.608 -1.138 1.00 0.00 ? 5 PHE A HD2  18 
ATOM 1480 H HE1  . PHE A 1 5 ? -5.078 2.075  -2.626 1.00 0.00 ? 5 PHE A HE1  18 
ATOM 1481 H HE2  . PHE A 1 5 ? -6.045 -1.340 -0.100 1.00 0.00 ? 5 PHE A HE2  18 
ATOM 1482 H HZ   . PHE A 1 5 ? -6.464 1.054  -0.855 1.00 0.00 ? 5 PHE A HZ   18 
ATOM 1483 N N    . ASP A 1 6 ? -0.410 0.598  -3.280 1.00 0.00 ? 6 ASP A N    18 
ATOM 1484 C CA   . ASP A 1 6 ? -0.006 2.027  -3.258 1.00 0.00 ? 6 ASP A CA   18 
ATOM 1485 C C    . ASP A 1 6 ? -0.517 2.914  -2.144 1.00 0.00 ? 6 ASP A C    18 
ATOM 1486 O O    . ASP A 1 6 ? -1.709 3.295  -2.131 1.00 0.00 ? 6 ASP A O    18 
ATOM 1487 C CB   . ASP A 1 6 ? -0.426 2.700  -4.585 1.00 0.00 ? 6 ASP A CB   18 
ATOM 1488 C CG   . ASP A 1 6 ? 0.525  2.368  -5.711 1.00 0.00 ? 6 ASP A CG   18 
ATOM 1489 O OD1  . ASP A 1 6 ? 0.065  2.171  -6.852 1.00 0.00 ? 6 ASP A OD1  18 
ATOM 1490 O OD2  . ASP A 1 6 ? 1.745  2.238  -5.407 1.00 0.00 ? 6 ASP A OD2  18 
ATOM 1491 H H    . ASP A 1 6 ? -0.368 0.128  -4.153 1.00 0.00 ? 6 ASP A H    18 
ATOM 1492 H HA   . ASP A 1 6 ? 1.070  2.056  -3.174 1.00 0.00 ? 6 ASP A HA   18 
ATOM 1493 H HB2  . ASP A 1 6 ? -1.422 2.411  -4.862 1.00 0.00 ? 6 ASP A HB2  18 
ATOM 1494 H HB3  . ASP A 1 6 ? -0.420 3.795  -4.443 1.00 0.00 ? 6 ASP A HB3  18 
ATOM 1495 N N    . GLY A 1 1 ? 0.111  2.346  -1.130 1.00 0.00 ? 1 GLY A N    19 
ATOM 1496 C CA   . GLY A 1 1 ? 0.382  3.035  0.119  1.00 0.00 ? 1 GLY A CA   19 
ATOM 1497 C C    . GLY A 1 1 ? 1.389  2.299  0.970  1.00 0.00 ? 1 GLY A C    19 
ATOM 1498 O O    . GLY A 1 1 ? 2.192  1.519  0.491  1.00 0.00 ? 1 GLY A O    19 
ATOM 1499 H H1   . GLY A 1 1 ? 0.519  1.447  -1.284 1.00 0.00 ? 1 GLY A H1   19 
ATOM 1500 H HA2  . GLY A 1 1 ? 0.764  4.047  -0.092 1.00 0.00 ? 1 GLY A HA2  19 
ATOM 1501 H HA3  . GLY A 1 1 ? -0.548 3.102  0.670  1.00 0.00 ? 1 GLY A HA3  19 
ATOM 1502 N N    . SER A 1 2 ? 1.338  2.583  2.268  1.00 0.00 ? 2 SER A N    19 
ATOM 1503 C CA   . SER A 1 2 ? 2.173  1.914  3.250  1.00 0.00 ? 2 SER A CA   19 
ATOM 1504 C C    . SER A 1 2 ? 1.771  0.446  3.367  1.00 0.00 ? 2 SER A C    19 
ATOM 1505 O O    . SER A 1 2 ? 2.652  -0.431 3.314  1.00 0.00 ? 2 SER A O    19 
ATOM 1506 C CB   . SER A 1 2 ? 2.061  2.611  4.612  1.00 0.00 ? 2 SER A CB   19 
ATOM 1507 O OG   . SER A 1 2 ? 2.963  2.053  5.554  1.00 0.00 ? 2 SER A OG   19 
ATOM 1508 H H    . SER A 1 2 ? 0.671  3.292  2.591  1.00 0.00 ? 2 SER A H    19 
ATOM 1509 H HA   . SER A 1 2 ? 3.236  1.955  2.933  1.00 0.00 ? 2 SER A HA   19 
ATOM 1510 H HB2  . SER A 1 2 ? 2.297  3.665  4.471  1.00 0.00 ? 2 SER A HB2  19 
ATOM 1511 H HB3  . SER A 1 2 ? 1.041  2.507  4.983  1.00 0.00 ? 2 SER A HB3  19 
ATOM 1512 H HG   . SER A 1 2 ? 2.738  1.111  5.672  1.00 0.00 ? 2 SER A HG   19 
ATOM 1513 N N    . PRO A 1 3 ? 0.446  0.124  3.511  1.00 0.00 ? 3 PRO A N    19 
ATOM 1514 C CA   . PRO A 1 3 ? 0.110  -1.292 3.382  1.00 0.00 ? 3 PRO A CA   19 
ATOM 1515 C C    . PRO A 1 3 ? 0.181  -1.740 1.920  1.00 0.00 ? 3 PRO A C    19 
ATOM 1516 O O    . PRO A 1 3 ? 0.557  -1.003 1.037  1.00 0.00 ? 3 PRO A O    19 
ATOM 1517 C CB   . PRO A 1 3 ? -1.316 -1.352 3.902  1.00 0.00 ? 3 PRO A CB   19 
ATOM 1518 C CG   . PRO A 1 3 ? -1.889 -0.063 3.495  1.00 0.00 ? 3 PRO A CG   19 
ATOM 1519 C CD   . PRO A 1 3 ? -0.796 0.922  3.739  1.00 0.00 ? 3 PRO A CD   19 
ATOM 1520 H HA   . PRO A 1 3 ? 0.775  -1.902 3.976  1.00 0.00 ? 3 PRO A HA   19 
ATOM 1521 H HB2  . PRO A 1 3 ? -1.874 -2.174 3.515  1.00 0.00 ? 3 PRO A HB2  19 
ATOM 1522 H HB3  . PRO A 1 3 ? -1.289 -1.434 4.977  1.00 0.00 ? 3 PRO A HB3  19 
ATOM 1523 H HG2  . PRO A 1 3 ? -2.148 -0.078 2.452  1.00 0.00 ? 3 PRO A HG2  19 
ATOM 1524 H HG3  . PRO A 1 3 ? -2.773 0.187  4.099  1.00 0.00 ? 3 PRO A HG3  19 
ATOM 1525 H HD2  . PRO A 1 3 ? -0.858 1.716  2.990  1.00 0.00 ? 3 PRO A HD2  19 
ATOM 1526 H HD3  . PRO A 1 3 ? -0.839 1.303  4.750  1.00 0.00 ? 3 PRO A HD3  19 
ATOM 1527 N N    . LEU A 1 4 ? -0.210 -2.988 1.693  1.00 0.00 ? 4 LEU A N    19 
ATOM 1528 C CA   . LEU A 1 4 ? -0.166 -3.510 0.345  1.00 0.00 ? 4 LEU A CA   19 
ATOM 1529 C C    . LEU A 1 4 ? -1.057 -2.654 -0.563 1.00 0.00 ? 4 LEU A C    19 
ATOM 1530 O O    . LEU A 1 4 ? -2.117 -2.223 -0.153 1.00 0.00 ? 4 LEU A O    19 
ATOM 1531 C CB   . LEU A 1 4 ? -0.616 -4.980 0.300  1.00 0.00 ? 4 LEU A CB   19 
ATOM 1532 C CG   . LEU A 1 4 ? -2.098 -5.367 0.577  1.00 0.00 ? 4 LEU A CG   19 
ATOM 1533 C CD1  . LEU A 1 4 ? -2.133 -6.846 0.138  1.00 0.00 ? 4 LEU A CD1  19 
ATOM 1534 C CD2  . LEU A 1 4 ? -2.570 -5.221 2.076  1.00 0.00 ? 4 LEU A CD2  19 
ATOM 1535 H H    . LEU A 1 4 ? -0.536 -3.592 2.445  1.00 0.00 ? 4 LEU A H    19 
ATOM 1536 H HA   . LEU A 1 4 ? 0.859  -3.443 -0.022 1.00 0.00 ? 4 LEU A HA   19 
ATOM 1537 H HB2  . LEU A 1 4 ? -0.350 -5.377 -0.672 1.00 0.00 ? 4 LEU A HB2  19 
ATOM 1538 H HB3  . LEU A 1 4 ? -0.018 -5.556 1.033  1.00 0.00 ? 4 LEU A HB3  19 
ATOM 1539 H HG   . LEU A 1 4 ? -2.745 -4.776 -0.078 1.00 0.00 ? 4 LEU A HG   19 
ATOM 1540 H HD11 . LEU A 1 4 ? -2.079 -6.906 -0.956 1.00 0.00 ? 4 LEU A HD11 19 
ATOM 1541 H HD12 . LEU A 1 4 ? -3.064 -7.308 0.436  1.00 0.00 ? 4 LEU A HD12 19 
ATOM 1542 H HD13 . LEU A 1 4 ? -1.306 -7.409 0.561  1.00 0.00 ? 4 LEU A HD13 19 
ATOM 1543 H HD21 . LEU A 1 4 ? -1.865 -5.720 2.751  1.00 0.00 ? 4 LEU A HD21 19 
ATOM 1544 H HD22 . LEU A 1 4 ? -3.557 -5.686 2.173  1.00 0.00 ? 4 LEU A HD22 19 
ATOM 1545 H HD23 . LEU A 1 4 ? -2.664 -4.158 2.317  1.00 0.00 ? 4 LEU A HD23 19 
ATOM 1546 N N    . PHE A 1 5 ? -0.553 -2.441 -1.798 1.00 0.00 ? 5 PHE A N    19 
ATOM 1547 C CA   . PHE A 1 5 ? -1.152 -1.613 -2.860 1.00 0.00 ? 5 PHE A CA   19 
ATOM 1548 C C    . PHE A 1 5 ? -1.322 -0.117 -2.577 1.00 0.00 ? 5 PHE A C    19 
ATOM 1549 O O    . PHE A 1 5 ? -1.958 0.273  -1.639 1.00 0.00 ? 5 PHE A O    19 
ATOM 1550 C CB   . PHE A 1 5 ? -2.503 -2.213 -3.250 1.00 0.00 ? 5 PHE A CB   19 
ATOM 1551 C CG   . PHE A 1 5 ? -2.396 -3.549 -3.958 1.00 0.00 ? 5 PHE A CG   19 
ATOM 1552 C CD1  . PHE A 1 5 ? -2.156 -3.611 -5.357 1.00 0.00 ? 5 PHE A CD1  19 
ATOM 1553 C CD2  . PHE A 1 5 ? -2.561 -4.777 -3.239 1.00 0.00 ? 5 PHE A CD2  19 
ATOM 1554 C CE1  . PHE A 1 5 ? -2.054 -4.834 -6.010 1.00 0.00 ? 5 PHE A CE1  19 
ATOM 1555 C CE2  . PHE A 1 5 ? -2.441 -5.987 -3.915 1.00 0.00 ? 5 PHE A CE2  19 
ATOM 1556 C CZ   . PHE A 1 5 ? -2.204 -6.040 -5.310 1.00 0.00 ? 5 PHE A CZ   19 
ATOM 1557 H H    . PHE A 1 5 ? 0.357  -2.875 -2.018 1.00 0.00 ? 5 PHE A H    19 
ATOM 1558 H HA   . PHE A 1 5 ? -0.493 -1.679 -3.730 1.00 0.00 ? 5 PHE A HA   19 
ATOM 1559 H HB2  . PHE A 1 5 ? -3.093 -2.350 -2.355 1.00 0.00 ? 5 PHE A HB2  19 
ATOM 1560 H HB3  . PHE A 1 5 ? -3.005 -1.493 -3.903 1.00 0.00 ? 5 PHE A HB3  19 
ATOM 1561 H HD1  . PHE A 1 5 ? -2.057 -2.701 -5.905 1.00 0.00 ? 5 PHE A HD1  19 
ATOM 1562 H HD2  . PHE A 1 5 ? -2.755 -4.769 -2.183 1.00 0.00 ? 5 PHE A HD2  19 
ATOM 1563 H HE1  . PHE A 1 5 ? -1.850 -4.859 -7.091 1.00 0.00 ? 5 PHE A HE1  19 
ATOM 1564 H HE2  . PHE A 1 5 ? -2.555 -6.919 -3.369 1.00 0.00 ? 5 PHE A HE2  19 
ATOM 1565 H HZ   . PHE A 1 5 ? -2.123 -6.979 -5.831 1.00 0.00 ? 5 PHE A HZ   19 
ATOM 1566 N N    . ASP A 1 6 ? -0.718 0.700  -3.433 1.00 0.00 ? 6 ASP A N    19 
ATOM 1567 C CA   . ASP A 1 6 ? -0.833 2.189  -3.423 1.00 0.00 ? 6 ASP A CA   19 
ATOM 1568 C C    . ASP A 1 6 ? -0.647 2.923  -2.062 1.00 0.00 ? 6 ASP A C    19 
ATOM 1569 O O    . ASP A 1 6 ? -1.164 4.035  -1.853 1.00 0.00 ? 6 ASP A O    19 
ATOM 1570 C CB   . ASP A 1 6 ? -2.179 2.564  -4.068 1.00 0.00 ? 6 ASP A CB   19 
ATOM 1571 C CG   . ASP A 1 6 ? -2.095 3.822  -4.884 1.00 0.00 ? 6 ASP A CG   19 
ATOM 1572 O OD1  . ASP A 1 6 ? -3.057 4.583  -4.762 1.00 0.00 ? 6 ASP A OD1  19 
ATOM 1573 O OD2  . ASP A 1 6 ? -1.116 4.034  -5.646 1.00 0.00 ? 6 ASP A OD2  19 
ATOM 1574 H H    . ASP A 1 6 ? -0.142 0.321  -4.142 1.00 0.00 ? 6 ASP A H    19 
ATOM 1575 H HA   . ASP A 1 6 ? -0.033 2.557  -4.078 1.00 0.00 ? 6 ASP A HA   19 
ATOM 1576 H HB2  . ASP A 1 6 ? -2.521 1.739  -4.699 1.00 0.00 ? 6 ASP A HB2  19 
ATOM 1577 H HB3  . ASP A 1 6 ? -2.913 2.701  -3.263 1.00 0.00 ? 6 ASP A HB3  19 
ATOM 1578 N N    . GLY A 1 1 ? 0.500  2.762  -1.249 1.00 0.00 ? 1 GLY A N    20 
ATOM 1579 C CA   . GLY A 1 1 ? 0.457  3.508  0.008  1.00 0.00 ? 1 GLY A CA   20 
ATOM 1580 C C    . GLY A 1 1 ? 1.202  2.696  1.048  1.00 0.00 ? 1 GLY A C    20 
ATOM 1581 O O    . GLY A 1 1 ? 2.139  1.978  0.677  1.00 0.00 ? 1 GLY A O    20 
ATOM 1582 H H1   . GLY A 1 1 ? 1.271  2.069  -1.399 1.00 0.00 ? 1 GLY A H1   20 
ATOM 1583 H HA2  . GLY A 1 1 ? 0.930  4.476  -0.113 1.00 0.00 ? 1 GLY A HA2  20 
ATOM 1584 H HA3  . GLY A 1 1 ? -0.612 3.652  0.292  1.00 0.00 ? 1 GLY A HA3  20 
ATOM 1585 N N    . SER A 1 2 ? 0.795  2.778  2.317  1.00 0.00 ? 2 SER A N    20 
ATOM 1586 C CA   . SER A 1 2 ? 1.415  1.959  3.385  1.00 0.00 ? 2 SER A CA   20 
ATOM 1587 C C    . SER A 1 2 ? 1.105  0.430  3.261  1.00 0.00 ? 2 SER A C    20 
ATOM 1588 O O    . SER A 1 2 ? 1.978  -0.392 3.564  1.00 0.00 ? 2 SER A O    20 
ATOM 1589 C CB   . SER A 1 2 ? 0.951  2.414  4.761  1.00 0.00 ? 2 SER A CB   20 
ATOM 1590 O OG   . SER A 1 2 ? -0.394 2.903  4.726  1.00 0.00 ? 2 SER A OG   20 
ATOM 1591 H H    . SER A 1 2 ? 0.053  3.411  2.598  1.00 0.00 ? 2 SER A H    20 
ATOM 1592 H HA   . SER A 1 2 ? 2.503  2.083  3.319  1.00 0.00 ? 2 SER A HA   20 
ATOM 1593 H HB2  . SER A 1 2 ? 0.990  1.620  5.513  1.00 0.00 ? 2 SER A HB2  20 
ATOM 1594 H HB3  . SER A 1 2 ? 1.591  3.224  5.092  1.00 0.00 ? 2 SER A HB3  20 
ATOM 1595 H HG   . SER A 1 2 ? -0.582 3.295  5.586  1.00 0.00 ? 2 SER A HG   20 
ATOM 1596 N N    . PRO A 1 3 ? -0.150 0.020  2.870  1.00 0.00 ? 3 PRO A N    20 
ATOM 1597 C CA   . PRO A 1 3 ? -0.306 -1.436 2.667  1.00 0.00 ? 3 PRO A CA   20 
ATOM 1598 C C    . PRO A 1 3 ? 0.452  -2.001 1.449  1.00 0.00 ? 3 PRO A C    20 
ATOM 1599 O O    . PRO A 1 3 ? 1.255  -1.332 0.886  1.00 0.00 ? 3 PRO A O    20 
ATOM 1600 C CB   . PRO A 1 3 ? -1.808 -1.613 2.457  1.00 0.00 ? 3 PRO A CB   20 
ATOM 1601 C CG   . PRO A 1 3 ? -2.417 -0.376 2.985  1.00 0.00 ? 3 PRO A CG   20 
ATOM 1602 C CD   . PRO A 1 3 ? -1.447 0.685  2.622  1.00 0.00 ? 3 PRO A CD   20 
ATOM 1603 H HA   . PRO A 1 3 ? -0.001 -1.977 3.561  1.00 0.00 ? 3 PRO A HA   20 
ATOM 1604 H HB2  . PRO A 1 3 ? -2.042 -1.741 1.407  1.00 0.00 ? 3 PRO A HB2  20 
ATOM 1605 H HB3  . PRO A 1 3 ? -2.175 -2.454 2.998  1.00 0.00 ? 3 PRO A HB3  20 
ATOM 1606 H HG2  . PRO A 1 3 ? -3.397 -0.218 2.549  1.00 0.00 ? 3 PRO A HG2  20 
ATOM 1607 H HG3  . PRO A 1 3 ? -2.492 -0.450 4.076  1.00 0.00 ? 3 PRO A HG3  20 
ATOM 1608 H HD2  . PRO A 1 3 ? -1.564 0.963  1.575  1.00 0.00 ? 3 PRO A HD2  20 
ATOM 1609 H HD3  . PRO A 1 3 ? -1.573 1.549  3.258  1.00 0.00 ? 3 PRO A HD3  20 
ATOM 1610 N N    . LEU A 1 4 ? 0.112  -3.239 1.044  1.00 0.00 ? 4 LEU A N    20 
ATOM 1611 C CA   . LEU A 1 4 ? 0.687  -3.791 -0.181 1.00 0.00 ? 4 LEU A CA   20 
ATOM 1612 C C    . LEU A 1 4 ? 0.211  -2.982 -1.404 1.00 0.00 ? 4 LEU A C    20 
ATOM 1613 O O    . LEU A 1 4 ? 0.902  -2.918 -2.391 1.00 0.00 ? 4 LEU A O    20 
ATOM 1614 C CB   . LEU A 1 4 ? 0.287  -5.233 -0.372 1.00 0.00 ? 4 LEU A CB   20 
ATOM 1615 C CG   . LEU A 1 4 ? 0.697  -6.123 0.811  1.00 0.00 ? 4 LEU A CG   20 
ATOM 1616 C CD1  . LEU A 1 4 ? -0.037 -7.467 0.703  1.00 0.00 ? 4 LEU A CD1  20 
ATOM 1617 C CD2  . LEU A 1 4 ? 2.211  -6.386 0.782  1.00 0.00 ? 4 LEU A CD2  20 
ATOM 1618 H H    . LEU A 1 4 ? -0.554 -3.782 1.538  1.00 0.00 ? 4 LEU A H    20 
ATOM 1619 H HA   . LEU A 1 4 ? 1.781  -3.708 -0.127 1.00 0.00 ? 4 LEU A HA   20 
ATOM 1620 H HB2  . LEU A 1 4 ? -0.801 -5.278 -0.446 1.00 0.00 ? 4 LEU A HB2  20 
ATOM 1621 H HB3  . LEU A 1 4 ? 0.717  -5.589 -1.317 1.00 0.00 ? 4 LEU A HB3  20 
ATOM 1622 H HG   . LEU A 1 4 ? 0.413  -5.646 1.745  1.00 0.00 ? 4 LEU A HG   20 
ATOM 1623 H HD11 . LEU A 1 4 ? 0.347  -8.161 1.418  1.00 0.00 ? 4 LEU A HD11 20 
ATOM 1624 H HD12 . LEU A 1 4 ? 0.102  -7.864 -0.301 1.00 0.00 ? 4 LEU A HD12 20 
ATOM 1625 H HD13 . LEU A 1 4 ? -1.110 -7.348 0.905  1.00 0.00 ? 4 LEU A HD13 20 
ATOM 1626 H HD21 . LEU A 1 4 ? 2.757  -5.470 0.978  1.00 0.00 ? 4 LEU A HD21 20 
ATOM 1627 H HD22 . LEU A 1 4 ? 2.493  -6.754 -0.205 1.00 0.00 ? 4 LEU A HD22 20 
ATOM 1628 H HD23 . LEU A 1 4 ? 2.462  -7.124 1.555  1.00 0.00 ? 4 LEU A HD23 20 
ATOM 1629 N N    . PHE A 1 5 ? -0.947 -2.392 -1.279 1.00 0.00 ? 5 PHE A N    20 
ATOM 1630 C CA   . PHE A 1 5 ? -1.519 -1.520 -2.292 1.00 0.00 ? 5 PHE A CA   20 
ATOM 1631 C C    . PHE A 1 5 ? -0.708 -0.219 -2.354 1.00 0.00 ? 5 PHE A C    20 
ATOM 1632 O O    . PHE A 1 5 ? 0.210  -0.040 -1.540 1.00 0.00 ? 5 PHE A O    20 
ATOM 1633 C CB   . PHE A 1 5 ? -2.975 -1.189 -1.914 1.00 0.00 ? 5 PHE A CB   20 
ATOM 1634 C CG   . PHE A 1 5 ? -3.790 -0.670 -3.051 1.00 0.00 ? 5 PHE A CG   20 
ATOM 1635 C CD1  . PHE A 1 5 ? -4.139 -1.515 -4.106 1.00 0.00 ? 5 PHE A CD1  20 
ATOM 1636 C CD2  . PHE A 1 5 ? -4.201 0.660  -3.082 1.00 0.00 ? 5 PHE A CD2  20 
ATOM 1637 C CE1  . PHE A 1 5 ? -4.898 -1.054 -5.199 1.00 0.00 ? 5 PHE A CE1  20 
ATOM 1638 C CE2  . PHE A 1 5 ? -4.994 1.173  -4.174 1.00 0.00 ? 5 PHE A CE2  20 
ATOM 1639 C CZ   . PHE A 1 5 ? -5.331 0.306  -5.252 1.00 0.00 ? 5 PHE A CZ   20 
ATOM 1640 H H    . PHE A 1 5 ? -1.440 -2.533 -0.453 1.00 0.00 ? 5 PHE A H    20 
ATOM 1641 H HA   . PHE A 1 5 ? -1.471 -2.046 -3.254 1.00 0.00 ? 5 PHE A HA   20 
ATOM 1642 H HB2  . PHE A 1 5 ? -3.456 -2.094 -1.555 1.00 0.00 ? 5 PHE A HB2  20 
ATOM 1643 H HB3  . PHE A 1 5 ? -3.010 -0.457 -1.086 1.00 0.00 ? 5 PHE A HB3  20 
ATOM 1644 H HD1  . PHE A 1 5 ? -3.844 -2.553 -4.088 1.00 0.00 ? 5 PHE A HD1  20 
ATOM 1645 H HD2  . PHE A 1 5 ? -3.921 1.295  -2.258 1.00 0.00 ? 5 PHE A HD2  20 
ATOM 1646 H HE1  . PHE A 1 5 ? -5.150 -1.701 -5.994 1.00 0.00 ? 5 PHE A HE1  20 
ATOM 1647 H HE2  . PHE A 1 5 ? -5.329 2.216  -4.153 1.00 0.00 ? 5 PHE A HE2  20 
ATOM 1648 H HZ   . PHE A 1 5 ? -5.920 0.656  -6.098 1.00 0.00 ? 5 PHE A HZ   20 
ATOM 1649 N N    . ASP A 1 6 ? -1.030 0.673  -3.267 1.00 0.00 ? 6 ASP A N    20 
ATOM 1650 C CA   . ASP A 1 6 ? -0.323 1.948  -3.399 1.00 0.00 ? 6 ASP A CA   20 
ATOM 1651 C C    . ASP A 1 6 ? -0.450 2.886  -2.174 1.00 0.00 ? 6 ASP A C    20 
ATOM 1652 O O    . ASP A 1 6 ? -1.393 3.690  -2.049 1.00 0.00 ? 6 ASP A O    20 
ATOM 1653 C CB   . ASP A 1 6 ? -0.876 2.605  -4.666 1.00 0.00 ? 6 ASP A CB   20 
ATOM 1654 C CG   . ASP A 1 6 ? 0.193  2.983  -5.645 1.00 0.00 ? 6 ASP A CG   20 
ATOM 1655 O OD1  . ASP A 1 6 ? 0.062  2.628  -6.852 1.00 0.00 ? 6 ASP A OD1  20 
ATOM 1656 O OD2  . ASP A 1 6 ? 1.135  3.635  -5.238 1.00 0.00 ? 6 ASP A OD2  20 
ATOM 1657 H H    . ASP A 1 6 ? -1.806 0.496  -3.878 1.00 0.00 ? 6 ASP A H    20 
ATOM 1658 H HA   . ASP A 1 6 ? 0.746  1.758  -3.540 1.00 0.00 ? 6 ASP A HA   20 
ATOM 1659 H HB2  . ASP A 1 6 ? -1.553 1.915  -5.185 1.00 0.00 ? 6 ASP A HB2  20 
ATOM 1660 H HB3  . ASP A 1 6 ? -1.432 3.511  -4.406 1.00 0.00 ? 6 ASP A HB3  20 
# 
